data_6YMZ
#
_entry.id   6YMZ
#
_cell.length_a   148.741
_cell.length_b   148.741
_cell.length_c   206.340
_cell.angle_alpha   90.000
_cell.angle_beta   90.000
_cell.angle_gamma   90.000
#
_symmetry.space_group_name_H-M   'I 4'
#
loop_
_entity.id
_entity.type
_entity.pdbx_description
1 polymer 'Protein-glutamate methylesterase/protein-glutamine glutaminase'
2 non-polymer 'ACETATE ION'
3 non-polymer 'SODIUM ION'
4 non-polymer GLYCEROL
5 non-polymer 'SULFATE ION'
6 water water
#
_entity_poly.entity_id   1
_entity_poly.type   'polypeptide(L)'
_entity_poly.pdbx_seq_one_letter_code
;GSHMASMSKIRVLCVDDSALMRQIMTEIINSHPDMEVVATAPDPLVARDLIKKFNPQVLTLDVEMPRMDGLDFLEKLMRL
RPMPVVMVSSLTGKGSEITLRALELGAIDFVTKPQLGIREGMLAYSELIAEKIRMAAKARLPQRSTTAEPTKIIQHMPLL
SSEKLIAIGASTGGTEAIRHVLQPLPPTSPALLITQHMPPGFTKSFAERLNKLCQITVKEAEDGERVLPGHAYIAPGARH
LELARSGANYQVRLNDGPPVNRHRPSVDVLFRSVAQYAGRNAVGVILTGMGNDGAAGMLELHQAGAYTLAQNEASCVVFG
MPREAIAMGGVDEVVDLHQVSQRMLAQISAGQALRI
;
_entity_poly.pdbx_strand_id   A,B,C,D,E
#
# COMPACT_ATOMS: atom_id res chain seq x y z
N MET A 7 -23.17 -23.54 -31.19
CA MET A 7 -24.02 -23.59 -30.00
C MET A 7 -25.47 -23.31 -30.34
N SER A 8 -26.33 -23.33 -29.32
CA SER A 8 -27.75 -23.12 -29.55
C SER A 8 -28.04 -21.66 -29.89
N LYS A 9 -29.22 -21.44 -30.47
CA LYS A 9 -29.64 -20.10 -30.82
C LYS A 9 -30.00 -19.29 -29.57
N ILE A 10 -29.82 -17.98 -29.67
CA ILE A 10 -30.19 -17.08 -28.59
C ILE A 10 -31.71 -16.93 -28.60
N ARG A 11 -32.34 -17.22 -27.46
CA ARG A 11 -33.79 -17.12 -27.34
C ARG A 11 -34.17 -15.68 -27.00
N VAL A 12 -34.95 -15.04 -27.87
CA VAL A 12 -35.30 -13.63 -27.72
C VAL A 12 -36.82 -13.52 -27.54
N LEU A 13 -37.24 -12.72 -26.57
CA LEU A 13 -38.63 -12.35 -26.38
C LEU A 13 -38.79 -10.86 -26.68
N CYS A 14 -39.74 -10.52 -27.55
CA CYS A 14 -39.94 -9.15 -27.97
C CYS A 14 -41.25 -8.60 -27.43
N VAL A 15 -41.16 -7.45 -26.77
CA VAL A 15 -42.33 -6.76 -26.25
C VAL A 15 -42.48 -5.44 -26.99
N ASP A 16 -43.59 -5.29 -27.71
CA ASP A 16 -43.85 -4.08 -28.45
C ASP A 16 -45.34 -3.92 -28.66
N ASP A 17 -45.82 -2.69 -28.48
CA ASP A 17 -47.24 -2.41 -28.57
C ASP A 17 -47.77 -2.53 -30.00
N SER A 18 -46.92 -2.35 -31.01
CA SER A 18 -47.38 -2.34 -32.39
C SER A 18 -47.33 -3.73 -33.00
N ALA A 19 -48.47 -4.19 -33.52
CA ALA A 19 -48.53 -5.50 -34.16
C ALA A 19 -47.55 -5.60 -35.32
N LEU A 20 -47.38 -4.51 -36.08
CA LEU A 20 -46.44 -4.53 -37.19
C LEU A 20 -45.02 -4.70 -36.70
N MET A 21 -44.65 -4.01 -35.62
CA MET A 21 -43.30 -4.14 -35.08
C MET A 21 -43.06 -5.55 -34.55
N ARG A 22 -44.07 -6.16 -33.94
CA ARG A 22 -43.85 -7.50 -33.41
C ARG A 22 -43.53 -8.49 -34.52
N GLN A 23 -44.12 -8.29 -35.70
CA GLN A 23 -43.78 -9.13 -36.84
C GLN A 23 -42.47 -8.70 -37.48
N ILE A 24 -42.18 -7.39 -37.52
CA ILE A 24 -40.90 -6.92 -38.04
C ILE A 24 -39.75 -7.50 -37.23
N MET A 25 -39.84 -7.42 -35.89
CA MET A 25 -38.81 -7.98 -35.03
C MET A 25 -38.67 -9.48 -35.25
N THR A 26 -39.79 -10.17 -35.45
CA THR A 26 -39.76 -11.59 -35.76
C THR A 26 -39.00 -11.85 -37.06
N GLU A 27 -39.30 -11.06 -38.11
CA GLU A 27 -38.61 -11.23 -39.38
C GLU A 27 -37.12 -10.95 -39.24
N ILE A 28 -36.78 -9.85 -38.57
CA ILE A 28 -35.38 -9.45 -38.44
C ILE A 28 -34.58 -10.50 -37.69
N ILE A 29 -35.03 -10.84 -36.48
CA ILE A 29 -34.24 -11.70 -35.60
C ILE A 29 -34.16 -13.12 -36.16
N ASN A 30 -35.27 -13.65 -36.68
CA ASN A 30 -35.25 -15.02 -37.18
C ASN A 30 -34.37 -15.14 -38.41
N SER A 31 -34.21 -14.06 -39.19
CA SER A 31 -33.36 -14.12 -40.37
C SER A 31 -31.89 -14.32 -40.02
N HIS A 32 -31.51 -14.09 -38.77
CA HIS A 32 -30.13 -14.35 -38.41
C HIS A 32 -29.99 -15.77 -37.85
N PRO A 33 -28.91 -16.47 -38.19
CA PRO A 33 -28.84 -17.90 -37.89
C PRO A 33 -28.55 -18.24 -36.45
N ASP A 34 -28.12 -17.29 -35.63
CA ASP A 34 -27.68 -17.58 -34.27
C ASP A 34 -28.69 -17.12 -33.23
N MET A 35 -29.92 -16.80 -33.64
CA MET A 35 -30.92 -16.27 -32.73
C MET A 35 -32.31 -16.55 -33.29
N GLU A 36 -33.30 -16.53 -32.39
CA GLU A 36 -34.69 -16.75 -32.78
C GLU A 36 -35.60 -16.07 -31.78
N VAL A 37 -36.78 -15.66 -32.26
CA VAL A 37 -37.81 -15.09 -31.40
C VAL A 37 -38.67 -16.24 -30.89
N VAL A 38 -38.59 -16.51 -29.57
CA VAL A 38 -39.37 -17.59 -28.99
C VAL A 38 -40.78 -17.17 -28.60
N ALA A 39 -41.04 -15.86 -28.51
CA ALA A 39 -42.37 -15.34 -28.20
C ALA A 39 -42.37 -13.83 -28.38
N THR A 40 -43.54 -13.28 -28.66
CA THR A 40 -43.78 -11.85 -28.67
C THR A 40 -44.95 -11.53 -27.74
N ALA A 41 -44.99 -10.27 -27.29
CA ALA A 41 -46.02 -9.86 -26.36
C ALA A 41 -46.31 -8.39 -26.56
N PRO A 42 -47.59 -7.98 -26.55
CA PRO A 42 -47.90 -6.56 -26.76
C PRO A 42 -47.78 -5.70 -25.51
N ASP A 43 -47.72 -6.28 -24.31
CA ASP A 43 -47.70 -5.52 -23.08
C ASP A 43 -46.96 -6.31 -22.01
N PRO A 44 -46.67 -5.68 -20.86
CA PRO A 44 -45.92 -6.40 -19.81
C PRO A 44 -46.65 -7.60 -19.21
N LEU A 45 -47.99 -7.59 -19.14
CA LEU A 45 -48.70 -8.70 -18.51
C LEU A 45 -48.52 -9.99 -19.29
N VAL A 46 -48.75 -9.96 -20.60
CA VAL A 46 -48.58 -11.15 -21.42
C VAL A 46 -47.13 -11.61 -21.43
N ALA A 47 -46.20 -10.65 -21.36
CA ALA A 47 -44.77 -11.01 -21.37
C ALA A 47 -44.41 -11.83 -20.13
N ARG A 48 -45.05 -11.52 -19.00
N ARG A 48 -45.03 -11.51 -18.99
CA ARG A 48 -44.74 -12.18 -17.73
CA ARG A 48 -44.72 -12.20 -17.73
C ARG A 48 -44.83 -13.70 -17.84
C ARG A 48 -44.80 -13.71 -17.91
N ASP A 49 -45.96 -14.21 -18.33
CA ASP A 49 -46.14 -15.65 -18.44
C ASP A 49 -45.34 -16.25 -19.59
N LEU A 50 -45.09 -15.47 -20.63
CA LEU A 50 -44.25 -15.97 -21.72
C LEU A 50 -42.79 -16.07 -21.30
N ILE A 51 -42.32 -15.16 -20.45
CA ILE A 51 -40.96 -15.29 -19.91
C ILE A 51 -40.83 -16.57 -19.10
N LYS A 52 -41.88 -16.91 -18.34
N LYS A 52 -41.89 -16.91 -18.34
CA LYS A 52 -41.83 -18.12 -17.53
CA LYS A 52 -41.87 -18.12 -17.52
C LYS A 52 -41.97 -19.39 -18.38
C LYS A 52 -41.95 -19.37 -18.38
N LYS A 53 -42.71 -19.31 -19.48
CA LYS A 53 -42.90 -20.51 -20.31
C LYS A 53 -41.70 -20.76 -21.21
N PHE A 54 -41.15 -19.72 -21.84
CA PHE A 54 -40.14 -19.90 -22.86
C PHE A 54 -38.73 -19.57 -22.41
N ASN A 55 -38.55 -19.02 -21.21
CA ASN A 55 -37.25 -18.69 -20.62
C ASN A 55 -36.32 -18.02 -21.62
N PRO A 56 -36.66 -16.81 -22.10
CA PRO A 56 -35.77 -16.14 -23.04
C PRO A 56 -34.47 -15.72 -22.39
N GLN A 57 -33.43 -15.66 -23.21
CA GLN A 57 -32.13 -15.15 -22.77
C GLN A 57 -32.05 -13.64 -22.88
N VAL A 58 -32.72 -13.05 -23.88
CA VAL A 58 -32.71 -11.62 -24.12
C VAL A 58 -34.13 -11.15 -24.34
N LEU A 59 -34.45 -9.98 -23.80
CA LEU A 59 -35.74 -9.32 -23.98
C LEU A 59 -35.53 -7.99 -24.69
N THR A 60 -36.27 -7.76 -25.77
CA THR A 60 -36.38 -6.43 -26.36
C THR A 60 -37.68 -5.79 -25.88
N LEU A 61 -37.60 -4.53 -25.47
CA LEU A 61 -38.72 -3.86 -24.81
C LEU A 61 -38.90 -2.48 -25.43
N ASP A 62 -40.06 -2.25 -26.02
CA ASP A 62 -40.38 -0.91 -26.52
C ASP A 62 -40.83 -0.04 -25.37
N VAL A 63 -40.37 1.22 -25.39
CA VAL A 63 -40.57 2.10 -24.25
C VAL A 63 -42.03 2.54 -24.16
N GLU A 64 -42.68 2.83 -25.30
CA GLU A 64 -43.97 3.50 -25.32
C GLU A 64 -45.09 2.46 -25.30
N MET A 65 -45.57 2.13 -24.11
CA MET A 65 -46.74 1.25 -24.03
C MET A 65 -47.91 1.98 -23.41
N PRO A 66 -48.98 2.18 -24.16
CA PRO A 66 -50.02 3.11 -23.75
C PRO A 66 -50.80 2.75 -22.48
N ARG A 67 -51.43 1.58 -22.46
N ARG A 67 -51.42 1.57 -22.47
CA ARG A 67 -52.38 1.30 -21.40
CA ARG A 67 -52.37 1.23 -21.42
C ARG A 67 -51.73 0.98 -20.05
C ARG A 67 -51.71 1.01 -20.06
N MET A 68 -50.45 0.61 -20.03
CA MET A 68 -49.79 0.25 -18.77
C MET A 68 -48.50 1.05 -18.61
N ASP A 69 -47.67 0.60 -17.67
CA ASP A 69 -46.39 1.24 -17.32
C ASP A 69 -45.27 0.22 -17.46
N GLY A 70 -44.44 0.40 -18.49
CA GLY A 70 -43.34 -0.53 -18.72
C GLY A 70 -42.14 -0.36 -17.82
N LEU A 71 -41.90 0.84 -17.30
CA LEU A 71 -40.77 1.04 -16.39
C LEU A 71 -40.96 0.28 -15.09
N ASP A 72 -42.19 0.22 -14.58
CA ASP A 72 -42.44 -0.57 -13.37
C ASP A 72 -42.34 -2.07 -13.65
N PHE A 73 -42.71 -2.49 -14.86
CA PHE A 73 -42.43 -3.86 -15.27
C PHE A 73 -40.93 -4.12 -15.30
N LEU A 74 -40.16 -3.18 -15.86
CA LEU A 74 -38.71 -3.33 -15.89
C LEU A 74 -38.12 -3.31 -14.48
N GLU A 75 -38.65 -2.45 -13.61
CA GLU A 75 -38.20 -2.43 -12.22
C GLU A 75 -38.43 -3.77 -11.55
N LYS A 76 -39.64 -4.31 -11.67
N LYS A 76 -39.64 -4.31 -11.67
CA LYS A 76 -39.94 -5.60 -11.04
CA LYS A 76 -39.96 -5.59 -11.05
C LYS A 76 -39.13 -6.72 -11.67
C LYS A 76 -39.14 -6.72 -11.68
N LEU A 77 -38.96 -6.67 -13.00
CA LEU A 77 -38.20 -7.73 -13.69
C LEU A 77 -36.75 -7.75 -13.22
N MET A 78 -36.07 -6.61 -13.25
CA MET A 78 -34.68 -6.60 -12.81
C MET A 78 -34.54 -6.96 -11.33
N ARG A 79 -35.59 -6.78 -10.54
N ARG A 79 -35.59 -6.78 -10.54
CA ARG A 79 -35.49 -7.07 -9.10
CA ARG A 79 -35.50 -7.06 -9.11
C ARG A 79 -35.70 -8.55 -8.81
C ARG A 79 -35.71 -8.54 -8.81
N LEU A 80 -36.71 -9.16 -9.44
CA LEU A 80 -37.09 -10.53 -9.12
C LEU A 80 -36.65 -11.57 -10.14
N ARG A 81 -36.36 -11.18 -11.38
CA ARG A 81 -35.81 -12.09 -12.38
C ARG A 81 -34.96 -11.30 -13.36
N PRO A 82 -33.79 -10.83 -12.93
CA PRO A 82 -32.96 -9.98 -13.79
C PRO A 82 -32.46 -10.74 -15.01
N MET A 83 -32.54 -10.08 -16.17
CA MET A 83 -32.11 -10.66 -17.43
C MET A 83 -31.69 -9.51 -18.36
N PRO A 84 -30.94 -9.80 -19.41
CA PRO A 84 -30.57 -8.75 -20.38
C PRO A 84 -31.79 -8.18 -21.08
N VAL A 85 -31.91 -6.86 -21.04
CA VAL A 85 -33.03 -6.16 -21.68
C VAL A 85 -32.47 -5.07 -22.58
N VAL A 86 -32.86 -5.10 -23.85
CA VAL A 86 -32.50 -4.07 -24.82
C VAL A 86 -33.75 -3.26 -25.11
N MET A 87 -33.66 -1.95 -24.85
CA MET A 87 -34.79 -1.08 -25.11
C MET A 87 -34.85 -0.71 -26.58
N VAL A 88 -36.07 -0.51 -27.07
CA VAL A 88 -36.30 0.02 -28.41
C VAL A 88 -36.99 1.36 -28.22
N SER A 89 -36.33 2.42 -28.67
N SER A 89 -36.33 2.42 -28.66
CA SER A 89 -36.79 3.78 -28.42
CA SER A 89 -36.80 3.78 -28.42
C SER A 89 -36.96 4.53 -29.73
C SER A 89 -36.96 4.53 -29.73
N SER A 90 -37.77 5.58 -29.67
CA SER A 90 -37.93 6.50 -30.79
C SER A 90 -36.98 7.67 -30.61
N LEU A 91 -36.51 8.21 -31.72
N LEU A 91 -36.53 8.23 -31.73
CA LEU A 91 -35.62 9.36 -31.66
CA LEU A 91 -35.64 9.38 -31.70
C LEU A 91 -36.41 10.60 -31.25
C LEU A 91 -36.41 10.62 -31.25
N THR A 92 -36.86 10.63 -30.00
CA THR A 92 -37.66 11.72 -29.48
C THR A 92 -37.15 12.09 -28.09
N GLY A 93 -37.57 13.26 -27.62
CA GLY A 93 -37.22 13.68 -26.27
C GLY A 93 -37.90 12.82 -25.21
N LYS A 94 -39.18 12.48 -25.43
N LYS A 94 -39.18 12.49 -25.43
CA LYS A 94 -39.88 11.63 -24.48
CA LYS A 94 -39.89 11.63 -24.49
C LYS A 94 -39.28 10.22 -24.45
C LYS A 94 -39.26 10.23 -24.45
N GLY A 95 -38.85 9.72 -25.61
CA GLY A 95 -38.19 8.44 -25.64
C GLY A 95 -36.82 8.47 -24.97
N SER A 96 -36.13 9.60 -25.07
CA SER A 96 -34.80 9.72 -24.48
C SER A 96 -34.87 9.69 -22.95
N GLU A 97 -35.86 10.38 -22.36
CA GLU A 97 -36.00 10.38 -20.91
C GLU A 97 -36.36 9.00 -20.39
N ILE A 98 -37.27 8.31 -21.08
CA ILE A 98 -37.70 7.00 -20.62
C ILE A 98 -36.57 5.98 -20.79
N THR A 99 -35.82 6.10 -21.89
CA THR A 99 -34.73 5.15 -22.14
C THR A 99 -33.66 5.27 -21.07
N LEU A 100 -33.24 6.50 -20.77
CA LEU A 100 -32.24 6.71 -19.72
C LEU A 100 -32.74 6.20 -18.37
N ARG A 101 -34.03 6.41 -18.09
CA ARG A 101 -34.59 5.87 -16.85
C ARG A 101 -34.58 4.34 -16.87
N ALA A 102 -34.87 3.74 -18.03
CA ALA A 102 -34.74 2.29 -18.17
C ALA A 102 -33.31 1.83 -17.91
N LEU A 103 -32.32 2.56 -18.42
CA LEU A 103 -30.93 2.21 -18.17
C LEU A 103 -30.60 2.29 -16.67
N GLU A 104 -31.19 3.26 -15.97
CA GLU A 104 -31.00 3.34 -14.52
C GLU A 104 -31.59 2.11 -13.82
N LEU A 105 -32.71 1.61 -14.34
CA LEU A 105 -33.37 0.48 -13.69
C LEU A 105 -32.72 -0.86 -14.00
N GLY A 106 -31.79 -0.92 -14.97
CA GLY A 106 -31.06 -2.15 -15.21
C GLY A 106 -31.04 -2.69 -16.63
N ALA A 107 -31.76 -2.05 -17.56
CA ALA A 107 -31.58 -2.41 -18.97
C ALA A 107 -30.14 -2.09 -19.38
N ILE A 108 -29.57 -2.94 -20.24
CA ILE A 108 -28.16 -2.80 -20.55
C ILE A 108 -27.87 -1.97 -21.80
N ASP A 109 -28.83 -1.87 -22.73
CA ASP A 109 -28.58 -1.11 -23.95
C ASP A 109 -29.92 -0.75 -24.56
N PHE A 110 -29.86 -0.05 -25.69
CA PHE A 110 -31.04 0.40 -26.39
C PHE A 110 -30.69 0.63 -27.85
N VAL A 111 -31.72 0.62 -28.68
CA VAL A 111 -31.63 0.88 -30.11
C VAL A 111 -32.69 1.91 -30.46
N THR A 112 -32.37 2.80 -31.40
CA THR A 112 -33.35 3.73 -31.93
C THR A 112 -33.90 3.20 -33.24
N LYS A 113 -35.20 3.33 -33.44
CA LYS A 113 -35.81 2.92 -34.68
C LYS A 113 -35.54 3.95 -35.77
N PRO A 114 -34.88 3.60 -36.86
CA PRO A 114 -34.83 4.48 -38.02
C PRO A 114 -36.13 4.36 -38.80
N GLN A 115 -36.23 5.12 -39.89
CA GLN A 115 -37.35 5.01 -40.81
C GLN A 115 -37.30 3.66 -41.50
N LEU A 116 -38.16 2.73 -41.09
CA LEU A 116 -38.14 1.38 -41.67
C LEU A 116 -38.94 1.28 -42.96
N GLY A 117 -39.66 2.33 -43.34
CA GLY A 117 -40.26 2.39 -44.67
C GLY A 117 -39.24 2.42 -45.79
N ILE A 118 -38.05 2.94 -45.52
CA ILE A 118 -36.93 2.91 -46.47
C ILE A 118 -36.14 1.63 -46.24
N ARG A 119 -35.77 0.97 -47.35
N ARG A 119 -35.79 0.95 -47.34
CA ARG A 119 -35.19 -0.36 -47.28
CA ARG A 119 -35.19 -0.38 -47.22
C ARG A 119 -33.84 -0.35 -46.55
C ARG A 119 -33.84 -0.35 -46.54
N GLU A 120 -33.03 0.69 -46.77
CA GLU A 120 -31.72 0.73 -46.13
CA GLU A 120 -31.73 0.74 -46.13
C GLU A 120 -31.84 0.98 -44.63
N GLY A 121 -32.89 1.68 -44.19
CA GLY A 121 -33.12 1.81 -42.77
C GLY A 121 -33.52 0.51 -42.12
N MET A 122 -34.23 -0.35 -42.86
CA MET A 122 -34.64 -1.66 -42.34
C MET A 122 -33.44 -2.59 -42.18
N LEU A 123 -32.53 -2.61 -43.16
CA LEU A 123 -31.37 -3.48 -43.08
C LEU A 123 -30.34 -2.98 -42.07
N ALA A 124 -30.23 -1.66 -41.91
CA ALA A 124 -29.35 -1.14 -40.87
C ALA A 124 -29.90 -1.48 -39.48
N TYR A 125 -31.21 -1.27 -39.29
CA TYR A 125 -31.83 -1.67 -38.04
C TYR A 125 -31.65 -3.17 -37.80
N SER A 126 -31.83 -3.98 -38.84
CA SER A 126 -31.66 -5.43 -38.74
C SER A 126 -30.28 -5.79 -38.20
N GLU A 127 -29.23 -5.23 -38.79
N GLU A 127 -29.23 -5.22 -38.79
CA GLU A 127 -27.88 -5.54 -38.33
CA GLU A 127 -27.87 -5.51 -38.35
C GLU A 127 -27.63 -5.00 -36.93
C GLU A 127 -27.62 -5.00 -36.94
N LEU A 128 -28.22 -3.86 -36.59
CA LEU A 128 -28.03 -3.30 -35.26
C LEU A 128 -28.74 -4.15 -34.20
N ILE A 129 -29.96 -4.61 -34.51
CA ILE A 129 -30.69 -5.46 -33.58
C ILE A 129 -29.94 -6.76 -33.34
N ALA A 130 -29.40 -7.37 -34.38
CA ALA A 130 -28.65 -8.61 -34.21
C ALA A 130 -27.40 -8.37 -33.37
N GLU A 131 -26.76 -7.21 -33.56
CA GLU A 131 -25.55 -6.89 -32.81
C GLU A 131 -25.84 -6.76 -31.32
N LYS A 132 -26.92 -6.04 -30.97
CA LYS A 132 -27.27 -5.86 -29.56
C LYS A 132 -27.69 -7.18 -28.91
N ILE A 133 -28.33 -8.06 -29.67
CA ILE A 133 -28.79 -9.33 -29.10
C ILE A 133 -27.60 -10.24 -28.80
N ARG A 134 -26.64 -10.33 -29.73
CA ARG A 134 -25.43 -11.10 -29.46
C ARG A 134 -24.68 -10.55 -28.25
N MET A 135 -24.53 -9.22 -28.17
CA MET A 135 -23.92 -8.62 -26.99
C MET A 135 -24.70 -8.99 -25.73
N ALA A 136 -26.02 -8.80 -25.77
CA ALA A 136 -26.84 -8.96 -24.58
C ALA A 136 -26.80 -10.39 -24.05
N ALA A 137 -26.67 -11.37 -24.93
CA ALA A 137 -26.60 -12.77 -24.48
C ALA A 137 -25.36 -13.05 -23.64
N LYS A 138 -24.28 -12.27 -23.80
CA LYS A 138 -23.06 -12.48 -23.04
C LYS A 138 -22.82 -11.44 -21.96
N ALA A 139 -23.61 -10.37 -21.92
CA ALA A 139 -23.34 -9.26 -21.02
C ALA A 139 -23.45 -9.69 -19.56
N ARG A 140 -22.70 -9.00 -18.70
CA ARG A 140 -22.81 -9.16 -17.26
C ARG A 140 -23.82 -8.15 -16.74
N LEU A 141 -24.76 -8.62 -15.93
CA LEU A 141 -25.68 -7.57 -15.57
C LEU A 141 -25.23 -6.89 -14.27
N PRO A 142 -25.39 -5.55 -14.17
CA PRO A 142 -24.86 -4.78 -13.05
C PRO A 142 -25.69 -4.92 -11.76
N THR A 151 -24.41 7.97 -2.01
CA THR A 151 -23.25 8.47 -2.72
C THR A 151 -22.45 9.46 -1.89
N LYS A 152 -21.30 9.04 -1.40
CA LYS A 152 -20.36 9.93 -0.76
C LYS A 152 -19.67 10.82 -1.78
N ILE A 153 -19.53 12.09 -1.42
CA ILE A 153 -18.68 13.00 -2.19
C ILE A 153 -17.24 12.88 -1.70
N ILE A 154 -16.33 12.63 -2.62
CA ILE A 154 -14.91 12.59 -2.29
C ILE A 154 -14.49 13.94 -1.75
N GLN A 155 -13.78 13.93 -0.64
CA GLN A 155 -13.47 15.13 0.12
C GLN A 155 -12.05 15.61 -0.14
N HIS A 156 -11.80 16.85 0.28
CA HIS A 156 -10.46 17.43 0.34
C HIS A 156 -9.74 17.40 -1.00
N MET A 157 -10.47 17.44 -2.11
CA MET A 157 -9.82 17.48 -3.41
C MET A 157 -9.34 18.89 -3.71
N PRO A 158 -8.04 19.10 -3.91
CA PRO A 158 -7.56 20.44 -4.26
C PRO A 158 -7.90 20.80 -5.69
N LEU A 159 -8.11 22.08 -5.93
CA LEU A 159 -8.30 22.56 -7.30
C LEU A 159 -6.95 22.58 -8.00
N LEU A 160 -6.83 21.81 -9.07
CA LEU A 160 -5.57 21.71 -9.78
C LEU A 160 -5.49 22.79 -10.84
N SER A 161 -4.34 22.87 -11.50
CA SER A 161 -4.20 23.73 -12.67
C SER A 161 -5.28 23.41 -13.69
N SER A 162 -5.76 24.46 -14.37
CA SER A 162 -6.73 24.27 -15.45
C SER A 162 -6.13 23.54 -16.64
N GLU A 163 -4.82 23.28 -16.63
CA GLU A 163 -4.22 22.41 -17.64
C GLU A 163 -4.58 20.94 -17.44
N LYS A 164 -5.05 20.57 -16.25
CA LYS A 164 -5.35 19.17 -15.97
C LYS A 164 -6.71 18.79 -16.51
N LEU A 165 -6.80 17.60 -17.11
CA LEU A 165 -8.09 17.17 -17.59
CA LEU A 165 -8.02 17.17 -17.78
C LEU A 165 -8.12 15.65 -17.71
N ILE A 166 -9.34 15.13 -17.66
CA ILE A 166 -9.60 13.70 -17.72
C ILE A 166 -10.46 13.41 -18.94
N ALA A 167 -10.10 12.38 -19.69
CA ALA A 167 -10.87 11.95 -20.84
C ALA A 167 -11.44 10.57 -20.56
N ILE A 168 -12.73 10.39 -20.87
CA ILE A 168 -13.44 9.15 -20.60
C ILE A 168 -14.17 8.70 -21.86
N GLY A 169 -14.08 7.41 -22.17
CA GLY A 169 -14.87 6.82 -23.22
C GLY A 169 -15.66 5.63 -22.72
N ALA A 170 -16.81 5.39 -23.35
CA ALA A 170 -17.67 4.30 -22.94
C ALA A 170 -18.65 3.94 -24.06
N SER A 171 -19.16 2.72 -23.98
CA SER A 171 -20.21 2.26 -24.89
C SER A 171 -21.30 1.59 -24.07
N THR A 172 -21.57 0.32 -24.34
CA THR A 172 -22.63 -0.43 -23.66
C THR A 172 -22.40 -0.49 -22.16
N GLY A 173 -23.43 -0.11 -21.38
CA GLY A 173 -23.28 0.04 -19.96
C GLY A 173 -22.67 1.37 -19.53
N GLY A 174 -22.28 2.21 -20.47
CA GLY A 174 -21.51 3.40 -20.13
C GLY A 174 -22.30 4.48 -19.44
N THR A 175 -23.62 4.52 -19.65
CA THR A 175 -24.40 5.57 -19.00
C THR A 175 -24.42 5.37 -17.49
N GLU A 176 -24.47 4.11 -17.05
CA GLU A 176 -24.42 3.81 -15.63
C GLU A 176 -22.99 3.87 -15.09
N ALA A 177 -22.03 3.39 -15.87
CA ALA A 177 -20.63 3.49 -15.46
C ALA A 177 -20.21 4.95 -15.30
N ILE A 178 -20.57 5.79 -16.27
CA ILE A 178 -20.22 7.21 -16.18
C ILE A 178 -20.90 7.86 -14.99
N ARG A 179 -22.15 7.47 -14.72
CA ARG A 179 -22.88 8.02 -13.58
C ARG A 179 -22.20 7.66 -12.26
N HIS A 180 -21.73 6.42 -12.12
CA HIS A 180 -21.03 6.02 -10.92
C HIS A 180 -19.71 6.75 -10.74
N VAL A 181 -19.04 7.08 -11.85
CA VAL A 181 -17.75 7.79 -11.77
C VAL A 181 -17.95 9.26 -11.45
N LEU A 182 -18.98 9.91 -12.02
CA LEU A 182 -19.15 11.34 -11.84
C LEU A 182 -19.83 11.71 -10.53
N GLN A 183 -20.77 10.90 -10.06
CA GLN A 183 -21.58 11.26 -8.90
C GLN A 183 -20.76 11.65 -7.66
N PRO A 184 -19.67 10.97 -7.29
CA PRO A 184 -18.90 11.40 -6.12
C PRO A 184 -17.88 12.50 -6.39
N LEU A 185 -17.80 13.04 -7.61
CA LEU A 185 -16.76 14.02 -7.91
C LEU A 185 -17.07 15.35 -7.21
N PRO A 186 -16.10 15.96 -6.54
CA PRO A 186 -16.34 17.25 -5.90
C PRO A 186 -16.24 18.39 -6.89
N PRO A 187 -16.72 19.59 -6.54
CA PRO A 187 -16.68 20.71 -7.49
C PRO A 187 -15.27 21.12 -7.90
N THR A 188 -14.24 20.70 -7.16
CA THR A 188 -12.86 21.06 -7.49
C THR A 188 -12.21 20.07 -8.46
N SER A 189 -12.98 19.10 -8.96
N SER A 189 -12.98 19.10 -8.96
CA SER A 189 -12.43 18.15 -9.92
CA SER A 189 -12.43 18.15 -9.92
C SER A 189 -11.99 18.87 -11.20
C SER A 189 -11.99 18.87 -11.19
N PRO A 190 -10.92 18.40 -11.83
CA PRO A 190 -10.54 18.97 -13.13
C PRO A 190 -11.61 18.67 -14.17
N ALA A 191 -11.55 19.43 -15.27
CA ALA A 191 -12.46 19.22 -16.38
C ALA A 191 -12.43 17.78 -16.87
N LEU A 192 -13.58 17.31 -17.36
CA LEU A 192 -13.70 15.98 -17.92
C LEU A 192 -14.31 16.10 -19.29
N LEU A 193 -13.70 15.42 -20.27
CA LEU A 193 -14.26 15.27 -21.61
C LEU A 193 -14.71 13.83 -21.75
N ILE A 194 -15.97 13.62 -22.12
CA ILE A 194 -16.58 12.30 -22.05
C ILE A 194 -17.22 11.99 -23.40
N THR A 195 -16.80 10.89 -24.02
CA THR A 195 -17.43 10.43 -25.25
C THR A 195 -18.15 9.12 -24.97
N GLN A 196 -19.47 9.15 -25.03
CA GLN A 196 -20.30 7.97 -24.86
C GLN A 196 -21.04 7.69 -26.16
N HIS A 197 -20.94 6.45 -26.67
CA HIS A 197 -21.67 6.10 -27.88
C HIS A 197 -23.15 6.32 -27.66
N MET A 198 -23.75 7.19 -28.48
CA MET A 198 -25.12 7.57 -28.26
C MET A 198 -25.64 8.35 -29.47
N PRO A 199 -26.91 8.19 -29.83
CA PRO A 199 -27.48 8.97 -30.93
C PRO A 199 -27.63 10.43 -30.56
N PRO A 200 -27.77 11.33 -31.54
CA PRO A 200 -28.05 12.73 -31.23
C PRO A 200 -29.36 12.90 -30.50
N GLY A 201 -29.45 13.97 -29.73
CA GLY A 201 -30.61 14.18 -28.86
C GLY A 201 -30.51 13.48 -27.53
N PHE A 202 -30.25 12.17 -27.55
CA PHE A 202 -30.08 11.42 -26.31
C PHE A 202 -28.96 12.02 -25.45
N THR A 203 -27.89 12.50 -26.09
CA THR A 203 -26.75 12.99 -25.32
C THR A 203 -27.11 14.23 -24.50
N LYS A 204 -28.06 15.02 -24.98
CA LYS A 204 -28.48 16.21 -24.23
C LYS A 204 -29.23 15.81 -22.97
N SER A 205 -30.22 14.92 -23.10
CA SER A 205 -30.93 14.41 -21.93
C SER A 205 -30.00 13.66 -21.00
N PHE A 206 -29.05 12.90 -21.57
CA PHE A 206 -28.06 12.21 -20.75
C PHE A 206 -27.31 13.22 -19.87
N ALA A 207 -26.78 14.28 -20.49
CA ALA A 207 -26.05 15.30 -19.76
C ALA A 207 -26.93 15.99 -18.71
N GLU A 208 -28.20 16.21 -19.04
CA GLU A 208 -29.10 16.92 -18.11
C GLU A 208 -29.41 16.07 -16.89
N ARG A 209 -29.57 14.76 -17.08
N ARG A 209 -29.57 14.76 -17.08
CA ARG A 209 -29.83 13.88 -15.93
CA ARG A 209 -29.84 13.88 -15.94
C ARG A 209 -28.60 13.75 -15.05
C ARG A 209 -28.60 13.74 -15.05
N LEU A 210 -27.42 13.63 -15.66
CA LEU A 210 -26.19 13.55 -14.88
C LEU A 210 -25.99 14.82 -14.08
N ASN A 211 -26.29 15.96 -14.69
CA ASN A 211 -26.14 17.24 -14.02
C ASN A 211 -26.96 17.30 -12.73
N LYS A 212 -28.20 16.80 -12.77
N LYS A 212 -28.20 16.81 -12.78
CA LYS A 212 -29.03 16.84 -11.57
CA LYS A 212 -29.04 16.81 -11.59
C LYS A 212 -28.53 15.90 -10.49
C LYS A 212 -28.45 15.95 -10.48
N LEU A 213 -27.73 14.89 -10.84
CA LEU A 213 -27.19 13.95 -9.86
C LEU A 213 -25.79 14.29 -9.38
N CYS A 214 -25.13 15.28 -9.96
CA CYS A 214 -23.72 15.52 -9.70
C CYS A 214 -23.50 16.88 -9.07
N GLN A 215 -22.45 16.97 -8.26
CA GLN A 215 -22.02 18.26 -7.74
C GLN A 215 -21.37 19.09 -8.85
N ILE A 216 -20.59 18.44 -9.72
CA ILE A 216 -20.00 19.15 -10.85
C ILE A 216 -21.09 19.54 -11.84
N THR A 217 -20.76 20.47 -12.73
CA THR A 217 -21.65 20.83 -13.82
C THR A 217 -21.44 19.85 -14.97
N VAL A 218 -22.51 19.18 -15.38
CA VAL A 218 -22.47 18.29 -16.54
C VAL A 218 -23.30 18.92 -17.65
N LYS A 219 -22.74 19.01 -18.84
CA LYS A 219 -23.47 19.57 -19.98
C LYS A 219 -23.03 18.87 -21.26
N GLU A 220 -23.86 19.02 -22.29
CA GLU A 220 -23.46 18.63 -23.64
C GLU A 220 -22.45 19.63 -24.17
N ALA A 221 -21.38 19.12 -24.77
CA ALA A 221 -20.30 19.99 -25.23
C ALA A 221 -20.76 20.87 -26.39
N GLU A 222 -20.34 22.13 -26.36
CA GLU A 222 -20.66 23.09 -27.39
C GLU A 222 -19.38 23.55 -28.06
N ASP A 223 -19.43 23.66 -29.38
CA ASP A 223 -18.23 23.98 -30.14
C ASP A 223 -17.69 25.35 -29.74
N GLY A 224 -16.39 25.40 -29.43
CA GLY A 224 -15.73 26.65 -29.14
C GLY A 224 -15.70 27.07 -27.68
N GLU A 225 -16.45 26.39 -26.80
CA GLU A 225 -16.49 26.81 -25.42
C GLU A 225 -15.21 26.39 -24.68
N ARG A 226 -14.83 27.23 -23.72
CA ARG A 226 -13.65 26.95 -22.91
C ARG A 226 -13.90 25.74 -22.02
N VAL A 227 -12.84 24.97 -21.77
CA VAL A 227 -12.91 23.74 -20.99
C VAL A 227 -12.51 24.09 -19.57
N LEU A 228 -13.47 24.03 -18.62
CA LEU A 228 -13.34 24.60 -17.29
C LEU A 228 -13.27 23.53 -16.21
N PRO A 229 -12.51 23.77 -15.14
CA PRO A 229 -12.55 22.86 -13.98
C PRO A 229 -13.96 22.70 -13.44
N GLY A 230 -14.20 21.56 -12.81
CA GLY A 230 -15.51 21.30 -12.22
C GLY A 230 -16.62 21.07 -13.22
N HIS A 231 -16.29 20.81 -14.47
CA HIS A 231 -17.27 20.63 -15.53
C HIS A 231 -16.96 19.35 -16.29
N ALA A 232 -18.03 18.64 -16.68
CA ALA A 232 -17.92 17.49 -17.57
C ALA A 232 -18.66 17.81 -18.84
N TYR A 233 -18.02 17.53 -19.97
CA TYR A 233 -18.56 17.85 -21.29
C TYR A 233 -18.88 16.54 -21.99
N ILE A 234 -20.15 16.34 -22.32
CA ILE A 234 -20.61 15.12 -22.99
C ILE A 234 -20.58 15.37 -24.50
N ALA A 235 -20.02 14.41 -25.22
CA ALA A 235 -19.98 14.52 -26.67
C ALA A 235 -21.40 14.50 -27.23
N PRO A 236 -21.71 15.37 -28.19
CA PRO A 236 -23.00 15.30 -28.87
C PRO A 236 -23.09 14.06 -29.77
N GLY A 237 -24.30 13.54 -29.89
CA GLY A 237 -24.55 12.30 -30.61
C GLY A 237 -24.22 12.33 -32.10
N ALA A 238 -24.02 13.50 -32.69
CA ALA A 238 -23.81 13.60 -34.14
C ALA A 238 -22.47 14.20 -34.52
N ARG A 239 -21.60 14.48 -33.57
CA ARG A 239 -20.31 15.11 -33.84
CA ARG A 239 -20.30 15.07 -33.89
C ARG A 239 -19.23 14.44 -33.01
N HIS A 240 -18.00 14.47 -33.53
CA HIS A 240 -16.86 14.06 -32.72
C HIS A 240 -16.55 15.16 -31.71
N LEU A 241 -16.31 14.76 -30.46
CA LEU A 241 -15.81 15.68 -29.44
C LEU A 241 -14.29 15.65 -29.45
N GLU A 242 -13.67 16.83 -29.50
CA GLU A 242 -12.22 16.94 -29.48
C GLU A 242 -11.80 18.05 -28.52
N LEU A 243 -10.63 17.85 -27.93
CA LEU A 243 -9.92 18.95 -27.28
C LEU A 243 -9.16 19.76 -28.33
N ALA A 244 -9.24 21.08 -28.22
CA ALA A 244 -8.44 21.98 -29.03
C ALA A 244 -7.80 23.01 -28.12
N ARG A 245 -6.82 23.74 -28.65
CA ARG A 245 -6.15 24.79 -27.88
C ARG A 245 -6.31 26.11 -28.61
N SER A 246 -7.18 26.98 -28.09
CA SER A 246 -7.29 28.36 -28.59
C SER A 246 -6.31 29.21 -27.79
N GLY A 247 -5.17 29.53 -28.40
CA GLY A 247 -4.12 30.26 -27.72
C GLY A 247 -3.64 29.54 -26.48
N ALA A 248 -3.92 30.12 -25.31
CA ALA A 248 -3.49 29.55 -24.04
C ALA A 248 -4.52 28.62 -23.40
N ASN A 249 -5.77 28.64 -23.86
CA ASN A 249 -6.85 27.98 -23.14
C ASN A 249 -7.39 26.78 -23.92
N TYR A 250 -7.70 25.71 -23.19
CA TYR A 250 -8.40 24.59 -23.78
C TYR A 250 -9.76 25.01 -24.31
N GLN A 251 -10.16 24.44 -25.44
CA GLN A 251 -11.47 24.67 -26.03
C GLN A 251 -12.08 23.34 -26.44
N VAL A 252 -13.41 23.30 -26.47
CA VAL A 252 -14.15 22.23 -27.13
C VAL A 252 -14.14 22.47 -28.63
N ARG A 253 -13.86 21.41 -29.39
CA ARG A 253 -14.09 21.43 -30.84
C ARG A 253 -15.01 20.27 -31.21
N LEU A 254 -16.12 20.59 -31.85
CA LEU A 254 -17.00 19.57 -32.43
C LEU A 254 -16.63 19.38 -33.89
N ASN A 255 -16.48 18.12 -34.29
CA ASN A 255 -16.02 17.77 -35.63
C ASN A 255 -17.12 17.01 -36.35
N ASP A 256 -17.60 17.56 -37.46
CA ASP A 256 -18.62 16.88 -38.26
C ASP A 256 -18.01 16.03 -39.36
N GLY A 257 -16.73 15.68 -39.25
CA GLY A 257 -16.11 14.75 -40.15
C GLY A 257 -16.76 13.39 -40.08
N PRO A 258 -16.36 12.48 -40.95
CA PRO A 258 -17.04 11.18 -41.05
C PRO A 258 -16.79 10.33 -39.82
N PRO A 259 -17.67 9.37 -39.54
CA PRO A 259 -17.38 8.40 -38.48
C PRO A 259 -16.14 7.59 -38.82
N VAL A 260 -15.52 7.04 -37.80
CA VAL A 260 -14.36 6.15 -37.95
C VAL A 260 -14.77 4.80 -37.38
N ASN A 261 -14.70 3.78 -38.22
CA ASN A 261 -15.31 2.47 -37.98
C ASN A 261 -16.68 2.62 -37.35
N ARG A 262 -17.53 3.39 -38.04
N ARG A 262 -17.54 3.37 -38.04
CA ARG A 262 -18.95 3.51 -37.74
CA ARG A 262 -18.96 3.48 -37.72
C ARG A 262 -19.20 4.14 -36.38
C ARG A 262 -19.21 4.16 -36.37
N HIS A 263 -18.26 4.95 -35.88
CA HIS A 263 -18.41 5.61 -34.59
C HIS A 263 -18.32 7.12 -34.78
N ARG A 264 -19.39 7.82 -34.40
CA ARG A 264 -19.37 9.26 -34.21
C ARG A 264 -20.42 9.61 -33.16
N PRO A 265 -20.03 10.20 -32.00
CA PRO A 265 -18.66 10.52 -31.62
C PRO A 265 -17.75 9.30 -31.40
N SER A 266 -16.48 9.46 -31.74
CA SER A 266 -15.49 8.39 -31.58
C SER A 266 -14.64 8.64 -30.35
N VAL A 267 -14.47 7.61 -29.52
CA VAL A 267 -13.58 7.69 -28.37
C VAL A 267 -12.13 7.86 -28.83
N ASP A 268 -11.75 7.18 -29.92
CA ASP A 268 -10.39 7.30 -30.45
C ASP A 268 -10.06 8.74 -30.79
N VAL A 269 -10.99 9.44 -31.45
CA VAL A 269 -10.76 10.83 -31.84
C VAL A 269 -10.57 11.71 -30.61
N LEU A 270 -11.42 11.55 -29.60
CA LEU A 270 -11.26 12.30 -28.36
C LEU A 270 -9.90 12.02 -27.73
N PHE A 271 -9.54 10.74 -27.57
CA PHE A 271 -8.29 10.39 -26.91
C PHE A 271 -7.08 10.97 -27.64
N ARG A 272 -7.12 10.96 -28.97
CA ARG A 272 -5.99 11.49 -29.74
C ARG A 272 -5.87 13.01 -29.58
N SER A 273 -7.00 13.71 -29.60
CA SER A 273 -6.96 15.15 -29.41
C SER A 273 -6.47 15.51 -28.02
N VAL A 274 -6.77 14.67 -27.03
CA VAL A 274 -6.31 14.97 -25.68
C VAL A 274 -4.82 14.68 -25.55
N ALA A 275 -4.37 13.56 -26.13
CA ALA A 275 -2.94 13.28 -26.19
C ALA A 275 -2.18 14.43 -26.81
N GLN A 276 -2.75 15.06 -27.83
CA GLN A 276 -2.06 16.10 -28.57
C GLN A 276 -1.99 17.41 -27.78
N TYR A 277 -3.12 17.86 -27.24
CA TYR A 277 -3.17 19.18 -26.63
C TYR A 277 -3.01 19.17 -25.11
N ALA A 278 -3.15 18.03 -24.45
CA ALA A 278 -2.95 17.99 -23.00
C ALA A 278 -1.77 17.14 -22.59
N GLY A 279 -1.51 16.04 -23.30
CA GLY A 279 -0.35 15.21 -23.05
C GLY A 279 -0.24 14.70 -21.63
N ARG A 280 0.86 15.06 -20.97
CA ARG A 280 1.13 14.60 -19.61
C ARG A 280 0.17 15.20 -18.58
N ASN A 281 -0.55 16.25 -18.95
CA ASN A 281 -1.50 16.86 -18.03
C ASN A 281 -2.86 16.18 -18.02
N ALA A 282 -2.96 15.00 -18.64
CA ALA A 282 -4.23 14.32 -18.76
C ALA A 282 -4.16 12.92 -18.16
N VAL A 283 -5.34 12.41 -17.83
CA VAL A 283 -5.55 11.04 -17.43
C VAL A 283 -6.67 10.50 -18.32
N GLY A 284 -6.44 9.33 -18.92
CA GLY A 284 -7.43 8.70 -19.81
C GLY A 284 -8.11 7.54 -19.13
N VAL A 285 -9.41 7.40 -19.34
CA VAL A 285 -10.22 6.34 -18.74
C VAL A 285 -11.08 5.70 -19.83
N ILE A 286 -10.93 4.39 -20.01
CA ILE A 286 -11.77 3.66 -20.94
C ILE A 286 -12.68 2.72 -20.15
N LEU A 287 -13.97 2.82 -20.39
CA LEU A 287 -14.96 2.10 -19.59
C LEU A 287 -15.67 1.04 -20.42
N THR A 288 -16.59 0.33 -19.77
CA THR A 288 -17.34 -0.77 -20.37
C THR A 288 -17.86 -0.41 -21.76
N GLY A 289 -17.89 -1.42 -22.63
CA GLY A 289 -18.48 -1.27 -23.95
C GLY A 289 -17.96 -2.31 -24.92
N MET A 290 -18.71 -2.48 -26.01
CA MET A 290 -18.35 -3.43 -27.05
C MET A 290 -17.54 -2.74 -28.15
N GLY A 291 -16.72 -3.53 -28.82
CA GLY A 291 -15.88 -3.01 -29.89
C GLY A 291 -14.50 -2.61 -29.40
N ASN A 292 -13.82 -1.85 -30.25
CA ASN A 292 -12.43 -1.46 -29.99
C ASN A 292 -12.23 0.05 -30.03
N ASP A 293 -13.31 0.84 -30.05
CA ASP A 293 -13.15 2.30 -30.07
C ASP A 293 -12.50 2.77 -28.78
N GLY A 294 -11.46 3.60 -28.92
CA GLY A 294 -10.69 4.06 -27.80
C GLY A 294 -9.36 3.35 -27.62
N ALA A 295 -9.21 2.13 -28.14
CA ALA A 295 -7.98 1.37 -27.93
C ALA A 295 -6.77 2.07 -28.55
N ALA A 296 -6.88 2.50 -29.81
CA ALA A 296 -5.72 3.09 -30.48
C ALA A 296 -5.47 4.51 -30.00
N GLY A 297 -6.54 5.26 -29.71
CA GLY A 297 -6.37 6.58 -29.13
C GLY A 297 -5.76 6.55 -27.74
N MET A 298 -6.14 5.55 -26.94
CA MET A 298 -5.51 5.42 -25.62
C MET A 298 -4.03 5.16 -25.74
N LEU A 299 -3.61 4.47 -26.82
CA LEU A 299 -2.17 4.21 -27.02
C LEU A 299 -1.43 5.50 -27.34
N GLU A 300 -2.03 6.36 -28.16
CA GLU A 300 -1.45 7.69 -28.38
C GLU A 300 -1.40 8.49 -27.07
N LEU A 301 -2.46 8.41 -26.25
CA LEU A 301 -2.45 9.06 -24.94
C LEU A 301 -1.30 8.55 -24.07
N HIS A 302 -1.14 7.22 -24.03
CA HIS A 302 -0.05 6.62 -23.30
C HIS A 302 1.30 7.10 -23.83
N GLN A 303 1.45 7.11 -25.15
CA GLN A 303 2.71 7.56 -25.74
C GLN A 303 2.97 9.04 -25.52
N ALA A 304 1.93 9.84 -25.30
CA ALA A 304 2.13 11.25 -25.00
C ALA A 304 2.45 11.53 -23.54
N GLY A 305 2.49 10.50 -22.70
CA GLY A 305 2.82 10.69 -21.30
C GLY A 305 1.64 10.75 -20.34
N ALA A 306 0.42 10.56 -20.83
CA ALA A 306 -0.74 10.51 -19.94
C ALA A 306 -0.84 9.14 -19.27
N TYR A 307 -1.33 9.15 -18.03
CA TYR A 307 -1.65 7.91 -17.33
C TYR A 307 -3.02 7.43 -17.79
N THR A 308 -3.16 6.13 -18.00
CA THR A 308 -4.38 5.57 -18.56
C THR A 308 -4.93 4.49 -17.65
N LEU A 309 -6.26 4.52 -17.44
CA LEU A 309 -6.98 3.51 -16.67
C LEU A 309 -7.99 2.79 -17.56
N ALA A 310 -8.23 1.51 -17.26
CA ALA A 310 -9.24 0.71 -17.95
C ALA A 310 -10.10 -0.01 -16.92
N GLN A 311 -11.42 0.11 -17.08
CA GLN A 311 -12.36 -0.61 -16.22
C GLN A 311 -12.15 -2.12 -16.34
N ASN A 312 -12.13 -2.79 -15.19
CA ASN A 312 -11.84 -4.22 -15.19
C ASN A 312 -13.05 -5.04 -15.64
N GLU A 313 -12.78 -6.30 -15.96
CA GLU A 313 -13.81 -7.17 -16.52
C GLU A 313 -14.93 -7.46 -15.52
N ALA A 314 -14.59 -7.69 -14.26
CA ALA A 314 -15.60 -8.09 -13.27
C ALA A 314 -16.71 -7.04 -13.11
N SER A 315 -16.41 -5.77 -13.38
CA SER A 315 -17.42 -4.71 -13.24
C SER A 315 -17.97 -4.21 -14.56
N CYS A 316 -17.40 -4.65 -15.69
CA CYS A 316 -17.91 -4.26 -17.00
C CYS A 316 -19.17 -5.03 -17.34
N VAL A 317 -20.18 -4.33 -17.85
CA VAL A 317 -21.27 -5.03 -18.52
C VAL A 317 -20.74 -5.74 -19.76
N VAL A 318 -19.89 -5.06 -20.53
CA VAL A 318 -19.21 -5.64 -21.68
C VAL A 318 -17.74 -5.27 -21.57
N PHE A 319 -16.87 -6.28 -21.50
CA PHE A 319 -15.43 -6.10 -21.43
C PHE A 319 -14.83 -6.19 -22.84
N GLY A 320 -15.22 -5.25 -23.68
CA GLY A 320 -14.73 -5.21 -25.04
C GLY A 320 -13.78 -4.05 -25.27
N MET A 321 -14.28 -2.84 -25.07
CA MET A 321 -13.43 -1.67 -25.23
C MET A 321 -12.27 -1.63 -24.24
N PRO A 322 -12.44 -1.91 -22.94
CA PRO A 322 -11.25 -1.98 -22.08
C PRO A 322 -10.30 -3.10 -22.47
N ARG A 323 -10.84 -4.25 -22.90
CA ARG A 323 -9.98 -5.37 -23.30
C ARG A 323 -9.10 -4.98 -24.49
N GLU A 324 -9.70 -4.39 -25.52
CA GLU A 324 -8.92 -4.00 -26.69
C GLU A 324 -7.88 -2.95 -26.34
N ALA A 325 -8.25 -2.00 -25.47
CA ALA A 325 -7.27 -1.00 -25.02
C ALA A 325 -6.10 -1.69 -24.32
N ILE A 326 -6.39 -2.66 -23.45
CA ILE A 326 -5.32 -3.39 -22.78
C ILE A 326 -4.45 -4.11 -23.80
N ALA A 327 -5.09 -4.81 -24.76
CA ALA A 327 -4.35 -5.59 -25.75
C ALA A 327 -3.46 -4.71 -26.62
N MET A 328 -3.84 -3.45 -26.82
CA MET A 328 -3.03 -2.54 -27.64
C MET A 328 -1.76 -2.08 -26.93
N GLY A 329 -1.70 -2.23 -25.61
CA GLY A 329 -0.52 -1.84 -24.87
C GLY A 329 -0.49 -0.42 -24.35
N GLY A 330 -1.63 0.27 -24.30
CA GLY A 330 -1.59 1.64 -23.85
C GLY A 330 -2.28 1.89 -22.52
N VAL A 331 -2.53 0.82 -21.75
CA VAL A 331 -3.23 0.90 -20.48
C VAL A 331 -2.22 0.71 -19.35
N ASP A 332 -2.11 1.73 -18.48
CA ASP A 332 -1.22 1.60 -17.33
C ASP A 332 -1.83 0.72 -16.24
N GLU A 333 -3.15 0.82 -16.02
CA GLU A 333 -3.73 0.26 -14.81
C GLU A 333 -5.15 -0.20 -15.09
N VAL A 334 -5.48 -1.41 -14.65
CA VAL A 334 -6.84 -1.94 -14.70
C VAL A 334 -7.47 -1.74 -13.33
N VAL A 335 -8.73 -1.31 -13.29
CA VAL A 335 -9.33 -0.84 -12.05
C VAL A 335 -10.82 -1.17 -12.04
N ASP A 336 -11.31 -1.59 -10.87
CA ASP A 336 -12.74 -1.79 -10.70
C ASP A 336 -13.46 -0.46 -10.84
N LEU A 337 -14.66 -0.52 -11.43
CA LEU A 337 -15.43 0.70 -11.70
C LEU A 337 -15.57 1.57 -10.46
N HIS A 338 -15.73 0.97 -9.29
CA HIS A 338 -16.00 1.77 -8.10
C HIS A 338 -14.74 2.34 -7.46
N GLN A 339 -13.57 2.05 -8.03
N GLN A 339 -13.56 2.07 -8.02
CA GLN A 339 -12.32 2.72 -7.65
CA GLN A 339 -12.34 2.74 -7.63
C GLN A 339 -11.86 3.74 -8.68
C GLN A 339 -11.87 3.76 -8.67
N VAL A 340 -12.59 3.90 -9.78
CA VAL A 340 -12.13 4.76 -10.87
C VAL A 340 -12.08 6.21 -10.42
N SER A 341 -13.12 6.68 -9.73
CA SER A 341 -13.19 8.07 -9.32
C SER A 341 -11.98 8.44 -8.47
N GLN A 342 -11.66 7.62 -7.46
CA GLN A 342 -10.53 7.93 -6.60
C GLN A 342 -9.21 7.81 -7.34
N ARG A 343 -9.04 6.76 -8.15
CA ARG A 343 -7.76 6.56 -8.81
C ARG A 343 -7.46 7.68 -9.80
N MET A 344 -8.48 8.14 -10.54
CA MET A 344 -8.23 9.17 -11.54
C MET A 344 -7.95 10.53 -10.89
N LEU A 345 -8.63 10.81 -9.77
CA LEU A 345 -8.38 12.07 -9.08
C LEU A 345 -7.01 12.06 -8.42
N ALA A 346 -6.66 10.95 -7.76
CA ALA A 346 -5.35 10.84 -7.14
C ALA A 346 -4.24 10.94 -8.17
N GLN A 347 -4.41 10.26 -9.32
CA GLN A 347 -3.36 10.27 -10.33
C GLN A 347 -3.14 11.67 -10.90
N ILE A 348 -4.22 12.36 -11.29
CA ILE A 348 -4.06 13.69 -11.88
C ILE A 348 -3.59 14.69 -10.83
N SER A 349 -3.90 14.45 -9.56
CA SER A 349 -3.42 15.32 -8.49
C SER A 349 -1.93 15.15 -8.27
N ALA A 350 -1.41 13.94 -8.48
CA ALA A 350 0.01 13.68 -8.24
C ALA A 350 0.91 14.48 -9.17
N GLY A 351 0.42 14.81 -10.37
CA GLY A 351 1.16 15.65 -11.30
C GLY A 351 1.04 17.13 -11.06
N GLN A 352 0.47 17.55 -9.93
CA GLN A 352 0.24 18.94 -9.61
C GLN A 352 1.13 19.37 -8.45
N ALA A 353 2.04 20.31 -8.70
CA ALA A 353 2.88 20.85 -7.65
C ALA A 353 2.07 21.68 -6.66
N LEU A 354 2.67 21.95 -5.51
CA LEU A 354 1.99 22.70 -4.46
C LEU A 354 1.71 24.13 -4.88
N ARG A 355 0.56 24.65 -4.47
CA ARG A 355 0.21 26.04 -4.65
C ARG A 355 0.29 26.80 -3.33
N ILE A 356 -0.57 26.46 -2.37
CA ILE A 356 -0.48 26.92 -0.98
C ILE A 356 -0.16 28.41 -0.84
N SER B 6 35.98 -10.94 36.46
CA SER B 6 35.16 -9.86 35.94
C SER B 6 35.77 -9.28 34.66
N MET B 7 35.05 -9.42 33.56
CA MET B 7 35.48 -8.86 32.29
C MET B 7 35.51 -7.34 32.38
N SER B 8 36.42 -6.73 31.62
CA SER B 8 36.71 -5.31 31.77
C SER B 8 35.49 -4.45 31.43
N LYS B 9 35.52 -3.23 31.92
CA LYS B 9 34.47 -2.25 31.68
C LYS B 9 34.78 -1.44 30.43
N ILE B 10 33.74 -0.88 29.83
CA ILE B 10 33.91 0.00 28.69
C ILE B 10 34.68 1.24 29.16
N ARG B 11 35.81 1.51 28.54
CA ARG B 11 36.63 2.66 28.90
C ARG B 11 36.10 3.89 28.16
N VAL B 12 35.71 4.91 28.91
CA VAL B 12 35.10 6.10 28.35
C VAL B 12 35.97 7.31 28.68
N LEU B 13 36.18 8.17 27.68
CA LEU B 13 36.82 9.47 27.87
C LEU B 13 35.80 10.55 27.56
N CYS B 14 35.59 11.48 28.49
CA CYS B 14 34.58 12.52 28.36
C CYS B 14 35.24 13.87 28.16
N VAL B 15 34.82 14.59 27.12
CA VAL B 15 35.35 15.91 26.80
C VAL B 15 34.23 16.92 26.98
N ASP B 16 34.39 17.85 27.91
CA ASP B 16 33.35 18.83 28.18
C ASP B 16 33.98 20.06 28.82
N ASP B 17 33.59 21.23 28.30
CA ASP B 17 34.15 22.50 28.76
C ASP B 17 33.78 22.81 30.21
N SER B 18 32.68 22.25 30.71
CA SER B 18 32.15 22.59 32.03
C SER B 18 32.72 21.66 33.10
N ALA B 19 33.30 22.25 34.14
CA ALA B 19 33.86 21.45 35.22
C ALA B 19 32.78 20.65 35.93
N LEU B 20 31.58 21.23 36.09
CA LEU B 20 30.49 20.50 36.72
C LEU B 20 30.06 19.32 35.85
N MET B 21 29.99 19.52 34.53
CA MET B 21 29.59 18.42 33.64
C MET B 21 30.61 17.29 33.65
N ARG B 22 31.91 17.62 33.72
CA ARG B 22 32.92 16.56 33.75
C ARG B 22 32.78 15.67 34.98
N GLN B 23 32.37 16.24 36.12
CA GLN B 23 32.10 15.42 37.29
C GLN B 23 30.75 14.72 37.21
N ILE B 24 29.74 15.35 36.59
CA ILE B 24 28.44 14.72 36.44
C ILE B 24 28.56 13.47 35.56
N MET B 25 29.27 13.61 34.45
CA MET B 25 29.54 12.46 33.57
C MET B 25 30.32 11.37 34.30
N THR B 26 31.29 11.76 35.12
CA THR B 26 32.05 10.79 35.90
C THR B 26 31.13 9.99 36.83
N GLU B 27 30.24 10.68 37.53
CA GLU B 27 29.33 9.98 38.44
C GLU B 27 28.32 9.13 37.68
N ILE B 28 27.78 9.66 36.59
CA ILE B 28 26.79 8.91 35.81
C ILE B 28 27.40 7.62 35.28
N ILE B 29 28.52 7.72 34.57
CA ILE B 29 29.08 6.56 33.88
C ILE B 29 29.64 5.56 34.89
N ASN B 30 30.35 6.05 35.92
CA ASN B 30 30.91 5.14 36.91
C ASN B 30 29.85 4.43 37.72
N SER B 31 28.64 4.99 37.83
CA SER B 31 27.57 4.32 38.57
C SER B 31 27.05 3.09 37.85
N HIS B 32 27.31 2.97 36.55
CA HIS B 32 26.91 1.73 35.90
C HIS B 32 28.03 0.70 35.97
N PRO B 33 27.70 -0.59 36.12
CA PRO B 33 28.75 -1.57 36.43
C PRO B 33 29.59 -2.00 35.25
N ASP B 34 29.17 -1.74 34.01
CA ASP B 34 29.87 -2.23 32.83
C ASP B 34 30.65 -1.15 32.11
N MET B 35 30.91 -0.01 32.76
CA MET B 35 31.60 1.09 32.09
C MET B 35 32.29 1.95 33.13
N GLU B 36 33.26 2.76 32.66
CA GLU B 36 34.06 3.59 33.55
C GLU B 36 34.64 4.75 32.77
N VAL B 37 34.81 5.87 33.45
CA VAL B 37 35.48 7.05 32.91
C VAL B 37 36.96 6.91 33.23
N VAL B 38 37.78 6.67 32.20
CA VAL B 38 39.22 6.55 32.43
C VAL B 38 39.94 7.89 32.36
N ALA B 39 39.29 8.94 31.87
CA ALA B 39 39.87 10.27 31.83
C ALA B 39 38.80 11.27 31.41
N THR B 40 39.02 12.53 31.75
CA THR B 40 38.19 13.63 31.30
C THR B 40 39.11 14.74 30.82
N ALA B 41 38.60 15.56 29.91
CA ALA B 41 39.38 16.65 29.34
C ALA B 41 38.45 17.82 29.09
N PRO B 42 38.92 19.06 29.30
CA PRO B 42 38.07 20.22 29.05
C PRO B 42 38.09 20.75 27.63
N ASP B 43 39.01 20.27 26.78
CA ASP B 43 39.17 20.81 25.44
C ASP B 43 39.84 19.76 24.58
N PRO B 44 39.87 19.95 23.25
CA PRO B 44 40.49 18.94 22.37
C PRO B 44 41.98 18.71 22.58
N LEU B 45 42.74 19.74 22.96
CA LEU B 45 44.18 19.56 23.09
C LEU B 45 44.53 18.64 24.26
N VAL B 46 43.90 18.87 25.42
CA VAL B 46 44.10 17.98 26.56
C VAL B 46 43.63 16.57 26.22
N ALA B 47 42.51 16.46 25.48
CA ALA B 47 41.97 15.15 25.11
C ALA B 47 42.94 14.36 24.24
N ARG B 48 43.70 15.04 23.38
CA ARG B 48 44.60 14.34 22.47
C ARG B 48 45.58 13.45 23.23
N ASP B 49 46.27 14.00 24.22
CA ASP B 49 47.25 13.21 24.96
C ASP B 49 46.58 12.10 25.77
N LEU B 50 45.41 12.38 26.34
CA LEU B 50 44.75 11.38 27.17
C LEU B 50 44.17 10.25 26.34
N ILE B 51 43.76 10.53 25.10
CA ILE B 51 43.37 9.45 24.20
C ILE B 51 44.56 8.52 23.96
N LYS B 52 45.74 9.09 23.74
CA LYS B 52 46.94 8.30 23.56
C LYS B 52 47.27 7.47 24.79
N LYS B 53 47.14 8.09 25.98
N LYS B 53 47.18 8.08 25.99
CA LYS B 53 47.60 7.45 27.22
CA LYS B 53 47.63 7.38 27.19
C LYS B 53 46.65 6.35 27.67
C LYS B 53 46.64 6.31 27.63
N PHE B 54 45.34 6.59 27.60
CA PHE B 54 44.36 5.71 28.21
C PHE B 54 43.64 4.81 27.22
N ASN B 55 43.78 5.04 25.92
N ASN B 55 43.78 5.05 25.92
CA ASN B 55 43.18 4.21 24.88
CA ASN B 55 43.18 4.21 24.88
C ASN B 55 41.69 3.97 25.12
C ASN B 55 41.69 3.96 25.11
N PRO B 56 40.88 5.01 25.13
CA PRO B 56 39.45 4.83 25.43
C PRO B 56 38.72 4.12 24.30
N GLN B 57 37.67 3.39 24.67
CA GLN B 57 36.83 2.69 23.70
C GLN B 57 35.69 3.55 23.18
N VAL B 58 35.20 4.49 23.99
CA VAL B 58 34.14 5.40 23.59
C VAL B 58 34.52 6.81 24.03
N LEU B 59 34.25 7.78 23.17
CA LEU B 59 34.45 9.19 23.48
C LEU B 59 33.09 9.88 23.56
N THR B 60 32.89 10.69 24.59
CA THR B 60 31.75 11.60 24.62
C THR B 60 32.28 13.01 24.42
N LEU B 61 31.65 13.76 23.53
CA LEU B 61 32.18 15.04 23.08
C LEU B 61 31.07 16.07 23.13
N ASP B 62 31.21 17.07 24.01
CA ASP B 62 30.25 18.16 24.07
C ASP B 62 30.54 19.14 22.94
N VAL B 63 29.46 19.66 22.34
CA VAL B 63 29.61 20.48 21.13
C VAL B 63 30.19 21.84 21.46
N GLU B 64 29.67 22.50 22.49
CA GLU B 64 30.02 23.88 22.78
C GLU B 64 31.41 23.94 23.44
N MET B 65 32.39 24.45 22.70
CA MET B 65 33.74 24.65 23.24
C MET B 65 34.15 26.06 22.83
N PRO B 66 34.44 26.95 23.79
CA PRO B 66 34.66 28.36 23.45
C PRO B 66 35.95 28.61 22.70
N ARG B 67 37.08 28.21 23.29
CA ARG B 67 38.38 28.62 22.78
C ARG B 67 38.88 27.77 21.62
N MET B 68 38.28 26.61 21.37
CA MET B 68 38.76 25.69 20.35
C MET B 68 37.62 25.28 19.42
N ASP B 69 38.00 24.54 18.37
CA ASP B 69 37.08 24.04 17.37
C ASP B 69 36.91 22.54 17.59
N GLY B 70 35.74 22.15 18.11
CA GLY B 70 35.49 20.75 18.39
C GLY B 70 35.32 19.90 17.15
N LEU B 71 34.77 20.49 16.07
CA LEU B 71 34.53 19.73 14.85
C LEU B 71 35.82 19.46 14.10
N ASP B 72 36.77 20.40 14.12
N ASP B 72 36.76 20.40 14.13
CA ASP B 72 38.07 20.14 13.54
CA ASP B 72 38.08 20.14 13.56
C ASP B 72 38.79 19.02 14.29
C ASP B 72 38.77 19.01 14.29
N PHE B 73 38.61 18.95 15.61
CA PHE B 73 39.16 17.85 16.38
C PHE B 73 38.49 16.53 16.01
N LEU B 74 37.16 16.56 15.85
CA LEU B 74 36.44 15.37 15.43
C LEU B 74 36.87 14.94 14.02
N GLU B 75 37.06 15.90 13.13
N GLU B 75 37.06 15.91 13.13
CA GLU B 75 37.50 15.58 11.77
CA GLU B 75 37.50 15.58 11.77
C GLU B 75 38.87 14.89 11.78
C GLU B 75 38.86 14.90 11.78
N LYS B 76 39.81 15.46 12.53
CA LYS B 76 41.14 14.85 12.60
C LYS B 76 41.10 13.51 13.33
N LEU B 77 40.32 13.42 14.40
CA LEU B 77 40.20 12.17 15.14
C LEU B 77 39.71 11.06 14.22
N MET B 78 38.59 11.28 13.54
CA MET B 78 38.01 10.22 12.73
C MET B 78 38.92 9.80 11.59
N ARG B 79 39.83 10.66 11.15
CA ARG B 79 40.75 10.29 10.08
C ARG B 79 42.04 9.67 10.58
N LEU B 80 42.56 10.17 11.71
CA LEU B 80 43.84 9.70 12.23
C LEU B 80 43.70 8.56 13.24
N ARG B 81 42.62 8.55 14.01
N ARG B 81 42.61 8.54 14.00
CA ARG B 81 42.38 7.50 15.01
CA ARG B 81 42.38 7.52 15.02
C ARG B 81 40.88 7.35 15.20
C ARG B 81 40.88 7.34 15.21
N PRO B 82 40.20 6.74 14.23
CA PRO B 82 38.74 6.66 14.30
C PRO B 82 38.26 5.79 15.47
N MET B 83 37.26 6.29 16.18
CA MET B 83 36.72 5.59 17.34
C MET B 83 35.28 6.02 17.53
N PRO B 84 34.49 5.28 18.32
CA PRO B 84 33.11 5.69 18.58
C PRO B 84 33.07 6.99 19.38
N VAL B 85 32.29 7.95 18.89
CA VAL B 85 32.10 9.25 19.53
C VAL B 85 30.61 9.50 19.68
N VAL B 86 30.18 9.81 20.90
CA VAL B 86 28.79 10.18 21.19
C VAL B 86 28.78 11.66 21.54
N MET B 87 28.09 12.46 20.71
CA MET B 87 28.03 13.89 20.96
C MET B 87 27.05 14.21 22.09
N VAL B 88 27.34 15.27 22.82
CA VAL B 88 26.44 15.82 23.82
C VAL B 88 26.07 17.22 23.36
N SER B 89 24.78 17.44 23.10
CA SER B 89 24.33 18.69 22.50
C SER B 89 23.17 19.26 23.28
N SER B 90 22.99 20.58 23.18
CA SER B 90 21.87 21.25 23.80
C SER B 90 20.70 21.29 22.82
N LEU B 91 19.49 21.33 23.37
CA LEU B 91 18.28 21.36 22.57
C LEU B 91 18.10 22.72 21.91
N THR B 92 19.06 23.10 21.04
CA THR B 92 19.06 24.40 20.39
C THR B 92 19.25 24.22 18.89
N GLY B 93 18.94 25.28 18.15
CA GLY B 93 19.14 25.26 16.71
C GLY B 93 20.61 25.22 16.33
N LYS B 94 21.43 26.04 16.98
N LYS B 94 21.42 26.05 16.99
CA LYS B 94 22.87 25.99 16.72
CA LYS B 94 22.87 26.00 16.75
C LYS B 94 23.42 24.61 17.05
C LYS B 94 23.41 24.62 17.06
N GLY B 95 23.07 24.08 18.22
CA GLY B 95 23.49 22.73 18.56
C GLY B 95 23.03 21.69 17.56
N SER B 96 21.84 21.87 16.99
CA SER B 96 21.31 20.88 16.04
C SER B 96 22.18 20.80 14.79
N GLU B 97 22.61 21.95 14.27
CA GLU B 97 23.43 21.94 13.07
C GLU B 97 24.86 21.49 13.36
N ILE B 98 25.40 21.86 14.52
CA ILE B 98 26.69 21.30 14.92
C ILE B 98 26.60 19.79 15.09
N THR B 99 25.50 19.31 15.67
CA THR B 99 25.36 17.86 15.87
C THR B 99 25.28 17.12 14.54
N LEU B 100 24.44 17.59 13.63
CA LEU B 100 24.32 16.94 12.34
C LEU B 100 25.65 16.96 11.59
N ARG B 101 26.38 18.08 11.67
CA ARG B 101 27.70 18.14 11.07
C ARG B 101 28.65 17.13 11.71
N ALA B 102 28.55 16.95 13.04
CA ALA B 102 29.37 15.95 13.71
C ALA B 102 29.05 14.54 13.22
N LEU B 103 27.77 14.25 12.97
CA LEU B 103 27.40 12.96 12.40
C LEU B 103 27.94 12.79 10.99
N GLU B 104 28.01 13.87 10.21
CA GLU B 104 28.61 13.77 8.88
C GLU B 104 30.09 13.42 8.99
N LEU B 105 30.79 13.97 9.98
CA LEU B 105 32.22 13.75 10.11
C LEU B 105 32.57 12.39 10.70
N GLY B 106 31.60 11.62 11.15
CA GLY B 106 31.84 10.27 11.63
C GLY B 106 31.42 9.99 13.06
N ALA B 107 30.86 10.95 13.79
CA ALA B 107 30.29 10.62 15.08
C ALA B 107 29.11 9.68 14.91
N ILE B 108 28.93 8.78 15.87
CA ILE B 108 27.98 7.68 15.71
C ILE B 108 26.57 8.06 16.17
N ASP B 109 26.46 8.77 17.29
CA ASP B 109 25.16 9.13 17.85
C ASP B 109 25.32 10.38 18.69
N PHE B 110 24.22 10.82 19.30
CA PHE B 110 24.25 11.98 20.17
C PHE B 110 23.17 11.84 21.23
N VAL B 111 23.32 12.64 22.28
CA VAL B 111 22.31 12.77 23.32
C VAL B 111 22.09 14.25 23.55
N THR B 112 20.84 14.63 23.79
CA THR B 112 20.54 15.98 24.25
C THR B 112 20.52 16.00 25.77
N LYS B 113 21.09 17.03 26.35
CA LYS B 113 21.06 17.17 27.80
C LYS B 113 19.71 17.73 28.23
N PRO B 114 18.95 17.00 29.07
CA PRO B 114 17.81 17.63 29.75
C PRO B 114 18.35 18.51 30.85
N GLN B 115 17.50 19.24 31.58
CA GLN B 115 18.03 20.04 32.67
C GLN B 115 18.19 19.15 33.90
N LEU B 116 19.44 18.97 34.33
CA LEU B 116 19.80 18.04 35.37
C LEU B 116 19.55 18.58 36.77
N GLY B 117 19.08 19.83 36.91
CA GLY B 117 18.64 20.31 38.19
C GLY B 117 17.43 19.57 38.72
N ILE B 118 16.59 19.05 37.83
CA ILE B 118 15.52 18.14 38.20
C ILE B 118 16.09 16.73 38.22
N ARG B 119 15.86 16.00 39.31
CA ARG B 119 16.45 14.66 39.45
C ARG B 119 15.86 13.68 38.44
N GLU B 120 14.61 13.90 38.02
N GLU B 120 14.61 13.90 38.02
CA GLU B 120 14.04 13.03 37.00
CA GLU B 120 14.03 13.04 36.99
C GLU B 120 14.77 13.19 35.66
C GLU B 120 14.75 13.20 35.66
N GLY B 121 15.23 14.41 35.35
CA GLY B 121 16.02 14.60 34.16
C GLY B 121 17.41 14.01 34.30
N MET B 122 17.97 14.01 35.50
CA MET B 122 19.29 13.43 35.73
C MET B 122 19.25 11.92 35.57
N LEU B 123 18.22 11.26 36.11
CA LEU B 123 18.14 9.81 36.00
C LEU B 123 17.88 9.38 34.57
N ALA B 124 16.98 10.08 33.87
CA ALA B 124 16.74 9.77 32.46
C ALA B 124 18.00 9.98 31.64
N TYR B 125 18.71 11.08 31.89
CA TYR B 125 19.96 11.32 31.19
C TYR B 125 20.95 10.18 31.43
N SER B 126 21.08 9.77 32.69
CA SER B 126 22.08 8.76 33.04
C SER B 126 21.84 7.44 32.31
N GLU B 127 20.57 7.01 32.19
CA GLU B 127 20.31 5.74 31.51
C GLU B 127 20.37 5.90 30.00
N LEU B 128 20.09 7.09 29.49
CA LEU B 128 20.35 7.37 28.08
C LEU B 128 21.85 7.40 27.80
N ILE B 129 22.65 8.03 28.67
CA ILE B 129 24.11 7.99 28.50
C ILE B 129 24.60 6.55 28.45
N ALA B 130 24.16 5.73 29.40
CA ALA B 130 24.65 4.35 29.47
C ALA B 130 24.24 3.55 28.25
N GLU B 131 23.06 3.84 27.69
CA GLU B 131 22.61 3.12 26.50
C GLU B 131 23.49 3.46 25.30
N LYS B 132 23.76 4.74 25.08
CA LYS B 132 24.56 5.14 23.94
C LYS B 132 25.99 4.63 24.05
N ILE B 133 26.54 4.60 25.27
CA ILE B 133 27.89 4.10 25.46
C ILE B 133 27.95 2.60 25.17
N ARG B 134 26.97 1.83 25.68
CA ARG B 134 26.91 0.41 25.38
C ARG B 134 26.77 0.16 23.88
N MET B 135 25.94 0.94 23.21
CA MET B 135 25.78 0.78 21.77
C MET B 135 27.07 1.16 21.05
N ALA B 136 27.68 2.28 21.44
CA ALA B 136 28.86 2.75 20.73
C ALA B 136 30.02 1.77 20.85
N ALA B 137 30.11 1.06 21.97
CA ALA B 137 31.21 0.13 22.18
C ALA B 137 31.15 -1.08 21.25
N LYS B 138 29.98 -1.35 20.67
N LYS B 138 29.98 -1.36 20.67
CA LYS B 138 29.80 -2.46 19.75
CA LYS B 138 29.82 -2.47 19.75
C LYS B 138 29.57 -2.03 18.31
C LYS B 138 29.56 -2.03 18.31
N ALA B 139 29.39 -0.73 18.06
CA ALA B 139 28.97 -0.26 16.76
C ALA B 139 30.09 -0.40 15.72
N ARG B 140 29.68 -0.51 14.47
CA ARG B 140 30.61 -0.48 13.35
C ARG B 140 30.77 0.96 12.89
N LEU B 141 32.02 1.43 12.82
CA LEU B 141 32.27 2.82 12.51
C LEU B 141 32.04 3.10 11.03
N PRO B 142 31.35 4.21 10.68
CA PRO B 142 31.03 4.58 9.31
C PRO B 142 32.18 5.29 8.59
N ILE B 153 23.59 10.11 -9.71
CA ILE B 153 22.18 10.22 -10.06
C ILE B 153 21.69 9.01 -10.85
N ILE B 154 20.76 8.25 -10.25
CA ILE B 154 20.07 7.19 -10.98
C ILE B 154 19.22 7.84 -12.07
N GLN B 155 19.17 7.20 -13.24
N GLN B 155 19.16 7.19 -13.23
CA GLN B 155 18.41 7.76 -14.36
CA GLN B 155 18.40 7.73 -14.36
C GLN B 155 16.92 7.88 -14.00
C GLN B 155 16.93 7.87 -14.00
N HIS B 156 16.21 8.66 -14.81
CA HIS B 156 14.83 9.00 -14.52
C HIS B 156 13.94 7.76 -14.48
N MET B 157 12.87 7.86 -13.69
CA MET B 157 11.88 6.81 -13.48
C MET B 157 10.82 6.85 -14.57
N PRO B 158 10.16 5.72 -14.84
CA PRO B 158 8.95 5.74 -15.65
C PRO B 158 7.80 6.42 -14.90
N LEU B 159 6.73 6.66 -15.64
CA LEU B 159 5.51 7.21 -15.03
C LEU B 159 4.91 6.21 -14.06
N LEU B 160 4.71 6.65 -12.82
CA LEU B 160 4.28 5.78 -11.73
C LEU B 160 2.84 6.09 -11.33
N SER B 161 2.11 5.06 -10.90
CA SER B 161 0.87 5.29 -10.17
C SER B 161 1.13 6.11 -8.93
N SER B 162 0.20 7.03 -8.63
CA SER B 162 0.30 7.84 -7.43
C SER B 162 0.20 7.01 -6.15
N GLU B 163 -0.27 5.77 -6.26
CA GLU B 163 -0.37 4.91 -5.08
C GLU B 163 0.99 4.42 -4.60
N LYS B 164 2.02 4.52 -5.44
CA LYS B 164 3.34 4.07 -5.04
C LYS B 164 3.95 5.04 -4.04
N LEU B 165 4.53 4.50 -2.97
CA LEU B 165 5.40 5.30 -2.13
C LEU B 165 6.31 4.39 -1.33
N ILE B 166 7.34 5.00 -0.75
CA ILE B 166 8.40 4.30 -0.04
C ILE B 166 8.42 4.80 1.39
N ALA B 167 8.51 3.87 2.34
CA ALA B 167 8.60 4.18 3.76
C ALA B 167 9.94 3.71 4.29
N ILE B 168 10.65 4.61 4.96
CA ILE B 168 11.98 4.35 5.48
C ILE B 168 12.00 4.60 6.99
N GLY B 169 12.66 3.70 7.72
CA GLY B 169 12.92 3.92 9.13
C GLY B 169 14.38 3.68 9.46
N ALA B 170 14.86 4.41 10.47
CA ALA B 170 16.24 4.28 10.90
C ALA B 170 16.39 4.82 12.32
N SER B 171 17.50 4.45 12.94
CA SER B 171 17.89 5.00 14.24
C SER B 171 19.38 5.34 14.19
N THR B 172 20.17 4.73 15.06
CA THR B 172 21.61 5.05 15.15
C THR B 172 22.31 4.80 13.82
N GLY B 173 23.01 5.82 13.34
CA GLY B 173 23.62 5.76 12.03
C GLY B 173 22.70 6.12 10.89
N GLY B 174 21.44 6.49 11.19
CA GLY B 174 20.45 6.64 10.14
C GLY B 174 20.54 7.94 9.38
N THR B 175 21.01 9.02 10.02
CA THR B 175 21.14 10.28 9.30
C THR B 175 22.07 10.13 8.10
N GLU B 176 23.16 9.37 8.27
CA GLU B 176 24.07 9.14 7.15
C GLU B 176 23.51 8.11 6.18
N ALA B 177 22.89 7.06 6.71
CA ALA B 177 22.31 6.04 5.84
C ALA B 177 21.20 6.63 4.97
N ILE B 178 20.34 7.45 5.55
CA ILE B 178 19.28 8.10 4.78
C ILE B 178 19.87 9.03 3.74
N ARG B 179 20.95 9.73 4.09
N ARG B 179 20.95 9.73 4.09
CA ARG B 179 21.58 10.64 3.13
CA ARG B 179 21.59 10.64 3.13
C ARG B 179 22.10 9.87 1.91
C ARG B 179 22.11 9.88 1.92
N HIS B 180 22.72 8.72 2.14
CA HIS B 180 23.21 7.92 1.02
C HIS B 180 22.06 7.36 0.18
N VAL B 181 20.92 7.08 0.80
CA VAL B 181 19.79 6.56 0.04
C VAL B 181 19.16 7.65 -0.82
N LEU B 182 19.06 8.87 -0.28
CA LEU B 182 18.28 9.93 -0.92
C LEU B 182 19.08 10.68 -1.98
N GLN B 183 20.39 10.82 -1.79
CA GLN B 183 21.21 11.65 -2.68
C GLN B 183 21.10 11.28 -4.16
N PRO B 184 21.19 10.02 -4.57
CA PRO B 184 21.08 9.71 -6.00
C PRO B 184 19.65 9.63 -6.54
N LEU B 185 18.64 9.97 -5.77
CA LEU B 185 17.26 9.81 -6.24
C LEU B 185 16.92 10.88 -7.27
N PRO B 186 16.33 10.51 -8.41
CA PRO B 186 15.95 11.51 -9.40
C PRO B 186 14.68 12.24 -8.98
N PRO B 187 14.40 13.40 -9.56
CA PRO B 187 13.16 14.11 -9.21
C PRO B 187 11.91 13.31 -9.56
N THR B 188 12.01 12.28 -10.39
CA THR B 188 10.87 11.47 -10.77
C THR B 188 10.49 10.43 -9.72
N SER B 189 11.20 10.39 -8.59
CA SER B 189 11.01 9.31 -7.65
C SER B 189 9.62 9.41 -6.99
N PRO B 190 9.03 8.30 -6.58
CA PRO B 190 7.80 8.36 -5.81
C PRO B 190 8.05 9.04 -4.48
N ALA B 191 6.96 9.40 -3.79
CA ALA B 191 7.08 10.03 -2.48
C ALA B 191 7.69 9.07 -1.47
N LEU B 192 8.45 9.62 -0.52
CA LEU B 192 9.03 8.85 0.56
C LEU B 192 8.58 9.42 1.90
N LEU B 193 8.15 8.55 2.81
CA LEU B 193 7.91 8.87 4.21
C LEU B 193 9.03 8.27 5.03
N ILE B 194 9.67 9.08 5.87
CA ILE B 194 10.89 8.66 6.55
C ILE B 194 10.76 8.98 8.04
N THR B 195 10.90 7.96 8.89
CA THR B 195 10.91 8.16 10.33
C THR B 195 12.33 7.87 10.83
N GLN B 196 13.02 8.90 11.27
CA GLN B 196 14.33 8.78 11.89
C GLN B 196 14.21 9.13 13.36
N HIS B 197 14.65 8.23 14.24
CA HIS B 197 14.66 8.52 15.67
C HIS B 197 15.48 9.78 15.93
N MET B 198 14.84 10.78 16.51
CA MET B 198 15.46 12.08 16.64
C MET B 198 14.61 12.99 17.53
N PRO B 199 15.23 13.86 18.31
CA PRO B 199 14.45 14.80 19.14
C PRO B 199 13.82 15.88 18.29
N PRO B 200 12.81 16.57 18.81
CA PRO B 200 12.23 17.68 18.06
C PRO B 200 13.25 18.78 17.81
N GLY B 201 13.05 19.51 16.72
CA GLY B 201 13.97 20.58 16.33
C GLY B 201 15.11 20.08 15.48
N PHE B 202 15.78 19.02 15.93
CA PHE B 202 16.82 18.40 15.11
C PHE B 202 16.27 17.92 13.78
N THR B 203 15.01 17.49 13.74
CA THR B 203 14.45 16.89 12.53
C THR B 203 14.29 17.91 11.40
N LYS B 204 14.00 19.17 11.73
CA LYS B 204 13.91 20.18 10.68
C LYS B 204 15.28 20.51 10.12
N SER B 205 16.28 20.68 10.99
CA SER B 205 17.65 20.88 10.51
C SER B 205 18.10 19.70 9.67
N PHE B 206 17.76 18.48 10.08
CA PHE B 206 18.10 17.29 9.32
C PHE B 206 17.46 17.34 7.93
N ALA B 207 16.17 17.68 7.86
CA ALA B 207 15.51 17.77 6.56
C ALA B 207 16.13 18.86 5.68
N GLU B 208 16.45 20.02 6.27
CA GLU B 208 16.98 21.11 5.46
C GLU B 208 18.37 20.79 4.91
N ARG B 209 19.20 20.09 5.70
CA ARG B 209 20.51 19.69 5.19
C ARG B 209 20.37 18.66 4.06
N LEU B 210 19.47 17.70 4.23
CA LEU B 210 19.22 16.73 3.17
C LEU B 210 18.70 17.39 1.91
N ASN B 211 17.81 18.38 2.08
CA ASN B 211 17.25 19.06 0.92
C ASN B 211 18.34 19.70 0.06
N LYS B 212 19.33 20.35 0.68
CA LYS B 212 20.40 20.95 -0.10
C LYS B 212 21.25 19.92 -0.82
N LEU B 213 21.23 18.67 -0.38
CA LEU B 213 22.12 17.64 -0.92
C LEU B 213 21.46 16.74 -1.95
N CYS B 214 20.13 16.76 -2.08
CA CYS B 214 19.40 15.83 -2.93
C CYS B 214 18.64 16.58 -4.02
N GLN B 215 18.43 15.90 -5.15
CA GLN B 215 17.61 16.47 -6.21
C GLN B 215 16.13 16.50 -5.81
N ILE B 216 15.66 15.46 -5.12
CA ILE B 216 14.30 15.51 -4.62
C ILE B 216 14.18 16.60 -3.57
N THR B 217 12.94 17.01 -3.30
CA THR B 217 12.66 17.95 -2.24
C THR B 217 12.49 17.19 -0.93
N VAL B 218 13.25 17.58 0.10
CA VAL B 218 13.21 16.97 1.42
C VAL B 218 12.71 18.01 2.41
N LYS B 219 11.72 17.64 3.21
CA LYS B 219 11.15 18.58 4.17
C LYS B 219 10.66 17.82 5.39
N GLU B 220 10.54 18.54 6.50
CA GLU B 220 9.87 17.97 7.66
C GLU B 220 8.39 17.87 7.38
N ALA B 221 7.80 16.73 7.71
CA ALA B 221 6.40 16.47 7.39
C ALA B 221 5.49 17.38 8.21
N GLU B 222 4.51 18.00 7.55
CA GLU B 222 3.52 18.84 8.20
C GLU B 222 2.16 18.16 8.20
N ASP B 223 1.46 18.24 9.33
CA ASP B 223 0.20 17.54 9.47
C ASP B 223 -0.82 18.02 8.44
N GLY B 224 -1.44 17.06 7.76
CA GLY B 224 -2.48 17.36 6.81
C GLY B 224 -2.02 17.71 5.41
N GLU B 225 -0.71 17.84 5.18
CA GLU B 225 -0.25 18.27 3.87
C GLU B 225 -0.37 17.12 2.87
N ARG B 226 -0.63 17.49 1.61
CA ARG B 226 -0.78 16.51 0.55
C ARG B 226 0.58 15.90 0.22
N VAL B 227 0.60 14.59 0.03
CA VAL B 227 1.83 13.87 -0.30
C VAL B 227 2.06 13.95 -1.81
N LEU B 228 3.17 14.52 -2.18
CA LEU B 228 3.43 14.69 -3.60
C LEU B 228 4.57 13.78 -3.93
N PRO B 229 4.78 13.17 -5.26
CA PRO B 229 5.96 12.45 -5.78
C PRO B 229 7.17 13.37 -5.77
N GLY B 230 8.35 12.75 -5.74
CA GLY B 230 9.57 13.53 -5.73
C GLY B 230 9.80 14.31 -4.45
N HIS B 231 9.14 13.92 -3.37
CA HIS B 231 9.30 14.57 -2.08
C HIS B 231 9.58 13.53 -1.01
N ALA B 232 10.50 13.83 -0.11
CA ALA B 232 10.74 13.02 1.07
C ALA B 232 10.24 13.80 2.29
N TYR B 233 9.39 13.17 3.10
CA TYR B 233 8.82 13.78 4.29
C TYR B 233 9.46 13.15 5.52
N ILE B 234 10.12 13.98 6.34
CA ILE B 234 10.82 13.54 7.55
C ILE B 234 9.92 13.74 8.76
N ALA B 235 9.85 12.71 9.61
CA ALA B 235 8.97 12.77 10.78
C ALA B 235 9.47 13.81 11.76
N PRO B 236 8.59 14.66 12.30
CA PRO B 236 9.01 15.56 13.38
C PRO B 236 9.36 14.76 14.63
N GLY B 237 10.21 15.37 15.46
CA GLY B 237 10.78 14.71 16.62
C GLY B 237 9.81 14.38 17.74
N ALA B 238 8.66 15.06 17.83
CA ALA B 238 7.76 14.84 18.96
C ALA B 238 6.40 14.29 18.51
N ARG B 239 6.34 13.74 17.30
CA ARG B 239 5.07 13.32 16.71
C ARG B 239 5.29 12.07 15.88
N HIS B 240 4.34 11.15 15.94
CA HIS B 240 4.33 10.02 15.02
C HIS B 240 3.96 10.50 13.62
N LEU B 241 4.71 10.04 12.62
CA LEU B 241 4.41 10.31 11.22
C LEU B 241 3.61 9.14 10.65
N GLU B 242 2.50 9.44 10.02
CA GLU B 242 1.60 8.44 9.47
C GLU B 242 1.18 8.83 8.08
N LEU B 243 1.00 7.81 7.23
CA LEU B 243 0.26 7.98 6.00
C LEU B 243 -1.23 7.94 6.30
N ALA B 244 -1.99 8.84 5.69
CA ALA B 244 -3.44 8.83 5.80
C ALA B 244 -4.02 9.13 4.43
N ARG B 245 -5.32 8.94 4.29
CA ARG B 245 -5.97 9.23 3.03
C ARG B 245 -7.14 10.17 3.28
N SER B 246 -7.01 11.44 2.90
CA SER B 246 -8.09 12.39 2.88
C SER B 246 -8.65 12.41 1.46
N GLY B 247 -9.87 11.88 1.34
CA GLY B 247 -10.50 11.79 0.05
C GLY B 247 -9.65 10.98 -0.88
N ALA B 248 -9.28 11.60 -1.98
CA ALA B 248 -8.59 10.90 -3.02
C ALA B 248 -7.08 10.89 -2.86
N ASN B 249 -6.50 11.78 -2.06
CA ASN B 249 -5.05 11.99 -2.03
C ASN B 249 -4.43 11.48 -0.74
N TYR B 250 -3.27 10.84 -0.86
CA TYR B 250 -2.42 10.59 0.28
C TYR B 250 -2.17 11.88 1.04
N GLN B 251 -2.07 11.78 2.37
CA GLN B 251 -1.79 12.94 3.20
C GLN B 251 -0.89 12.54 4.36
N VAL B 252 -0.16 13.53 4.86
CA VAL B 252 0.59 13.37 6.09
C VAL B 252 -0.36 13.52 7.27
N ARG B 253 -0.30 12.58 8.21
CA ARG B 253 -0.96 12.73 9.50
C ARG B 253 0.10 12.69 10.59
N LEU B 254 0.12 13.72 11.43
CA LEU B 254 0.95 13.74 12.63
C LEU B 254 0.11 13.31 13.82
N ASN B 255 0.61 12.35 14.57
CA ASN B 255 -0.12 11.76 15.69
C ASN B 255 0.61 12.09 16.97
N ASP B 256 -0.05 12.83 17.86
CA ASP B 256 0.54 13.19 19.15
C ASP B 256 0.21 12.18 20.25
N GLY B 257 -0.24 11.00 19.88
CA GLY B 257 -0.47 9.93 20.84
C GLY B 257 0.83 9.49 21.48
N PRO B 258 0.74 8.54 22.40
CA PRO B 258 1.89 8.21 23.24
C PRO B 258 2.99 7.51 22.44
N PRO B 259 4.23 7.52 22.94
CA PRO B 259 5.27 6.68 22.35
C PRO B 259 4.95 5.21 22.51
N VAL B 260 5.47 4.40 21.59
CA VAL B 260 5.40 2.94 21.69
C VAL B 260 6.82 2.41 21.84
N ASN B 261 7.07 1.74 22.96
CA ASN B 261 8.42 1.38 23.39
C ASN B 261 9.36 2.58 23.34
N ARG B 262 8.92 3.67 23.99
CA ARG B 262 9.76 4.85 24.19
C ARG B 262 10.18 5.50 22.87
N HIS B 263 9.38 5.34 21.82
CA HIS B 263 9.73 5.86 20.51
C HIS B 263 8.61 6.73 19.99
N ARG B 264 8.92 8.01 19.78
CA ARG B 264 8.04 8.91 19.05
C ARG B 264 8.90 9.96 18.36
N PRO B 265 8.93 10.00 17.02
CA PRO B 265 8.18 9.13 16.10
C PRO B 265 8.62 7.66 16.11
N SER B 266 7.66 6.76 15.92
CA SER B 266 7.92 5.33 15.89
C SER B 266 7.92 4.83 14.45
N VAL B 267 8.94 4.04 14.10
CA VAL B 267 8.98 3.42 12.78
C VAL B 267 7.81 2.47 12.59
N ASP B 268 7.42 1.75 13.65
CA ASP B 268 6.31 0.81 13.54
C ASP B 268 5.03 1.54 13.11
N VAL B 269 4.72 2.66 13.78
CA VAL B 269 3.49 3.38 13.46
C VAL B 269 3.49 3.81 11.99
N LEU B 270 4.63 4.27 11.49
CA LEU B 270 4.71 4.66 10.08
C LEU B 270 4.44 3.47 9.16
N PHE B 271 5.17 2.37 9.37
CA PHE B 271 5.03 1.19 8.53
C PHE B 271 3.60 0.66 8.53
N ARG B 272 2.94 0.67 9.70
CA ARG B 272 1.58 0.18 9.81
C ARG B 272 0.60 1.08 9.06
N SER B 273 0.77 2.39 9.14
CA SER B 273 -0.13 3.27 8.41
C SER B 273 0.09 3.14 6.91
N VAL B 274 1.32 2.86 6.49
CA VAL B 274 1.60 2.70 5.06
C VAL B 274 1.03 1.38 4.56
N ALA B 275 1.15 0.33 5.36
CA ALA B 275 0.55 -0.96 5.01
C ALA B 275 -0.96 -0.82 4.85
N GLN B 276 -1.57 0.02 5.66
CA GLN B 276 -3.02 0.18 5.66
C GLN B 276 -3.50 0.93 4.42
N TYR B 277 -2.86 2.04 4.08
CA TYR B 277 -3.35 2.92 3.03
C TYR B 277 -2.65 2.71 1.69
N ALA B 278 -1.42 2.20 1.67
CA ALA B 278 -0.73 1.96 0.42
C ALA B 278 -0.67 0.48 0.05
N GLY B 279 -0.58 -0.41 1.03
CA GLY B 279 -0.67 -1.84 0.77
C GLY B 279 0.40 -2.33 -0.18
N ARG B 280 -0.03 -3.08 -1.19
CA ARG B 280 0.90 -3.69 -2.14
C ARG B 280 1.65 -2.67 -2.98
N ASN B 281 1.17 -1.42 -3.00
CA ASN B 281 1.81 -0.35 -3.75
C ASN B 281 3.02 0.24 -3.04
N ALA B 282 3.34 -0.23 -1.84
CA ALA B 282 4.41 0.37 -1.05
C ALA B 282 5.66 -0.47 -1.10
N VAL B 283 6.79 0.19 -0.86
CA VAL B 283 8.05 -0.46 -0.54
C VAL B 283 8.49 0.02 0.83
N GLY B 284 8.81 -0.93 1.71
CA GLY B 284 9.30 -0.60 3.04
C GLY B 284 10.79 -0.87 3.14
N VAL B 285 11.50 0.05 3.79
CA VAL B 285 12.95 -0.03 3.93
C VAL B 285 13.31 0.23 5.39
N ILE B 286 13.91 -0.77 6.05
CA ILE B 286 14.39 -0.63 7.42
C ILE B 286 15.91 -0.54 7.39
N LEU B 287 16.45 0.50 8.02
CA LEU B 287 17.88 0.79 7.99
C LEU B 287 18.49 0.64 9.39
N THR B 288 19.79 0.93 9.47
CA THR B 288 20.59 0.79 10.68
C THR B 288 19.91 1.44 11.88
N GLY B 289 20.08 0.80 13.03
CA GLY B 289 19.54 1.32 14.27
C GLY B 289 19.51 0.27 15.36
N MET B 290 19.42 0.75 16.59
CA MET B 290 19.30 -0.12 17.75
C MET B 290 17.84 -0.36 18.07
N GLY B 291 17.57 -1.51 18.67
CA GLY B 291 16.22 -1.85 19.07
C GLY B 291 15.47 -2.63 18.03
N ASN B 292 14.15 -2.68 18.22
CA ASN B 292 13.27 -3.45 17.34
C ASN B 292 12.16 -2.59 16.74
N ASP B 293 12.28 -1.27 16.78
CA ASP B 293 11.29 -0.40 16.16
C ASP B 293 11.30 -0.60 14.64
N GLY B 294 10.12 -0.92 14.09
CA GLY B 294 9.98 -1.20 12.69
C GLY B 294 9.81 -2.67 12.35
N ALA B 295 10.17 -3.56 13.27
CA ALA B 295 10.16 -4.98 12.95
C ALA B 295 8.73 -5.49 12.77
N ALA B 296 7.83 -5.13 13.69
CA ALA B 296 6.44 -5.58 13.61
C ALA B 296 5.69 -4.83 12.53
N GLY B 297 6.00 -3.55 12.33
CA GLY B 297 5.37 -2.79 11.27
C GLY B 297 5.76 -3.26 9.89
N MET B 298 7.01 -3.71 9.72
CA MET B 298 7.44 -4.26 8.45
C MET B 298 6.75 -5.58 8.15
N LEU B 299 6.41 -6.35 9.19
CA LEU B 299 5.66 -7.58 8.95
C LEU B 299 4.24 -7.29 8.50
N GLU B 300 3.60 -6.25 9.06
CA GLU B 300 2.29 -5.87 8.55
C GLU B 300 2.40 -5.36 7.10
N LEU B 301 3.44 -4.59 6.81
CA LEU B 301 3.72 -4.23 5.42
C LEU B 301 3.81 -5.48 4.55
N HIS B 302 4.62 -6.45 4.98
CA HIS B 302 4.81 -7.67 4.18
C HIS B 302 3.49 -8.43 4.02
N GLN B 303 2.69 -8.48 5.08
CA GLN B 303 1.41 -9.18 4.99
C GLN B 303 0.41 -8.47 4.09
N ALA B 304 0.62 -7.18 3.81
CA ALA B 304 -0.24 -6.45 2.89
C ALA B 304 0.27 -6.46 1.46
N GLY B 305 1.34 -7.20 1.17
CA GLY B 305 1.83 -7.32 -0.18
C GLY B 305 2.88 -6.31 -0.57
N ALA B 306 3.37 -5.50 0.36
CA ALA B 306 4.44 -4.57 0.04
C ALA B 306 5.77 -5.30 -0.07
N TYR B 307 6.68 -4.74 -0.86
CA TYR B 307 8.03 -5.27 -0.95
C TYR B 307 8.88 -4.61 0.13
N THR B 308 9.66 -5.41 0.85
CA THR B 308 10.37 -4.93 2.03
C THR B 308 11.86 -5.19 1.90
N LEU B 309 12.66 -4.17 2.23
CA LEU B 309 14.11 -4.23 2.17
C LEU B 309 14.71 -3.94 3.55
N ALA B 310 15.78 -4.65 3.88
CA ALA B 310 16.49 -4.48 5.15
C ALA B 310 17.98 -4.30 4.88
N GLN B 311 18.58 -3.32 5.56
CA GLN B 311 20.00 -3.08 5.39
C GLN B 311 20.81 -4.24 5.98
N ASN B 312 21.86 -4.65 5.27
CA ASN B 312 22.64 -5.80 5.70
C ASN B 312 23.59 -5.43 6.84
N GLU B 313 24.09 -6.46 7.52
CA GLU B 313 24.90 -6.25 8.71
C GLU B 313 26.24 -5.59 8.38
N ALA B 314 26.82 -5.88 7.22
CA ALA B 314 28.15 -5.36 6.93
C ALA B 314 28.15 -3.84 6.79
N SER B 315 27.02 -3.26 6.37
CA SER B 315 26.99 -1.81 6.13
C SER B 315 26.33 -1.03 7.25
N CYS B 316 25.67 -1.71 8.18
CA CYS B 316 24.99 -1.07 9.30
C CYS B 316 26.00 -0.58 10.35
N VAL B 317 25.75 0.62 10.87
CA VAL B 317 26.42 1.01 12.11
C VAL B 317 25.96 0.11 13.25
N VAL B 318 24.66 -0.10 13.35
CA VAL B 318 24.04 -0.97 14.36
C VAL B 318 23.07 -1.89 13.64
N PHE B 319 23.35 -3.20 13.66
CA PHE B 319 22.50 -4.20 13.03
C PHE B 319 21.46 -4.69 14.03
N GLY B 320 20.61 -3.77 14.47
CA GLY B 320 19.57 -4.11 15.40
C GLY B 320 18.22 -4.13 14.72
N MET B 321 17.77 -2.96 14.28
CA MET B 321 16.45 -2.87 13.66
C MET B 321 16.34 -3.74 12.42
N PRO B 322 17.30 -3.75 11.48
CA PRO B 322 17.18 -4.72 10.38
C PRO B 322 17.18 -6.16 10.86
N ARG B 323 17.96 -6.48 11.88
N ARG B 323 17.96 -6.48 11.88
CA ARG B 323 17.99 -7.85 12.40
CA ARG B 323 17.98 -7.86 12.39
C ARG B 323 16.62 -8.26 12.94
C ARG B 323 16.62 -8.27 12.94
N GLU B 324 15.98 -7.40 13.73
CA GLU B 324 14.68 -7.72 14.28
C GLU B 324 13.62 -7.84 13.19
N ALA B 325 13.68 -6.97 12.18
CA ALA B 325 12.74 -7.09 11.06
C ALA B 325 12.93 -8.43 10.35
N ILE B 326 14.17 -8.81 10.06
CA ILE B 326 14.43 -10.10 9.43
C ILE B 326 13.91 -11.24 10.30
N ALA B 327 14.15 -11.16 11.61
CA ALA B 327 13.75 -12.21 12.53
C ALA B 327 12.25 -12.46 12.51
N MET B 328 11.45 -11.40 12.43
CA MET B 328 10.00 -11.53 12.44
C MET B 328 9.44 -12.09 11.13
N GLY B 329 10.25 -12.19 10.09
CA GLY B 329 9.83 -12.85 8.85
C GLY B 329 9.23 -11.95 7.80
N GLY B 330 9.30 -10.63 7.96
CA GLY B 330 8.65 -9.75 7.02
C GLY B 330 9.55 -9.06 6.02
N VAL B 331 10.76 -9.59 5.80
CA VAL B 331 11.75 -8.96 4.94
C VAL B 331 11.91 -9.79 3.66
N ASP B 332 11.66 -9.15 2.51
CA ASP B 332 11.85 -9.84 1.23
C ASP B 332 13.32 -9.98 0.88
N GLU B 333 14.12 -8.96 1.19
CA GLU B 333 15.45 -8.83 0.59
C GLU B 333 16.36 -8.06 1.53
N VAL B 334 17.52 -8.64 1.82
CA VAL B 334 18.56 -7.99 2.59
C VAL B 334 19.59 -7.42 1.62
N VAL B 335 19.90 -6.13 1.76
CA VAL B 335 20.64 -5.41 0.75
C VAL B 335 21.69 -4.51 1.41
N ASP B 336 22.82 -4.36 0.73
CA ASP B 336 23.83 -3.40 1.17
C ASP B 336 23.31 -1.97 1.04
N LEU B 337 23.76 -1.11 1.95
CA LEU B 337 23.30 0.27 1.98
C LEU B 337 23.45 0.96 0.63
N HIS B 338 24.58 0.73 -0.05
CA HIS B 338 24.83 1.42 -1.30
C HIS B 338 23.99 0.88 -2.46
N GLN B 339 23.27 -0.22 -2.25
CA GLN B 339 22.35 -0.76 -3.25
C GLN B 339 20.89 -0.49 -2.93
N VAL B 340 20.58 0.14 -1.80
CA VAL B 340 19.19 0.33 -1.38
C VAL B 340 18.45 1.22 -2.36
N SER B 341 19.08 2.31 -2.81
CA SER B 341 18.43 3.24 -3.73
C SER B 341 18.00 2.54 -5.01
N GLN B 342 18.89 1.75 -5.60
N GLN B 342 18.89 1.76 -5.61
CA GLN B 342 18.59 1.10 -6.87
CA GLN B 342 18.56 1.12 -6.88
C GLN B 342 17.56 -0.01 -6.69
C GLN B 342 17.55 -0.01 -6.70
N ARG B 343 17.61 -0.73 -5.58
CA ARG B 343 16.71 -1.87 -5.39
C ARG B 343 15.28 -1.40 -5.13
N MET B 344 15.10 -0.34 -4.34
CA MET B 344 13.75 0.12 -4.04
C MET B 344 13.12 0.81 -5.25
N LEU B 345 13.92 1.50 -6.07
CA LEU B 345 13.37 2.10 -7.29
C LEU B 345 13.02 1.04 -8.32
N ALA B 346 13.84 -0.01 -8.42
CA ALA B 346 13.52 -1.10 -9.35
C ALA B 346 12.24 -1.83 -8.92
N GLN B 347 12.03 -2.00 -7.61
CA GLN B 347 10.84 -2.71 -7.16
C GLN B 347 9.59 -1.85 -7.31
N ILE B 348 9.69 -0.56 -7.01
CA ILE B 348 8.56 0.33 -7.27
C ILE B 348 8.31 0.46 -8.77
N SER B 349 9.34 0.24 -9.60
CA SER B 349 9.16 0.29 -11.06
C SER B 349 8.46 -0.96 -11.59
N ALA B 350 8.71 -2.12 -10.98
CA ALA B 350 8.15 -3.36 -11.49
C ALA B 350 6.63 -3.39 -11.42
N GLY B 351 6.05 -2.80 -10.37
CA GLY B 351 4.62 -2.64 -10.27
C GLY B 351 4.04 -1.58 -11.18
N GLN B 352 4.92 -0.93 -11.94
CA GLN B 352 4.52 0.11 -12.91
C GLN B 352 5.32 -0.08 -14.21
N ALA B 353 5.28 -1.31 -14.75
CA ALA B 353 6.26 -1.70 -15.77
C ALA B 353 5.77 -1.39 -17.20
N LEU B 354 5.52 -0.11 -17.45
CA LEU B 354 5.17 0.36 -18.79
C LEU B 354 5.92 1.66 -19.07
N ARG B 355 6.45 1.73 -20.29
N ARG B 355 6.54 1.74 -20.24
CA ARG B 355 7.52 2.64 -20.66
CA ARG B 355 7.55 2.76 -20.52
C ARG B 355 7.03 3.90 -21.35
C ARG B 355 7.04 3.94 -21.32
N ILE B 356 5.74 4.21 -21.26
CA ILE B 356 5.16 5.40 -21.91
C ILE B 356 5.53 5.50 -23.39
N MET C 7 -41.72 61.47 23.45
CA MET C 7 -41.92 60.28 22.63
C MET C 7 -42.46 59.12 23.48
N SER C 8 -43.08 58.15 22.80
CA SER C 8 -43.54 56.95 23.46
C SER C 8 -42.37 56.05 23.85
N LYS C 9 -42.67 55.07 24.70
CA LYS C 9 -41.74 53.98 24.94
C LYS C 9 -42.04 52.83 23.99
N ILE C 10 -40.99 52.10 23.61
CA ILE C 10 -41.17 50.94 22.74
C ILE C 10 -41.89 49.85 23.52
N ARG C 11 -43.02 49.39 22.99
CA ARG C 11 -43.84 48.37 23.64
C ARG C 11 -43.34 46.99 23.22
N VAL C 12 -42.82 46.24 24.19
CA VAL C 12 -42.21 44.94 23.93
C VAL C 12 -43.09 43.85 24.54
N LEU C 13 -43.27 42.75 23.80
CA LEU C 13 -43.89 41.53 24.31
C LEU C 13 -42.84 40.43 24.30
N CYS C 14 -42.74 39.69 25.41
CA CYS C 14 -41.71 38.67 25.58
C CYS C 14 -42.35 37.30 25.71
N VAL C 15 -41.95 36.38 24.85
CA VAL C 15 -42.45 35.01 24.87
C VAL C 15 -41.29 34.12 25.27
N ASP C 16 -41.40 33.50 26.45
CA ASP C 16 -40.37 32.59 26.91
C ASP C 16 -41.00 31.53 27.82
N ASP C 17 -40.58 30.30 27.63
CA ASP C 17 -41.11 29.19 28.42
C ASP C 17 -40.68 29.27 29.88
N SER C 18 -39.59 29.95 30.18
CA SER C 18 -39.03 29.97 31.52
C SER C 18 -39.62 31.13 32.32
N ALA C 19 -40.20 30.82 33.48
CA ALA C 19 -40.78 31.86 34.32
C ALA C 19 -39.70 32.81 34.82
N LEU C 20 -38.51 32.27 35.11
CA LEU C 20 -37.42 33.14 35.54
C LEU C 20 -37.02 34.10 34.44
N MET C 21 -36.87 33.61 33.20
CA MET C 21 -36.51 34.46 32.07
C MET C 21 -37.57 35.51 31.79
N ARG C 22 -38.86 35.15 31.92
CA ARG C 22 -39.90 36.15 31.69
C ARG C 22 -39.76 37.32 32.66
N GLN C 23 -39.34 37.05 33.90
CA GLN C 23 -39.07 38.13 34.85
C GLN C 23 -37.73 38.80 34.60
N ILE C 24 -36.72 38.05 34.15
CA ILE C 24 -35.43 38.64 33.80
C ILE C 24 -35.59 39.63 32.65
N MET C 25 -36.31 39.21 31.60
CA MET C 25 -36.57 40.10 30.49
C MET C 25 -37.34 41.33 30.95
N THR C 26 -38.25 41.16 31.90
CA THR C 26 -39.06 42.29 32.38
C THR C 26 -38.18 43.31 33.07
N GLU C 27 -37.24 42.86 33.90
CA GLU C 27 -36.38 43.83 34.56
C GLU C 27 -35.35 44.42 33.62
N ILE C 28 -34.82 43.62 32.70
CA ILE C 28 -33.82 44.14 31.76
C ILE C 28 -34.42 45.26 30.92
N ILE C 29 -35.60 45.01 30.35
CA ILE C 29 -36.19 45.94 29.41
C ILE C 29 -36.76 47.16 30.12
N ASN C 30 -37.42 46.96 31.26
CA ASN C 30 -37.99 48.09 31.98
C ASN C 30 -36.94 49.00 32.59
N SER C 31 -35.74 48.48 32.86
CA SER C 31 -34.67 49.32 33.37
C SER C 31 -34.15 50.30 32.32
N HIS C 32 -34.47 50.09 31.04
CA HIS C 32 -34.10 51.10 30.06
C HIS C 32 -35.25 52.10 29.90
N PRO C 33 -34.94 53.38 29.70
CA PRO C 33 -35.98 54.41 29.78
C PRO C 33 -36.86 54.51 28.55
N ASP C 34 -36.41 54.00 27.40
CA ASP C 34 -37.14 54.17 26.14
C ASP C 34 -37.92 52.93 25.73
N MET C 35 -38.17 52.01 26.66
CA MET C 35 -38.85 50.76 26.32
C MET C 35 -39.52 50.21 27.57
N GLU C 36 -40.54 49.38 27.34
CA GLU C 36 -41.22 48.73 28.45
C GLU C 36 -41.85 47.43 27.97
N VAL C 37 -41.92 46.46 28.88
CA VAL C 37 -42.59 45.20 28.60
C VAL C 37 -44.07 45.38 28.90
N VAL C 38 -44.90 45.32 27.85
CA VAL C 38 -46.33 45.48 28.04
C VAL C 38 -47.03 44.16 28.32
N ALA C 39 -46.36 43.03 28.09
CA ALA C 39 -46.93 41.71 28.34
C ALA C 39 -45.86 40.65 28.17
N THR C 40 -46.02 39.54 28.88
CA THR C 40 -45.21 38.34 28.71
C THR C 40 -46.14 37.15 28.56
N ALA C 41 -45.62 36.09 27.92
CA ALA C 41 -46.42 34.91 27.67
C ALA C 41 -45.49 33.71 27.67
N PRO C 42 -45.93 32.57 28.23
CA PRO C 42 -45.07 31.38 28.20
C PRO C 42 -45.13 30.61 26.90
N ASP C 43 -46.15 30.81 26.08
CA ASP C 43 -46.31 30.04 24.85
C ASP C 43 -47.00 30.92 23.82
N PRO C 44 -46.97 30.50 22.55
CA PRO C 44 -47.61 31.31 21.48
C PRO C 44 -49.12 31.45 21.59
N LEU C 45 -49.82 30.52 22.25
N LEU C 45 -49.81 30.53 22.26
CA LEU C 45 -51.26 30.66 22.40
CA LEU C 45 -51.26 30.65 22.40
C LEU C 45 -51.62 31.89 23.22
C LEU C 45 -51.63 31.87 23.22
N VAL C 46 -50.99 32.02 24.38
CA VAL C 46 -51.26 33.19 25.22
C VAL C 46 -50.73 34.45 24.57
N ALA C 47 -49.61 34.35 23.85
CA ALA C 47 -49.07 35.50 23.16
C ALA C 47 -50.06 36.04 22.13
N ARG C 48 -50.81 35.15 21.49
CA ARG C 48 -51.76 35.53 20.45
C ARG C 48 -52.70 36.65 20.91
N ASP C 49 -53.44 36.41 22.00
CA ASP C 49 -54.41 37.41 22.43
C ASP C 49 -53.76 38.60 23.12
N LEU C 50 -52.59 38.40 23.73
CA LEU C 50 -51.87 39.53 24.31
C LEU C 50 -51.38 40.48 23.23
N ILE C 51 -51.02 39.95 22.05
CA ILE C 51 -50.68 40.80 20.92
C ILE C 51 -51.89 41.64 20.51
N LYS C 52 -53.07 41.04 20.51
CA LYS C 52 -54.28 41.76 20.14
C LYS C 52 -54.65 42.81 21.19
N LYS C 53 -54.42 42.52 22.47
N LYS C 53 -54.41 42.51 22.47
CA LYS C 53 -54.84 43.46 23.50
CA LYS C 53 -54.83 43.42 23.52
C LYS C 53 -53.85 44.61 23.64
C LYS C 53 -53.86 44.58 23.70
N PHE C 54 -52.55 44.33 23.63
CA PHE C 54 -51.55 45.33 23.98
C PHE C 54 -50.78 45.90 22.81
N ASN C 55 -50.96 45.35 21.61
CA ASN C 55 -50.35 45.87 20.39
C ASN C 55 -48.85 46.16 20.53
N PRO C 56 -48.03 45.16 20.84
CA PRO C 56 -46.59 45.40 20.97
C PRO C 56 -45.98 45.82 19.65
N GLN C 57 -44.94 46.65 19.75
CA GLN C 57 -44.16 47.02 18.58
C GLN C 57 -43.05 46.03 18.29
N VAL C 58 -42.55 45.34 19.31
CA VAL C 58 -41.45 44.40 19.16
C VAL C 58 -41.76 43.14 19.96
N LEU C 59 -41.43 42.00 19.40
CA LEU C 59 -41.63 40.71 20.04
C LEU C 59 -40.27 40.06 20.26
N THR C 60 -40.02 39.59 21.47
CA THR C 60 -38.89 38.69 21.72
C THR C 60 -39.44 37.27 21.88
N LEU C 61 -38.79 36.32 21.21
CA LEU C 61 -39.33 34.96 21.09
C LEU C 61 -38.19 33.96 21.33
N ASP C 62 -38.35 33.13 22.34
CA ASP C 62 -37.35 32.11 22.65
C ASP C 62 -37.53 30.89 21.77
N VAL C 63 -36.41 30.27 21.39
CA VAL C 63 -36.45 29.12 20.50
C VAL C 63 -37.07 27.91 21.19
N GLU C 64 -36.66 27.63 22.43
CA GLU C 64 -37.02 26.40 23.10
C GLU C 64 -38.42 26.51 23.69
N MET C 65 -39.39 25.81 23.10
CA MET C 65 -40.73 25.69 23.67
C MET C 65 -41.18 24.23 23.59
N PRO C 66 -41.44 23.58 24.73
CA PRO C 66 -41.59 22.12 24.74
C PRO C 66 -42.93 21.61 24.19
N ARG C 67 -44.04 22.14 24.69
N ARG C 67 -44.03 22.15 24.70
CA ARG C 67 -45.35 21.64 24.30
CA ARG C 67 -45.36 21.69 24.33
C ARG C 67 -45.86 22.27 23.00
C ARG C 67 -45.87 22.28 23.02
N MET C 68 -45.16 23.26 22.46
CA MET C 68 -45.63 24.02 21.32
C MET C 68 -44.57 24.05 20.23
N ASP C 69 -44.98 24.47 19.03
CA ASP C 69 -44.06 24.71 17.91
C ASP C 69 -44.04 26.20 17.60
N GLY C 70 -43.06 26.91 18.14
CA GLY C 70 -42.93 28.34 17.94
C GLY C 70 -42.69 28.78 16.51
N LEU C 71 -42.11 27.91 15.68
CA LEU C 71 -41.85 28.27 14.28
C LEU C 71 -43.14 28.36 13.49
N ASP C 72 -44.09 27.47 13.75
CA ASP C 72 -45.41 27.60 13.15
C ASP C 72 -46.08 28.90 13.59
N PHE C 73 -45.91 29.26 14.87
CA PHE C 73 -46.43 30.54 15.34
C PHE C 73 -45.76 31.71 14.61
N LEU C 74 -44.44 31.63 14.45
CA LEU C 74 -43.73 32.70 13.75
C LEU C 74 -44.13 32.75 12.28
N GLU C 75 -44.31 31.60 11.65
CA GLU C 75 -44.77 31.56 10.26
C GLU C 75 -46.13 32.22 10.12
N LYS C 76 -47.07 31.87 11.01
N LYS C 76 -47.06 31.87 11.01
CA LYS C 76 -48.41 32.44 10.94
CA LYS C 76 -48.40 32.43 10.96
C LYS C 76 -48.39 33.93 11.26
C LYS C 76 -48.39 33.92 11.25
N LEU C 77 -47.59 34.34 12.23
CA LEU C 77 -47.54 35.75 12.61
C LEU C 77 -46.95 36.60 11.48
N MET C 78 -45.87 36.14 10.87
CA MET C 78 -45.19 36.98 9.88
C MET C 78 -46.01 37.22 8.63
N ARG C 79 -47.00 36.38 8.33
CA ARG C 79 -47.79 36.58 7.13
C ARG C 79 -49.20 37.07 7.37
N LEU C 80 -49.75 36.87 8.57
CA LEU C 80 -51.06 37.42 8.91
C LEU C 80 -50.97 38.73 9.68
N ARG C 81 -49.95 38.91 10.52
N ARG C 81 -49.92 38.92 10.48
CA ARG C 81 -49.75 40.15 11.26
CA ARG C 81 -49.74 40.14 11.27
C ARG C 81 -48.25 40.37 11.45
C ARG C 81 -48.25 40.38 11.46
N PRO C 82 -47.54 40.69 10.37
CA PRO C 82 -46.08 40.80 10.46
C PRO C 82 -45.64 41.92 11.41
N MET C 83 -44.64 41.62 12.23
CA MET C 83 -44.09 42.58 13.18
C MET C 83 -42.63 42.21 13.41
N PRO C 84 -41.83 43.14 13.96
CA PRO C 84 -40.43 42.80 14.26
C PRO C 84 -40.33 41.77 15.37
N VAL C 85 -39.51 40.75 15.14
CA VAL C 85 -39.37 39.63 16.06
C VAL C 85 -37.89 39.38 16.29
N VAL C 86 -37.45 39.52 17.53
CA VAL C 86 -36.08 39.22 17.92
C VAL C 86 -36.08 37.87 18.62
N MET C 87 -35.41 36.88 18.03
CA MET C 87 -35.31 35.57 18.65
C MET C 87 -34.32 35.60 19.81
N VAL C 88 -34.61 34.78 20.82
CA VAL C 88 -33.68 34.53 21.91
C VAL C 88 -33.27 33.07 21.82
N SER C 89 -31.98 32.82 21.63
N SER C 89 -31.98 32.83 21.62
CA SER C 89 -31.48 31.49 21.36
CA SER C 89 -31.46 31.50 21.35
C SER C 89 -30.39 31.12 22.35
C SER C 89 -30.39 31.12 22.36
N SER C 90 -30.23 29.81 22.55
CA SER C 90 -29.10 29.28 23.29
C SER C 90 -28.01 28.94 22.29
N LEU C 91 -26.76 29.09 22.72
CA LEU C 91 -25.61 28.84 21.85
C LEU C 91 -25.37 27.33 21.76
N THR C 92 -26.33 26.64 21.14
CA THR C 92 -26.26 25.22 20.85
C THR C 92 -26.51 24.99 19.37
N GLY C 93 -26.27 23.76 18.94
CA GLY C 93 -26.43 23.44 17.52
C GLY C 93 -27.87 23.44 17.06
N LYS C 94 -28.76 22.84 17.86
N LYS C 94 -28.77 22.85 17.85
CA LYS C 94 -30.18 22.82 17.51
CA LYS C 94 -30.17 22.84 17.45
C LYS C 94 -30.77 24.22 17.59
C LYS C 94 -30.83 24.20 17.63
N GLY C 95 -30.31 25.04 18.53
CA GLY C 95 -30.75 26.42 18.59
C GLY C 95 -30.25 27.21 17.40
N SER C 96 -29.05 26.88 16.91
CA SER C 96 -28.55 27.47 15.67
C SER C 96 -29.50 27.21 14.51
N GLU C 97 -29.91 25.94 14.33
N GLU C 97 -29.90 25.94 14.32
CA GLU C 97 -30.75 25.59 13.19
CA GLU C 97 -30.75 25.58 13.20
C GLU C 97 -32.14 26.22 13.31
C GLU C 97 -32.12 26.24 13.31
N ILE C 98 -32.69 26.23 14.52
CA ILE C 98 -34.01 26.84 14.73
C ILE C 98 -33.93 28.35 14.49
N THR C 99 -32.88 28.99 14.98
CA THR C 99 -32.73 30.44 14.81
C THR C 99 -32.63 30.80 13.33
N LEU C 100 -31.77 30.10 12.58
CA LEU C 100 -31.65 30.36 11.16
C LEU C 100 -32.97 30.13 10.43
N ARG C 101 -33.69 29.07 10.80
CA ARG C 101 -35.02 28.87 10.22
C ARG C 101 -35.94 30.02 10.57
N ALA C 102 -35.86 30.53 11.81
CA ALA C 102 -36.70 31.66 12.18
C ALA C 102 -36.38 32.90 11.36
N LEU C 103 -35.10 33.12 11.06
CA LEU C 103 -34.72 34.23 10.20
C LEU C 103 -35.31 34.06 8.80
N GLU C 104 -35.30 32.83 8.28
CA GLU C 104 -35.92 32.58 6.98
C GLU C 104 -37.41 32.89 7.00
N LEU C 105 -38.07 32.62 8.13
CA LEU C 105 -39.51 32.88 8.22
C LEU C 105 -39.83 34.35 8.45
N GLY C 106 -38.83 35.21 8.64
CA GLY C 106 -39.09 36.64 8.73
C GLY C 106 -38.69 37.28 10.04
N ALA C 107 -38.18 36.53 11.01
CA ALA C 107 -37.58 37.17 12.18
C ALA C 107 -36.42 38.05 11.74
N ILE C 108 -36.25 39.17 12.44
N ILE C 108 -36.20 39.12 12.49
CA ILE C 108 -35.30 40.19 12.00
CA ILE C 108 -35.34 40.21 12.05
C ILE C 108 -33.91 39.96 12.58
C ILE C 108 -33.93 40.07 12.61
N ASP C 109 -33.80 39.55 13.83
CA ASP C 109 -32.51 39.39 14.46
C ASP C 109 -32.63 38.37 15.58
N PHE C 110 -31.51 38.14 16.25
CA PHE C 110 -31.51 37.20 17.35
C PHE C 110 -30.43 37.59 18.35
N VAL C 111 -30.63 37.11 19.56
CA VAL C 111 -29.71 37.27 20.69
C VAL C 111 -29.40 35.88 21.23
N THR C 112 -28.17 35.68 21.67
CA THR C 112 -27.79 34.45 22.36
C THR C 112 -27.64 34.75 23.85
N LYS C 113 -28.22 33.88 24.68
CA LYS C 113 -28.11 34.03 26.12
C LYS C 113 -26.68 33.72 26.58
N PRO C 114 -25.98 34.66 27.21
CA PRO C 114 -24.79 34.31 27.98
C PRO C 114 -25.23 33.77 29.32
N GLN C 115 -24.25 33.33 30.11
N GLN C 115 -24.26 33.30 30.11
CA GLN C 115 -24.52 32.85 31.46
CA GLN C 115 -24.59 32.79 31.44
C GLN C 115 -24.90 34.03 32.35
C GLN C 115 -24.90 33.98 32.35
N LEU C 116 -26.18 34.12 32.71
CA LEU C 116 -26.65 35.25 33.49
C LEU C 116 -26.44 35.09 34.98
N GLY C 117 -26.01 33.91 35.45
CA GLY C 117 -25.57 33.78 36.82
C GLY C 117 -24.38 34.65 37.17
N ILE C 118 -23.55 35.00 36.18
CA ILE C 118 -22.45 35.95 36.35
C ILE C 118 -22.99 37.35 36.05
N ARG C 119 -22.66 38.32 36.91
CA ARG C 119 -23.24 39.65 36.80
C ARG C 119 -22.82 40.35 35.51
N GLU C 120 -21.60 40.13 35.04
CA GLU C 120 -21.16 40.78 33.81
C GLU C 120 -21.88 40.21 32.59
N GLY C 121 -22.24 38.93 32.62
CA GLY C 121 -23.07 38.38 31.57
C GLY C 121 -24.47 38.97 31.56
N MET C 122 -25.00 39.31 32.74
CA MET C 122 -26.35 39.86 32.82
C MET C 122 -26.42 41.26 32.22
N LEU C 123 -25.41 42.10 32.48
CA LEU C 123 -25.43 43.46 31.97
C LEU C 123 -25.04 43.51 30.50
N ALA C 124 -24.15 42.62 30.05
CA ALA C 124 -23.86 42.53 28.64
C ALA C 124 -25.12 42.12 27.86
N TYR C 125 -25.82 41.11 28.37
CA TYR C 125 -27.09 40.71 27.78
C TYR C 125 -28.09 41.85 27.84
N SER C 126 -28.11 42.61 28.94
CA SER C 126 -29.04 43.71 29.09
C SER C 126 -28.83 44.77 28.00
N GLU C 127 -27.56 45.13 27.74
CA GLU C 127 -27.29 46.17 26.75
C GLU C 127 -27.57 45.69 25.35
N LEU C 128 -27.35 44.41 25.07
CA LEU C 128 -27.58 43.88 23.73
C LEU C 128 -29.07 43.71 23.45
N ILE C 129 -29.86 43.34 24.46
CA ILE C 129 -31.30 43.25 24.31
C ILE C 129 -31.88 44.63 23.98
N ALA C 130 -31.44 45.65 24.72
CA ALA C 130 -31.93 47.00 24.46
C ALA C 130 -31.50 47.49 23.08
N GLU C 131 -30.30 47.12 22.65
CA GLU C 131 -29.83 47.50 21.32
C GLU C 131 -30.71 46.88 20.24
N LYS C 132 -31.01 45.58 20.37
CA LYS C 132 -31.84 44.90 19.38
C LYS C 132 -33.27 45.42 19.37
N ILE C 133 -33.77 45.85 20.52
CA ILE C 133 -35.15 46.32 20.58
C ILE C 133 -35.28 47.69 19.92
N ARG C 134 -34.33 48.60 20.19
CA ARG C 134 -34.32 49.89 19.51
C ARG C 134 -34.21 49.72 18.00
N MET C 135 -33.30 48.84 17.56
CA MET C 135 -33.18 48.56 16.12
C MET C 135 -34.50 48.02 15.57
N ALA C 136 -35.06 47.00 16.25
CA ALA C 136 -36.25 46.33 15.73
C ALA C 136 -37.44 47.27 15.58
N ALA C 137 -37.57 48.24 16.49
CA ALA C 137 -38.69 49.18 16.43
C ALA C 137 -38.64 50.06 15.19
N LYS C 138 -37.49 50.20 14.54
CA LYS C 138 -37.35 51.05 13.38
C LYS C 138 -37.11 50.29 12.09
N ALA C 139 -36.91 48.98 12.15
CA ALA C 139 -36.47 48.23 10.98
C ALA C 139 -37.61 47.99 9.99
N ARG C 140 -37.24 47.79 8.73
CA ARG C 140 -38.19 47.39 7.71
C ARG C 140 -38.32 45.88 7.70
N LEU C 141 -39.56 45.40 7.59
CA LEU C 141 -39.77 43.96 7.65
C LEU C 141 -39.58 43.34 6.27
N PRO C 142 -38.98 42.14 6.19
CA PRO C 142 -38.71 41.45 4.93
C PRO C 142 -39.88 40.61 4.43
N LYS C 152 -33.76 30.50 -9.96
CA LYS C 152 -33.36 30.96 -11.30
C LYS C 152 -31.88 31.37 -11.31
N ILE C 153 -31.06 30.51 -11.90
CA ILE C 153 -29.62 30.69 -11.89
C ILE C 153 -29.21 31.67 -12.99
N ILE C 154 -28.32 32.60 -12.66
CA ILE C 154 -27.74 33.49 -13.64
C ILE C 154 -26.95 32.67 -14.66
N GLN C 155 -27.20 32.92 -15.94
CA GLN C 155 -26.66 32.09 -17.02
C GLN C 155 -25.43 32.73 -17.67
N HIS C 156 -24.66 31.88 -18.33
CA HIS C 156 -23.58 32.29 -19.24
C HIS C 156 -22.48 33.09 -18.53
N MET C 157 -22.30 32.86 -17.24
CA MET C 157 -21.26 33.56 -16.50
C MET C 157 -19.91 32.92 -16.79
N PRO C 158 -18.98 33.64 -17.41
CA PRO C 158 -17.68 33.05 -17.71
C PRO C 158 -16.84 32.91 -16.45
N LEU C 159 -15.95 31.92 -16.45
CA LEU C 159 -15.01 31.76 -15.35
C LEU C 159 -13.91 32.81 -15.49
N LEU C 160 -13.78 33.66 -14.48
CA LEU C 160 -12.79 34.71 -14.49
C LEU C 160 -11.46 34.19 -13.94
N SER C 161 -10.43 35.02 -14.04
CA SER C 161 -9.17 34.71 -13.38
C SER C 161 -9.36 34.50 -11.89
N SER C 162 -8.56 33.61 -11.32
CA SER C 162 -8.66 33.35 -9.90
C SER C 162 -8.20 34.55 -9.06
N GLU C 163 -7.66 35.58 -9.70
CA GLU C 163 -7.36 36.84 -9.02
C GLU C 163 -8.62 37.62 -8.67
N LYS C 164 -9.74 37.32 -9.32
CA LYS C 164 -10.97 38.05 -9.05
C LYS C 164 -11.64 37.57 -7.77
N LEU C 165 -12.15 38.51 -6.99
CA LEU C 165 -12.68 38.21 -5.67
C LEU C 165 -13.77 39.21 -5.32
N ILE C 166 -14.83 38.73 -4.68
CA ILE C 166 -15.89 39.60 -4.17
C ILE C 166 -15.89 39.52 -2.64
N ALA C 167 -15.96 40.68 -1.98
CA ALA C 167 -16.05 40.75 -0.52
C ALA C 167 -17.40 41.30 -0.12
N ILE C 168 -18.05 40.65 0.85
CA ILE C 168 -19.38 41.03 1.30
C ILE C 168 -19.39 41.15 2.82
N GLY C 169 -20.03 42.21 3.32
CA GLY C 169 -20.27 42.34 4.75
C GLY C 169 -21.74 42.63 5.03
N ALA C 170 -22.20 42.15 6.19
CA ALA C 170 -23.59 42.34 6.57
C ALA C 170 -23.76 42.16 8.07
N SER C 171 -24.87 42.70 8.57
CA SER C 171 -25.28 42.49 9.95
C SER C 171 -26.76 42.13 9.99
N THR C 172 -27.55 42.92 10.73
CA THR C 172 -28.98 42.64 10.90
C THR C 172 -29.69 42.56 9.54
N GLY C 173 -30.40 41.45 9.33
CA GLY C 173 -31.00 41.14 8.05
C GLY C 173 -30.07 40.46 7.07
N GLY C 174 -28.80 40.29 7.42
CA GLY C 174 -27.81 39.86 6.45
C GLY C 174 -27.87 38.39 6.07
N THR C 175 -28.39 37.54 6.96
CA THR C 175 -28.50 36.13 6.60
C THR C 175 -29.45 35.95 5.43
N GLU C 176 -30.53 36.74 5.41
CA GLU C 176 -31.48 36.67 4.29
C GLU C 176 -30.95 37.42 3.08
N ALA C 177 -30.34 38.59 3.29
CA ALA C 177 -29.74 39.33 2.18
C ALA C 177 -28.67 38.48 1.48
N ILE C 178 -27.78 37.86 2.25
CA ILE C 178 -26.73 37.04 1.67
C ILE C 178 -27.31 35.85 0.92
N ARG C 179 -28.33 35.21 1.51
CA ARG C 179 -28.98 34.10 0.81
C ARG C 179 -29.55 34.54 -0.53
N HIS C 180 -30.20 35.71 -0.57
CA HIS C 180 -30.72 36.23 -1.82
C HIS C 180 -29.62 36.49 -2.84
N VAL C 181 -28.45 36.94 -2.37
CA VAL C 181 -27.37 37.27 -3.29
C VAL C 181 -26.67 36.02 -3.80
N LEU C 182 -26.55 34.98 -2.95
CA LEU C 182 -25.78 33.81 -3.34
C LEU C 182 -26.61 32.81 -4.12
N GLN C 183 -27.90 32.72 -3.83
CA GLN C 183 -28.77 31.69 -4.42
C GLN C 183 -28.69 31.62 -5.95
N PRO C 184 -28.77 32.72 -6.70
CA PRO C 184 -28.68 32.61 -8.17
C PRO C 184 -27.27 32.56 -8.74
N LEU C 185 -26.23 32.48 -7.92
CA LEU C 185 -24.85 32.50 -8.45
C LEU C 185 -24.53 31.18 -9.13
N PRO C 186 -23.97 31.19 -10.33
CA PRO C 186 -23.57 29.96 -11.01
C PRO C 186 -22.24 29.44 -10.46
N PRO C 187 -21.85 28.20 -10.80
CA PRO C 187 -20.59 27.66 -10.27
C PRO C 187 -19.35 28.35 -10.80
N THR C 188 -19.44 29.13 -11.87
CA THR C 188 -18.29 29.86 -12.39
C THR C 188 -18.11 31.22 -11.74
N SER C 189 -18.87 31.51 -10.69
CA SER C 189 -18.73 32.78 -10.01
C SER C 189 -17.34 32.86 -9.36
N PRO C 190 -16.75 34.05 -9.29
CA PRO C 190 -15.49 34.20 -8.55
C PRO C 190 -15.70 33.93 -7.06
N ALA C 191 -14.58 33.69 -6.38
CA ALA C 191 -14.60 33.49 -4.93
C ALA C 191 -15.28 34.66 -4.22
N LEU C 192 -15.92 34.35 -3.11
CA LEU C 192 -16.56 35.35 -2.27
C LEU C 192 -16.07 35.17 -0.85
N LEU C 193 -15.65 36.27 -0.24
CA LEU C 193 -15.35 36.33 1.18
C LEU C 193 -16.48 37.09 1.84
N ILE C 194 -17.09 36.49 2.86
CA ILE C 194 -18.30 37.05 3.44
C ILE C 194 -18.12 37.12 4.95
N THR C 195 -18.25 38.32 5.50
CA THR C 195 -18.24 38.50 6.94
C THR C 195 -19.64 38.93 7.38
N GLN C 196 -20.27 38.08 8.18
CA GLN C 196 -21.59 38.34 8.72
C GLN C 196 -21.50 38.35 10.24
N HIS C 197 -21.99 39.40 10.88
CA HIS C 197 -21.94 39.47 12.34
C HIS C 197 -22.75 38.35 12.94
N MET C 198 -22.07 37.47 13.68
CA MET C 198 -22.71 36.24 14.12
C MET C 198 -21.84 35.60 15.19
N PRO C 199 -22.43 34.97 16.20
CA PRO C 199 -21.64 34.28 17.21
C PRO C 199 -21.01 33.02 16.65
N PRO C 200 -19.96 32.50 17.31
CA PRO C 200 -19.35 31.25 16.85
C PRO C 200 -20.35 30.10 16.91
N GLY C 201 -20.13 29.10 16.06
CA GLY C 201 -21.06 27.98 15.95
C GLY C 201 -22.25 28.23 15.05
N PHE C 202 -22.90 29.38 15.21
CA PHE C 202 -23.97 29.75 14.28
C PHE C 202 -23.43 29.87 12.86
N THR C 203 -22.20 30.38 12.71
CA THR C 203 -21.65 30.62 11.39
C THR C 203 -21.49 29.32 10.60
N LYS C 204 -21.17 28.23 11.28
N LYS C 204 -21.17 28.22 11.28
CA LYS C 204 -21.05 26.93 10.63
CA LYS C 204 -21.05 26.94 10.58
C LYS C 204 -22.39 26.46 10.09
C LYS C 204 -22.40 26.46 10.08
N SER C 205 -23.44 26.53 10.92
CA SER C 205 -24.78 26.15 10.49
C SER C 205 -25.31 27.09 9.41
N PHE C 206 -24.95 28.38 9.50
CA PHE C 206 -25.30 29.32 8.46
C PHE C 206 -24.68 28.90 7.12
N ALA C 207 -23.38 28.62 7.13
CA ALA C 207 -22.69 28.20 5.91
C ALA C 207 -23.28 26.91 5.35
N GLU C 208 -23.62 25.96 6.21
CA GLU C 208 -24.12 24.67 5.71
C GLU C 208 -25.53 24.81 5.15
N ARG C 209 -26.37 25.66 5.76
CA ARG C 209 -27.70 25.90 5.20
C ARG C 209 -27.61 26.60 3.85
N LEU C 210 -26.71 27.59 3.73
CA LEU C 210 -26.54 28.26 2.44
C LEU C 210 -26.03 27.28 1.39
N ASN C 211 -25.15 26.36 1.80
CA ASN C 211 -24.56 25.46 0.83
C ASN C 211 -25.61 24.59 0.17
N LYS C 212 -26.61 24.15 0.95
N LYS C 212 -26.62 24.15 0.93
CA LYS C 212 -27.69 23.34 0.39
CA LYS C 212 -27.67 23.32 0.35
C LYS C 212 -28.52 24.13 -0.63
C LYS C 212 -28.55 24.13 -0.60
N LEU C 213 -28.63 25.45 -0.44
CA LEU C 213 -29.45 26.29 -1.29
C LEU C 213 -28.72 26.85 -2.51
N CYS C 214 -27.40 26.70 -2.59
CA CYS C 214 -26.63 27.36 -3.64
C CYS C 214 -25.95 26.36 -4.57
N GLN C 215 -25.78 26.81 -5.82
CA GLN C 215 -24.95 26.07 -6.77
C GLN C 215 -23.48 26.16 -6.38
N ILE C 216 -23.03 27.33 -5.92
CA ILE C 216 -21.66 27.44 -5.46
C ILE C 216 -21.48 26.65 -4.17
N THR C 217 -20.22 26.36 -3.84
CA THR C 217 -19.89 25.75 -2.56
C THR C 217 -19.78 26.84 -1.50
N VAL C 218 -20.59 26.74 -0.45
CA VAL C 218 -20.52 27.66 0.68
C VAL C 218 -19.96 26.91 1.89
N LYS C 219 -18.98 27.50 2.56
CA LYS C 219 -18.39 26.87 3.72
C LYS C 219 -17.91 27.94 4.70
N GLU C 220 -17.72 27.50 5.95
CA GLU C 220 -17.02 28.34 6.91
C GLU C 220 -15.55 28.39 6.55
N ALA C 221 -14.98 29.60 6.54
CA ALA C 221 -13.58 29.77 6.15
C ALA C 221 -12.65 29.07 7.14
N GLU C 222 -11.64 28.39 6.61
CA GLU C 222 -10.66 27.69 7.42
C GLU C 222 -9.30 28.32 7.22
N ASP C 223 -8.59 28.55 8.32
CA ASP C 223 -7.32 29.26 8.25
C ASP C 223 -6.35 28.56 7.31
N GLY C 224 -5.78 29.32 6.38
CA GLY C 224 -4.75 28.82 5.50
C GLY C 224 -5.22 28.16 4.22
N GLU C 225 -6.53 27.95 4.05
CA GLU C 225 -7.02 27.29 2.85
C GLU C 225 -6.99 28.26 1.67
N ARG C 226 -6.82 27.70 0.48
CA ARG C 226 -6.78 28.51 -0.73
C ARG C 226 -8.17 29.06 -1.04
N VAL C 227 -8.20 30.26 -1.62
CA VAL C 227 -9.45 30.94 -1.94
C VAL C 227 -9.80 30.62 -3.39
N LEU C 228 -10.84 29.81 -3.59
CA LEU C 228 -11.13 29.18 -4.86
C LEU C 228 -12.34 29.81 -5.55
N PRO C 229 -12.34 29.89 -6.88
CA PRO C 229 -13.55 30.28 -7.61
C PRO C 229 -14.71 29.34 -7.27
N GLY C 230 -15.93 29.85 -7.43
CA GLY C 230 -17.10 29.03 -7.16
C GLY C 230 -17.34 28.73 -5.70
N HIS C 231 -16.63 29.42 -4.80
CA HIS C 231 -16.73 29.15 -3.37
C HIS C 231 -17.04 30.44 -2.63
N ALA C 232 -17.84 30.32 -1.58
CA ALA C 232 -18.06 31.42 -0.65
C ALA C 232 -17.54 30.99 0.72
N TYR C 233 -16.77 31.87 1.36
CA TYR C 233 -16.14 31.59 2.63
C TYR C 233 -16.77 32.50 3.67
N ILE C 234 -17.48 31.90 4.62
CA ILE C 234 -18.16 32.61 5.70
C ILE C 234 -17.19 32.78 6.85
N ALA C 235 -17.08 34.00 7.36
CA ALA C 235 -16.23 34.26 8.52
C ALA C 235 -16.73 33.46 9.72
N PRO C 236 -15.84 32.80 10.46
CA PRO C 236 -16.24 32.18 11.72
C PRO C 236 -16.60 33.22 12.78
N GLY C 237 -17.45 32.80 13.72
CA GLY C 237 -18.01 33.73 14.68
C GLY C 237 -17.02 34.28 15.69
N ALA C 238 -15.88 33.63 15.88
CA ALA C 238 -14.94 34.04 16.92
C ALA C 238 -13.60 34.53 16.35
N ARG C 239 -13.52 34.75 15.04
CA ARG C 239 -12.26 35.11 14.40
C ARG C 239 -12.53 36.13 13.31
N HIS C 240 -11.56 37.03 13.11
CA HIS C 240 -11.61 37.90 11.93
C HIS C 240 -11.26 37.08 10.69
N LEU C 241 -12.04 37.27 9.63
CA LEU C 241 -11.73 36.71 8.33
C LEU C 241 -10.93 37.72 7.53
N GLU C 242 -9.76 37.32 7.03
CA GLU C 242 -8.93 38.18 6.21
C GLU C 242 -8.54 37.46 4.92
N LEU C 243 -8.33 38.24 3.88
CA LEU C 243 -7.62 37.76 2.70
C LEU C 243 -6.12 37.89 2.94
N ALA C 244 -5.37 36.86 2.54
CA ALA C 244 -3.92 36.85 2.67
C ALA C 244 -3.33 36.29 1.39
N ARG C 245 -2.02 36.46 1.22
CA ARG C 245 -1.35 35.96 0.02
C ARG C 245 -0.12 35.15 0.41
N SER C 246 -0.22 33.83 0.28
CA SER C 246 0.92 32.94 0.40
C SER C 246 1.45 32.69 -1.01
N GLY C 247 2.62 33.28 -1.31
CA GLY C 247 3.17 33.20 -2.64
C GLY C 247 2.27 33.81 -3.70
N ALA C 248 1.82 32.97 -4.64
CA ALA C 248 1.04 33.47 -5.77
C ALA C 248 -0.46 33.33 -5.57
N ASN C 249 -0.92 32.61 -4.56
CA ASN C 249 -2.32 32.28 -4.40
C ASN C 249 -2.93 32.97 -3.18
N TYR C 250 -4.20 33.33 -3.31
CA TYR C 250 -4.95 33.86 -2.17
C TYR C 250 -5.14 32.78 -1.12
N GLN C 251 -5.12 33.20 0.14
CA GLN C 251 -5.36 32.30 1.26
C GLN C 251 -6.33 32.96 2.24
N VAL C 252 -7.08 32.11 2.92
CA VAL C 252 -7.85 32.54 4.09
C VAL C 252 -6.89 32.70 5.28
N ARG C 253 -7.01 33.83 5.97
CA ARG C 253 -6.31 34.03 7.23
C ARG C 253 -7.33 34.35 8.31
N LEU C 254 -7.36 33.53 9.36
CA LEU C 254 -8.21 33.77 10.52
C LEU C 254 -7.37 34.45 11.60
N ASN C 255 -7.88 35.57 12.11
CA ASN C 255 -7.15 36.43 13.03
C ASN C 255 -7.88 36.45 14.36
N ASP C 256 -7.25 35.93 15.41
CA ASP C 256 -7.85 35.97 16.73
C ASP C 256 -7.41 37.19 17.54
N GLY C 257 -6.94 38.23 16.86
CA GLY C 257 -6.72 39.51 17.49
C GLY C 257 -8.01 40.07 18.04
N PRO C 258 -7.93 41.19 18.75
CA PRO C 258 -9.09 41.70 19.49
C PRO C 258 -10.18 42.18 18.54
N PRO C 259 -11.41 42.30 19.03
CA PRO C 259 -12.45 42.94 18.22
C PRO C 259 -12.16 44.42 18.03
N VAL C 260 -12.71 44.96 16.94
CA VAL C 260 -12.65 46.39 16.67
C VAL C 260 -14.08 46.90 16.65
N ASN C 261 -14.38 47.90 17.49
CA ASN C 261 -15.75 48.35 17.75
C ASN C 261 -16.63 47.19 18.18
N ARG C 262 -16.09 46.32 19.05
N ARG C 262 -16.07 46.33 19.03
CA ARG C 262 -16.83 45.19 19.59
CA ARG C 262 -16.78 45.19 19.60
C ARG C 262 -17.29 44.23 18.50
C ARG C 262 -17.29 44.25 18.50
N HIS C 263 -16.58 44.21 17.36
CA HIS C 263 -16.94 43.36 16.24
C HIS C 263 -15.82 42.37 15.95
N ARG C 264 -16.15 41.09 16.01
CA ARG C 264 -15.29 40.02 15.55
C ARG C 264 -16.17 38.84 15.16
N PRO C 265 -16.22 38.47 13.87
CA PRO C 265 -15.47 39.06 12.77
C PRO C 265 -15.92 40.48 12.41
N SER C 266 -14.96 41.28 11.94
CA SER C 266 -15.22 42.66 11.56
C SER C 266 -15.24 42.79 10.05
N VAL C 267 -16.29 43.42 9.52
CA VAL C 267 -16.34 43.70 8.09
C VAL C 267 -15.20 44.61 7.67
N ASP C 268 -14.84 45.59 8.50
CA ASP C 268 -13.75 46.51 8.17
C ASP C 268 -12.45 45.76 7.91
N VAL C 269 -12.13 44.79 8.78
CA VAL C 269 -10.87 44.05 8.65
C VAL C 269 -10.88 43.24 7.36
N LEU C 270 -12.01 42.62 7.04
CA LEU C 270 -12.12 41.90 5.78
C LEU C 270 -11.88 42.83 4.60
N PHE C 271 -12.58 43.96 4.56
CA PHE C 271 -12.44 44.87 3.43
C PHE C 271 -11.02 45.39 3.29
N ARG C 272 -10.37 45.71 4.42
CA ARG C 272 -9.00 46.21 4.36
C ARG C 272 -8.05 45.15 3.81
N SER C 273 -8.19 43.91 4.28
CA SER C 273 -7.36 42.82 3.78
C SER C 273 -7.53 42.63 2.28
N VAL C 274 -8.77 42.73 1.80
CA VAL C 274 -9.05 42.56 0.38
C VAL C 274 -8.49 43.71 -0.44
N ALA C 275 -8.68 44.94 0.04
CA ALA C 275 -8.08 46.10 -0.62
C ALA C 275 -6.58 45.93 -0.79
N GLN C 276 -5.93 45.35 0.22
CA GLN C 276 -4.48 45.23 0.25
C GLN C 276 -3.97 44.15 -0.71
N TYR C 277 -4.62 42.98 -0.75
CA TYR C 277 -4.09 41.84 -1.49
C TYR C 277 -4.78 41.59 -2.82
N ALA C 278 -5.98 42.12 -3.03
CA ALA C 278 -6.68 41.98 -4.31
C ALA C 278 -6.79 43.29 -5.06
N GLY C 279 -7.02 44.40 -4.36
CA GLY C 279 -7.01 45.70 -4.99
C GLY C 279 -8.07 45.80 -6.07
N ARG C 280 -7.63 46.22 -7.26
CA ARG C 280 -8.54 46.42 -8.39
C ARG C 280 -9.18 45.14 -8.89
N ASN C 281 -8.68 43.98 -8.47
CA ASN C 281 -9.29 42.72 -8.87
C ASN C 281 -10.49 42.34 -8.01
N ALA C 282 -10.94 43.23 -7.13
CA ALA C 282 -12.01 42.90 -6.20
C ALA C 282 -13.21 43.82 -6.39
N VAL C 283 -14.38 43.31 -6.01
CA VAL C 283 -15.58 44.11 -5.87
C VAL C 283 -16.03 43.97 -4.42
N GLY C 284 -16.40 45.08 -3.80
CA GLY C 284 -16.83 45.11 -2.41
C GLY C 284 -18.32 45.37 -2.33
N VAL C 285 -19.00 44.68 -1.42
CA VAL C 285 -20.44 44.77 -1.27
C VAL C 285 -20.77 44.91 0.21
N ILE C 286 -21.44 45.99 0.58
CA ILE C 286 -21.90 46.19 1.95
C ILE C 286 -23.42 46.11 1.97
N LEU C 287 -23.95 45.22 2.81
CA LEU C 287 -25.38 44.93 2.86
C LEU C 287 -25.98 45.44 4.16
N THR C 288 -27.29 45.17 4.29
CA THR C 288 -28.08 45.63 5.43
C THR C 288 -27.41 45.31 6.76
N GLY C 289 -27.60 46.18 7.73
CA GLY C 289 -27.11 45.96 9.07
C GLY C 289 -27.03 47.24 9.86
N MET C 290 -26.90 47.10 11.17
CA MET C 290 -26.79 48.26 12.05
C MET C 290 -25.32 48.58 12.32
N GLY C 291 -25.07 49.83 12.67
CA GLY C 291 -23.72 50.27 13.00
C GLY C 291 -22.98 50.78 11.78
N ASN C 292 -21.67 50.90 11.95
CA ASN C 292 -20.81 51.43 10.90
C ASN C 292 -19.66 50.49 10.55
N ASP C 293 -19.72 49.23 10.98
CA ASP C 293 -18.70 48.27 10.58
C ASP C 293 -18.73 48.08 9.07
N GLY C 294 -17.57 48.21 8.44
CA GLY C 294 -17.45 48.12 7.01
C GLY C 294 -17.26 49.46 6.30
N ALA C 295 -17.67 50.56 6.93
CA ALA C 295 -17.60 51.87 6.28
C ALA C 295 -16.17 52.28 5.96
N ALA C 296 -15.27 52.20 6.94
CA ALA C 296 -13.91 52.68 6.73
C ALA C 296 -13.10 51.71 5.87
N GLY C 297 -13.31 50.40 6.06
CA GLY C 297 -12.64 49.43 5.22
C GLY C 297 -13.07 49.50 3.77
N MET C 298 -14.35 49.79 3.52
CA MET C 298 -14.79 49.96 2.15
C MET C 298 -14.11 51.16 1.50
N LEU C 299 -13.80 52.19 2.29
CA LEU C 299 -13.08 53.34 1.73
C LEU C 299 -11.66 52.95 1.34
N GLU C 300 -10.99 52.15 2.17
CA GLU C 300 -9.69 51.62 1.75
C GLU C 300 -9.81 50.78 0.49
N LEU C 301 -10.87 49.95 0.40
CA LEU C 301 -11.10 49.16 -0.81
C LEU C 301 -11.28 50.08 -2.01
N HIS C 302 -12.05 51.14 -1.82
CA HIS C 302 -12.31 52.08 -2.89
C HIS C 302 -11.03 52.78 -3.33
N GLN C 303 -10.22 53.25 -2.37
CA GLN C 303 -8.96 53.90 -2.71
C GLN C 303 -7.99 52.94 -3.38
N ALA C 304 -8.15 51.64 -3.19
CA ALA C 304 -7.26 50.67 -3.84
C ALA C 304 -7.68 50.34 -5.27
N GLY C 305 -8.76 50.93 -5.77
CA GLY C 305 -9.19 50.70 -7.14
C GLY C 305 -10.32 49.70 -7.30
N ALA C 306 -10.83 49.12 -6.21
CA ALA C 306 -11.98 48.23 -6.28
C ALA C 306 -13.27 49.01 -6.44
N TYR C 307 -14.20 48.41 -7.18
CA TYR C 307 -15.56 48.94 -7.28
C TYR C 307 -16.38 48.49 -6.09
N THR C 308 -17.22 49.39 -5.56
CA THR C 308 -17.95 49.11 -4.33
C THR C 308 -19.45 49.35 -4.54
N LEU C 309 -20.25 48.42 -4.01
CA LEU C 309 -21.70 48.50 -4.00
C LEU C 309 -22.21 48.59 -2.57
N ALA C 310 -23.35 49.29 -2.41
CA ALA C 310 -24.05 49.38 -1.13
C ALA C 310 -25.53 49.12 -1.35
N GLN C 311 -26.11 48.25 -0.53
CA GLN C 311 -27.54 47.97 -0.59
C GLN C 311 -28.35 49.23 -0.28
N ASN C 312 -29.36 49.49 -1.11
CA ASN C 312 -30.15 50.71 -0.97
C ASN C 312 -31.08 50.64 0.25
N GLU C 313 -31.59 51.82 0.63
CA GLU C 313 -32.40 51.92 1.84
C GLU C 313 -33.72 51.16 1.70
N ALA C 314 -34.33 51.20 0.52
CA ALA C 314 -35.66 50.61 0.34
C ALA C 314 -35.65 49.10 0.58
N SER C 315 -34.53 48.43 0.32
CA SER C 315 -34.49 46.98 0.46
C SER C 315 -33.82 46.53 1.76
N CYS C 316 -33.25 47.46 2.52
CA CYS C 316 -32.52 47.10 3.72
C CYS C 316 -33.50 46.85 4.86
N VAL C 317 -33.24 45.79 5.64
CA VAL C 317 -33.89 45.69 6.95
C VAL C 317 -33.42 46.83 7.83
N VAL C 318 -32.10 47.07 7.87
CA VAL C 318 -31.52 48.18 8.61
C VAL C 318 -30.53 48.89 7.68
N PHE C 319 -30.81 50.14 7.37
CA PHE C 319 -29.97 50.96 6.50
C PHE C 319 -28.93 51.70 7.33
N GLY C 320 -28.06 50.94 7.99
CA GLY C 320 -27.05 51.53 8.85
C GLY C 320 -25.66 51.42 8.28
N MET C 321 -25.18 50.19 8.14
CA MET C 321 -23.88 49.95 7.51
C MET C 321 -23.82 50.49 6.07
N PRO C 322 -24.79 50.25 5.19
CA PRO C 322 -24.71 50.89 3.86
C PRO C 322 -24.74 52.40 3.93
N ARG C 323 -25.54 52.97 4.85
CA ARG C 323 -25.57 54.43 4.99
CA ARG C 323 -25.57 54.43 4.99
C ARG C 323 -24.22 54.97 5.47
N GLU C 324 -23.60 54.30 6.44
CA GLU C 324 -22.30 54.74 6.92
C GLU C 324 -21.22 54.57 5.85
N ALA C 325 -21.27 53.48 5.09
CA ALA C 325 -20.31 53.34 4.00
C ALA C 325 -20.47 54.47 2.99
N ILE C 326 -21.71 54.80 2.64
CA ILE C 326 -21.96 55.89 1.70
C ILE C 326 -21.42 57.20 2.26
N ALA C 327 -21.68 57.47 3.53
CA ALA C 327 -21.27 58.73 4.15
C ALA C 327 -19.76 58.91 4.14
N MET C 328 -19.00 57.82 4.28
CA MET C 328 -17.54 57.92 4.30
C MET C 328 -16.93 58.17 2.93
N GLY C 329 -17.71 58.08 1.85
CA GLY C 329 -17.21 58.41 0.52
C GLY C 329 -16.64 57.26 -0.28
N GLY C 330 -16.78 56.02 0.18
CA GLY C 330 -16.14 54.92 -0.51
C GLY C 330 -17.08 54.02 -1.29
N VAL C 331 -18.29 54.49 -1.58
CA VAL C 331 -19.29 53.70 -2.30
C VAL C 331 -19.40 54.24 -3.72
N ASP C 332 -19.19 53.37 -4.71
CA ASP C 332 -19.40 53.78 -6.08
C ASP C 332 -20.88 53.82 -6.44
N GLU C 333 -21.67 52.86 -5.94
CA GLU C 333 -22.98 52.62 -6.50
C GLU C 333 -23.93 52.05 -5.45
N VAL C 334 -25.13 52.60 -5.38
CA VAL C 334 -26.17 52.12 -4.48
C VAL C 334 -27.13 51.24 -5.28
N VAL C 335 -27.41 50.04 -4.76
CA VAL C 335 -28.08 48.99 -5.51
C VAL C 335 -29.22 48.41 -4.68
N ASP C 336 -30.32 48.09 -5.34
CA ASP C 336 -31.36 47.28 -4.70
C ASP C 336 -30.84 45.86 -4.50
N LEU C 337 -31.26 45.26 -3.37
CA LEU C 337 -30.79 43.92 -2.98
C LEU C 337 -30.92 42.92 -4.12
N HIS C 338 -32.01 42.99 -4.88
CA HIS C 338 -32.25 41.99 -5.91
C HIS C 338 -31.54 42.30 -7.22
N GLN C 339 -30.76 43.38 -7.27
CA GLN C 339 -29.84 43.62 -8.39
C GLN C 339 -28.39 43.39 -8.01
N VAL C 340 -28.12 43.01 -6.76
CA VAL C 340 -26.74 42.93 -6.30
C VAL C 340 -25.98 41.85 -7.05
N SER C 341 -26.60 40.66 -7.21
CA SER C 341 -25.92 39.55 -7.85
C SER C 341 -25.53 39.88 -9.29
N GLN C 342 -26.44 40.49 -10.04
CA GLN C 342 -26.12 40.82 -11.42
C GLN C 342 -25.07 41.92 -11.50
N ARG C 343 -25.18 42.95 -10.67
CA ARG C 343 -24.25 44.07 -10.75
C ARG C 343 -22.85 43.67 -10.33
N MET C 344 -22.72 42.84 -9.29
CA MET C 344 -21.38 42.48 -8.85
C MET C 344 -20.71 41.52 -9.82
N LEU C 345 -21.49 40.61 -10.43
CA LEU C 345 -20.93 39.73 -11.45
C LEU C 345 -20.57 40.49 -12.71
N ALA C 346 -21.44 41.39 -13.16
CA ALA C 346 -21.14 42.19 -14.34
C ALA C 346 -19.94 43.09 -14.10
N GLN C 347 -19.82 43.67 -12.91
CA GLN C 347 -18.71 44.58 -12.65
C GLN C 347 -17.39 43.83 -12.61
N ILE C 348 -17.33 42.71 -11.88
CA ILE C 348 -16.09 41.95 -11.79
C ILE C 348 -15.74 41.34 -13.15
N SER C 349 -16.74 41.02 -13.96
CA SER C 349 -16.45 40.49 -15.30
C SER C 349 -15.81 41.55 -16.19
N ALA C 350 -16.19 42.82 -16.05
CA ALA C 350 -15.72 43.86 -16.95
C ALA C 350 -14.21 44.10 -16.82
N GLY C 351 -13.60 43.75 -15.69
CA GLY C 351 -12.16 43.84 -15.53
C GLY C 351 -11.39 42.61 -15.96
N GLN C 352 -12.06 41.67 -16.62
CA GLN C 352 -11.45 40.42 -17.08
C GLN C 352 -11.31 40.46 -18.60
N ALA C 353 -10.07 40.37 -19.09
CA ALA C 353 -9.83 40.33 -20.53
C ALA C 353 -10.29 39.01 -21.13
N LEU C 354 -10.44 39.01 -22.45
CA LEU C 354 -10.84 37.80 -23.17
C LEU C 354 -9.79 36.70 -23.03
N ARG C 355 -10.26 35.46 -22.95
CA ARG C 355 -9.41 34.28 -22.91
C ARG C 355 -9.43 33.52 -24.23
N ILE C 356 -10.05 34.09 -25.27
CA ILE C 356 -10.39 33.45 -26.54
C ILE C 356 -9.78 32.07 -26.77
N SER D 6 10.38 -7.17 24.10
CA SER D 6 11.64 -6.66 23.59
C SER D 6 12.24 -7.57 22.51
N MET D 7 13.57 -7.66 22.50
CA MET D 7 14.28 -8.18 21.34
C MET D 7 14.08 -9.68 21.17
N SER D 8 14.16 -10.12 19.91
CA SER D 8 13.88 -11.50 19.56
C SER D 8 15.03 -12.42 19.97
N LYS D 9 14.72 -13.70 20.04
CA LYS D 9 15.66 -14.71 20.52
C LYS D 9 16.57 -15.19 19.39
N ILE D 10 17.71 -15.75 19.78
CA ILE D 10 18.61 -16.34 18.81
C ILE D 10 17.94 -17.58 18.22
N ARG D 11 17.85 -17.63 16.89
CA ARG D 11 17.17 -18.70 16.18
C ARG D 11 18.15 -19.84 15.93
N VAL D 12 17.91 -20.98 16.57
CA VAL D 12 18.81 -22.13 16.53
C VAL D 12 18.14 -23.25 15.76
N LEU D 13 18.91 -23.89 14.88
CA LEU D 13 18.52 -25.15 14.25
C LEU D 13 19.48 -26.23 14.73
N CYS D 14 18.92 -27.37 15.14
CA CYS D 14 19.70 -28.45 15.74
C CYS D 14 19.62 -29.68 14.87
N VAL D 15 20.77 -30.25 14.55
CA VAL D 15 20.87 -31.44 13.71
C VAL D 15 21.45 -32.55 14.56
N ASP D 16 20.68 -33.61 14.76
CA ASP D 16 21.17 -34.72 15.56
C ASP D 16 20.41 -35.99 15.15
N ASP D 17 21.18 -37.07 14.98
CA ASP D 17 20.59 -38.33 14.54
C ASP D 17 19.64 -38.92 15.59
N SER D 18 19.85 -38.60 16.87
CA SER D 18 19.10 -39.21 17.95
C SER D 18 17.82 -38.43 18.25
N ALA D 19 16.69 -39.13 18.21
CA ALA D 19 15.42 -38.50 18.51
C ALA D 19 15.38 -37.97 19.94
N LEU D 20 16.03 -38.68 20.87
CA LEU D 20 16.07 -38.19 22.25
C LEU D 20 16.91 -36.92 22.36
N MET D 21 18.06 -36.89 21.67
CA MET D 21 18.91 -35.70 21.72
C MET D 21 18.21 -34.49 21.09
N ARG D 22 17.45 -34.72 20.02
CA ARG D 22 16.73 -33.61 19.40
C ARG D 22 15.76 -32.98 20.37
N GLN D 23 15.08 -33.79 21.19
CA GLN D 23 14.19 -33.22 22.19
C GLN D 23 14.97 -32.67 23.37
N ILE D 24 16.06 -33.32 23.76
CA ILE D 24 16.89 -32.78 24.83
C ILE D 24 17.38 -31.39 24.47
N MET D 25 17.93 -31.25 23.25
CA MET D 25 18.42 -29.96 22.79
C MET D 25 17.31 -28.93 22.74
N THR D 26 16.10 -29.35 22.36
CA THR D 26 14.97 -28.42 22.34
C THR D 26 14.65 -27.92 23.74
N GLU D 27 14.57 -28.83 24.71
CA GLU D 27 14.29 -28.44 26.09
C GLU D 27 15.37 -27.52 26.65
N ILE D 28 16.64 -27.85 26.40
CA ILE D 28 17.75 -27.09 26.95
C ILE D 28 17.77 -25.67 26.38
N ILE D 29 17.72 -25.55 25.05
CA ILE D 29 17.85 -24.24 24.43
C ILE D 29 16.63 -23.38 24.72
N ASN D 30 15.43 -23.96 24.62
CA ASN D 30 14.21 -23.19 24.88
C ASN D 30 14.10 -22.73 26.32
N SER D 31 14.74 -23.44 27.26
CA SER D 31 14.72 -23.02 28.66
C SER D 31 15.51 -21.75 28.90
N HIS D 32 16.33 -21.33 27.95
CA HIS D 32 16.99 -20.05 28.15
C HIS D 32 16.17 -18.95 27.49
N PRO D 33 16.11 -17.75 28.10
CA PRO D 33 15.18 -16.73 27.60
C PRO D 33 15.62 -16.04 26.33
N ASP D 34 16.90 -16.07 25.97
CA ASP D 34 17.42 -15.32 24.83
C ASP D 34 17.63 -16.20 23.59
N MET D 35 17.01 -17.38 23.54
CA MET D 35 17.25 -18.29 22.42
C MET D 35 16.09 -19.27 22.31
N GLU D 36 15.92 -19.81 21.10
CA GLU D 36 14.89 -20.81 20.86
C GLU D 36 15.31 -21.70 19.69
N VAL D 37 14.77 -22.92 19.67
CA VAL D 37 14.98 -23.86 18.58
C VAL D 37 13.85 -23.66 17.58
N VAL D 38 14.17 -23.15 16.39
CA VAL D 38 13.15 -22.94 15.37
C VAL D 38 12.93 -24.16 14.48
N ALA D 39 13.77 -25.18 14.59
CA ALA D 39 13.60 -26.43 13.85
C ALA D 39 14.63 -27.43 14.33
N THR D 40 14.33 -28.71 14.10
CA THR D 40 15.31 -29.79 14.29
C THR D 40 15.26 -30.71 13.08
N ALA D 41 16.33 -31.47 12.91
CA ALA D 41 16.45 -32.32 11.74
C ALA D 41 17.34 -33.49 12.11
N PRO D 42 17.03 -34.70 11.62
CA PRO D 42 17.88 -35.85 11.93
C PRO D 42 19.08 -36.03 10.99
N ASP D 43 19.13 -35.35 9.86
CA ASP D 43 20.18 -35.59 8.88
C ASP D 43 20.39 -34.32 8.06
N PRO D 44 21.49 -34.25 7.29
CA PRO D 44 21.75 -33.02 6.52
C PRO D 44 20.70 -32.71 5.46
N LEU D 45 20.04 -33.72 4.89
CA LEU D 45 19.11 -33.45 3.79
C LEU D 45 17.86 -32.75 4.29
N VAL D 46 17.31 -33.20 5.41
CA VAL D 46 16.20 -32.49 6.03
C VAL D 46 16.65 -31.12 6.48
N ALA D 47 17.86 -31.02 7.04
CA ALA D 47 18.37 -29.75 7.52
C ALA D 47 18.39 -28.71 6.41
N ARG D 48 18.74 -29.12 5.19
CA ARG D 48 18.91 -28.18 4.09
C ARG D 48 17.66 -27.32 3.90
N ASP D 49 16.51 -27.96 3.73
CA ASP D 49 15.29 -27.22 3.42
C ASP D 49 14.85 -26.38 4.61
N LEU D 50 15.01 -26.90 5.83
CA LEU D 50 14.61 -26.14 7.01
C LEU D 50 15.54 -24.96 7.29
N ILE D 51 16.82 -25.06 6.91
CA ILE D 51 17.67 -23.88 6.96
C ILE D 51 17.12 -22.78 6.07
N LYS D 52 16.66 -23.14 4.87
CA LYS D 52 16.08 -22.15 3.97
C LYS D 52 14.78 -21.58 4.51
N LYS D 53 13.92 -22.44 5.08
N LYS D 53 13.95 -22.43 5.13
CA LYS D 53 12.62 -21.97 5.55
CA LYS D 53 12.62 -22.01 5.55
C LYS D 53 12.77 -21.04 6.74
C LYS D 53 12.68 -21.13 6.79
N PHE D 54 13.49 -21.49 7.79
CA PHE D 54 13.47 -20.81 9.08
C PHE D 54 14.63 -19.86 9.31
N ASN D 55 15.64 -19.85 8.44
CA ASN D 55 16.74 -18.90 8.49
C ASN D 55 17.39 -18.83 9.87
N PRO D 56 17.92 -19.95 10.39
CA PRO D 56 18.52 -19.93 11.72
C PRO D 56 19.78 -19.07 11.77
N GLN D 57 20.01 -18.49 12.94
CA GLN D 57 21.22 -17.72 13.19
C GLN D 57 22.39 -18.58 13.67
N VAL D 58 22.10 -19.71 14.32
CA VAL D 58 23.12 -20.64 14.76
C VAL D 58 22.64 -22.06 14.46
N LEU D 59 23.55 -22.92 14.05
CA LEU D 59 23.25 -24.33 13.85
C LEU D 59 24.12 -25.18 14.77
N THR D 60 23.51 -26.15 15.45
CA THR D 60 24.25 -27.17 16.16
C THR D 60 24.23 -28.45 15.35
N LEU D 61 25.39 -29.09 15.23
CA LEU D 61 25.56 -30.21 14.31
C LEU D 61 26.30 -31.33 15.02
N ASP D 62 25.63 -32.46 15.22
CA ASP D 62 26.27 -33.62 15.83
C ASP D 62 27.11 -34.37 14.80
N VAL D 63 28.24 -34.92 15.25
CA VAL D 63 29.23 -35.42 14.31
C VAL D 63 28.85 -36.78 13.75
N GLU D 64 28.11 -37.57 14.55
N GLU D 64 28.11 -37.57 14.55
CA GLU D 64 27.74 -38.98 14.30
CA GLU D 64 27.77 -38.99 14.25
C GLU D 64 26.46 -39.19 13.49
C GLU D 64 26.48 -39.20 13.49
N MET D 65 26.61 -39.25 12.17
CA MET D 65 25.47 -39.49 11.26
C MET D 65 25.80 -40.77 10.48
N PRO D 66 24.96 -41.92 10.62
CA PRO D 66 24.83 -43.48 10.00
C PRO D 66 24.74 -43.36 8.47
N ARG D 67 23.91 -42.64 8.11
N ARG D 67 23.56 -42.98 8.00
CA ARG D 67 23.51 -42.81 6.72
CA ARG D 67 23.30 -42.93 6.53
C ARG D 67 24.09 -41.77 5.78
C ARG D 67 24.15 -41.93 5.74
N MET D 68 24.53 -40.63 6.29
N MET D 68 24.40 -40.71 6.24
CA MET D 68 25.01 -39.53 5.47
CA MET D 68 25.05 -39.68 5.36
C MET D 68 26.37 -39.07 5.97
C MET D 68 26.38 -39.14 5.93
N ASP D 69 27.02 -38.22 5.19
CA ASP D 69 28.31 -37.63 5.54
C ASP D 69 28.07 -36.20 6.02
N GLY D 70 28.31 -35.96 7.31
CA GLY D 70 28.07 -34.64 7.88
C GLY D 70 29.09 -33.59 7.48
N LEU D 71 30.34 -34.00 7.23
CA LEU D 71 31.37 -33.03 6.90
C LEU D 71 31.25 -32.52 5.47
N ASP D 72 30.75 -33.35 4.55
CA ASP D 72 30.46 -32.82 3.22
C ASP D 72 29.29 -31.84 3.26
N PHE D 73 28.31 -32.08 4.14
CA PHE D 73 27.26 -31.10 4.36
C PHE D 73 27.84 -29.81 4.91
N LEU D 74 28.72 -29.92 5.91
CA LEU D 74 29.37 -28.74 6.47
C LEU D 74 30.25 -28.06 5.43
N GLU D 75 30.92 -28.85 4.58
CA GLU D 75 31.76 -28.29 3.53
C GLU D 75 30.96 -27.35 2.64
N LYS D 76 29.85 -27.84 2.08
CA LYS D 76 29.07 -27.04 1.15
C LYS D 76 28.24 -25.98 1.84
N LEU D 77 27.82 -26.23 3.08
CA LEU D 77 27.14 -25.19 3.84
C LEU D 77 28.04 -23.98 4.02
N MET D 78 29.26 -24.19 4.51
CA MET D 78 30.16 -23.06 4.71
C MET D 78 30.54 -22.34 3.42
N ARG D 79 30.49 -22.99 2.25
CA ARG D 79 30.85 -22.29 1.02
C ARG D 79 29.64 -21.63 0.35
N LEU D 80 28.48 -22.28 0.37
CA LEU D 80 27.30 -21.72 -0.28
C LEU D 80 26.45 -20.84 0.62
N ARG D 81 26.36 -21.14 1.91
N ARG D 81 26.38 -21.13 1.93
CA ARG D 81 25.60 -20.31 2.86
CA ARG D 81 25.60 -20.33 2.86
C ARG D 81 26.28 -20.38 4.23
C ARG D 81 26.28 -20.37 4.24
N PRO D 82 27.41 -19.68 4.37
CA PRO D 82 28.16 -19.77 5.64
C PRO D 82 27.39 -19.16 6.80
N MET D 83 27.47 -19.83 7.94
CA MET D 83 26.76 -19.42 9.15
C MET D 83 27.48 -20.01 10.35
N PRO D 84 27.22 -19.49 11.56
CA PRO D 84 27.85 -20.06 12.75
C PRO D 84 27.35 -21.47 13.02
N VAL D 85 28.29 -22.41 13.16
CA VAL D 85 27.99 -23.81 13.44
C VAL D 85 28.78 -24.24 14.66
N VAL D 86 28.08 -24.82 15.64
CA VAL D 86 28.70 -25.38 16.83
C VAL D 86 28.57 -26.89 16.74
N MET D 87 29.69 -27.60 16.70
CA MET D 87 29.67 -29.05 16.65
C MET D 87 29.36 -29.63 18.03
N VAL D 88 28.71 -30.79 18.02
CA VAL D 88 28.45 -31.57 19.23
C VAL D 88 29.17 -32.90 19.06
N SER D 89 30.12 -33.17 19.95
CA SER D 89 31.04 -34.27 19.76
C SER D 89 31.03 -35.20 20.96
N SER D 90 31.31 -36.47 20.71
N SER D 90 31.30 -36.48 20.70
CA SER D 90 31.60 -37.41 21.78
CA SER D 90 31.60 -37.41 21.78
C SER D 90 33.08 -37.32 22.14
C SER D 90 33.08 -37.31 22.14
N LEU D 91 33.38 -37.59 23.40
CA LEU D 91 34.77 -37.54 23.89
C LEU D 91 35.47 -38.84 23.45
N THR D 92 35.61 -38.98 22.14
CA THR D 92 36.20 -40.14 21.53
C THR D 92 37.36 -39.71 20.65
N GLY D 93 38.12 -40.70 20.19
CA GLY D 93 39.23 -40.39 19.29
C GLY D 93 38.75 -40.02 17.90
N LYS D 94 37.81 -40.79 17.37
N LYS D 94 37.81 -40.78 17.36
CA LYS D 94 37.24 -40.49 16.05
CA LYS D 94 37.27 -40.45 16.03
C LYS D 94 36.43 -39.20 16.06
C LYS D 94 36.44 -39.19 16.07
N GLY D 95 35.77 -38.91 17.18
CA GLY D 95 35.09 -37.64 17.32
C GLY D 95 36.06 -36.48 17.34
N SER D 96 37.22 -36.66 17.96
CA SER D 96 38.22 -35.60 18.03
C SER D 96 38.75 -35.26 16.64
N GLU D 97 39.02 -36.27 15.81
CA GLU D 97 39.49 -36.00 14.46
C GLU D 97 38.40 -35.35 13.61
N ILE D 98 37.17 -35.85 13.70
CA ILE D 98 36.07 -35.27 12.95
C ILE D 98 35.80 -33.84 13.41
N THR D 99 35.83 -33.61 14.73
CA THR D 99 35.62 -32.26 15.24
C THR D 99 36.68 -31.29 14.69
N LEU D 100 37.95 -31.69 14.75
CA LEU D 100 39.01 -30.81 14.27
C LEU D 100 38.87 -30.53 12.78
N ARG D 101 38.53 -31.57 12.00
CA ARG D 101 38.31 -31.34 10.57
C ARG D 101 37.13 -30.40 10.35
N ALA D 102 36.10 -30.49 11.22
CA ALA D 102 34.97 -29.57 11.14
C ALA D 102 35.40 -28.14 11.40
N LEU D 103 36.31 -27.96 12.37
CA LEU D 103 36.85 -26.63 12.62
C LEU D 103 37.61 -26.12 11.41
N GLU D 104 38.38 -27.00 10.75
CA GLU D 104 39.07 -26.63 9.52
C GLU D 104 38.08 -26.20 8.43
N LEU D 105 36.93 -26.85 8.37
CA LEU D 105 35.94 -26.56 7.34
C LEU D 105 35.14 -25.29 7.62
N GLY D 106 35.26 -24.70 8.80
CA GLY D 106 34.56 -23.46 9.11
C GLY D 106 33.66 -23.48 10.33
N ALA D 107 33.48 -24.60 11.01
CA ALA D 107 32.73 -24.58 12.27
C ALA D 107 33.51 -23.75 13.29
N ILE D 108 32.79 -22.94 14.04
CA ILE D 108 33.45 -21.97 14.91
C ILE D 108 33.81 -22.56 16.27
N ASP D 109 33.09 -23.56 16.75
CA ASP D 109 33.37 -24.10 18.07
C ASP D 109 32.72 -25.47 18.18
N PHE D 110 32.87 -26.09 19.35
CA PHE D 110 32.28 -27.40 19.60
C PHE D 110 32.05 -27.58 21.09
N VAL D 111 31.15 -28.52 21.41
CA VAL D 111 30.85 -28.93 22.78
C VAL D 111 30.93 -30.45 22.84
N THR D 112 31.38 -30.98 23.96
CA THR D 112 31.39 -32.42 24.16
C THR D 112 30.21 -32.83 25.03
N LYS D 113 29.55 -33.92 24.64
CA LYS D 113 28.46 -34.47 25.45
C LYS D 113 29.03 -35.05 26.75
N PRO D 114 28.58 -34.60 27.90
CA PRO D 114 28.82 -35.36 29.13
C PRO D 114 27.73 -36.44 29.24
N GLN D 115 27.79 -37.20 30.33
CA GLN D 115 26.75 -38.20 30.60
C GLN D 115 25.50 -37.46 31.09
N LEU D 116 24.48 -37.39 30.24
CA LEU D 116 23.27 -36.66 30.57
C LEU D 116 22.30 -37.46 31.44
N GLY D 117 22.60 -38.73 31.70
CA GLY D 117 21.78 -39.51 32.62
C GLY D 117 21.88 -39.00 34.05
N ILE D 118 22.99 -38.38 34.40
CA ILE D 118 23.13 -37.70 35.69
C ILE D 118 22.74 -36.24 35.50
N ARG D 119 21.92 -35.74 36.42
CA ARG D 119 21.37 -34.39 36.26
C ARG D 119 22.45 -33.32 36.32
N GLU D 120 23.53 -33.56 37.06
CA GLU D 120 24.61 -32.58 37.15
C GLU D 120 25.27 -32.37 35.80
N GLY D 121 25.41 -33.44 35.02
CA GLY D 121 25.93 -33.30 33.67
C GLY D 121 24.95 -32.62 32.74
N MET D 122 23.65 -32.83 32.95
CA MET D 122 22.65 -32.21 32.09
C MET D 122 22.64 -30.69 32.27
N LEU D 123 22.72 -30.22 33.51
CA LEU D 123 22.71 -28.79 33.75
C LEU D 123 24.01 -28.14 33.31
N ALA D 124 25.14 -28.82 33.50
CA ALA D 124 26.41 -28.32 32.99
C ALA D 124 26.40 -28.22 31.47
N TYR D 125 25.83 -29.24 30.81
CA TYR D 125 25.76 -29.24 29.36
C TYR D 125 24.85 -28.11 28.86
N SER D 126 23.74 -27.87 29.58
CA SER D 126 22.81 -26.83 29.18
C SER D 126 23.46 -25.45 29.24
N GLU D 127 24.22 -25.18 30.30
CA GLU D 127 24.88 -23.88 30.42
C GLU D 127 25.99 -23.74 29.39
N LEU D 128 26.68 -24.84 29.11
CA LEU D 128 27.71 -24.82 28.08
C LEU D 128 27.11 -24.60 26.69
N ILE D 129 26.00 -25.27 26.39
CA ILE D 129 25.34 -25.06 25.11
C ILE D 129 24.90 -23.61 24.97
N ALA D 130 24.23 -23.07 25.99
CA ALA D 130 23.76 -21.69 25.92
C ALA D 130 24.93 -20.72 25.75
N GLU D 131 26.05 -20.98 26.42
CA GLU D 131 27.22 -20.13 26.29
C GLU D 131 27.74 -20.10 24.86
N LYS D 132 27.84 -21.27 24.21
CA LYS D 132 28.37 -21.33 22.86
C LYS D 132 27.42 -20.73 21.85
N ILE D 133 26.11 -20.91 22.07
CA ILE D 133 25.12 -20.34 21.16
C ILE D 133 25.18 -18.82 21.19
N ARG D 134 25.24 -18.22 22.39
CA ARG D 134 25.35 -16.77 22.49
C ARG D 134 26.60 -16.26 21.80
N MET D 135 27.74 -16.91 22.05
CA MET D 135 28.96 -16.54 21.37
C MET D 135 28.82 -16.70 19.86
N ALA D 136 28.26 -17.84 19.43
CA ALA D 136 28.16 -18.12 18.00
C ALA D 136 27.34 -17.05 17.29
N ALA D 137 26.30 -16.53 17.94
CA ALA D 137 25.41 -15.57 17.30
C ALA D 137 26.06 -14.22 17.09
N LYS D 138 27.23 -13.97 17.70
CA LYS D 138 27.96 -12.73 17.53
C LYS D 138 29.32 -12.90 16.88
N ALA D 139 29.79 -14.12 16.65
CA ALA D 139 31.14 -14.35 16.16
C ALA D 139 31.31 -13.91 14.72
N ARG D 140 32.56 -13.59 14.36
CA ARG D 140 32.95 -13.37 12.97
C ARG D 140 33.38 -14.70 12.36
N LEU D 141 32.81 -15.03 11.22
CA LEU D 141 33.06 -16.36 10.66
C LEU D 141 34.43 -16.40 9.97
N PRO D 142 35.21 -17.47 10.19
CA PRO D 142 36.57 -17.64 9.66
C PRO D 142 36.58 -18.08 8.20
N ILE D 153 56.75 -19.80 3.26
CA ILE D 153 57.22 -19.95 4.64
C ILE D 153 58.39 -19.01 4.90
N ILE D 154 58.46 -18.49 6.13
CA ILE D 154 59.37 -17.41 6.46
C ILE D 154 60.82 -17.90 6.42
N GLN D 155 61.74 -16.99 6.07
N GLN D 155 61.73 -16.96 6.08
CA GLN D 155 63.14 -17.37 5.97
CA GLN D 155 63.17 -17.12 6.13
C GLN D 155 63.71 -17.73 7.34
C GLN D 155 63.65 -17.85 7.38
N HIS D 156 64.82 -18.45 7.31
CA HIS D 156 65.39 -19.06 8.52
C HIS D 156 65.99 -18.01 9.44
N MET D 157 65.94 -18.30 10.73
CA MET D 157 66.27 -17.36 11.78
C MET D 157 67.77 -17.30 12.04
N PRO D 158 68.25 -16.20 12.61
CA PRO D 158 69.62 -16.17 13.14
C PRO D 158 69.73 -17.07 14.37
N LEU D 159 70.96 -17.23 14.83
CA LEU D 159 71.22 -18.01 16.03
C LEU D 159 70.66 -17.28 17.24
N LEU D 160 69.80 -17.95 17.99
CA LEU D 160 69.10 -17.35 19.11
C LEU D 160 69.61 -17.88 20.44
N SER D 161 69.54 -17.01 21.46
CA SER D 161 69.75 -17.45 22.82
C SER D 161 68.72 -18.51 23.21
N SER D 162 69.17 -19.53 23.94
CA SER D 162 68.25 -20.55 24.42
C SER D 162 67.16 -19.97 25.32
N GLU D 163 67.32 -18.75 25.83
CA GLU D 163 66.33 -18.16 26.71
C GLU D 163 65.09 -17.64 25.96
N LYS D 164 65.18 -17.46 24.65
CA LYS D 164 64.06 -16.96 23.88
C LYS D 164 63.00 -18.06 23.73
N LEU D 165 61.75 -17.69 23.99
CA LEU D 165 60.64 -18.57 23.63
C LEU D 165 59.39 -17.72 23.50
N ILE D 166 58.37 -18.33 22.90
CA ILE D 166 57.10 -17.68 22.59
C ILE D 166 56.00 -18.42 23.32
N ALA D 167 55.11 -17.66 23.95
CA ALA D 167 53.94 -18.21 24.59
C ALA D 167 52.70 -17.71 23.86
N ILE D 168 51.78 -18.64 23.57
CA ILE D 168 50.56 -18.33 22.82
C ILE D 168 49.36 -18.87 23.57
N GLY D 169 48.29 -18.08 23.62
CA GLY D 169 47.03 -18.54 24.14
C GLY D 169 45.89 -18.23 23.20
N ALA D 170 44.88 -19.08 23.24
CA ALA D 170 43.72 -18.90 22.37
C ALA D 170 42.55 -19.73 22.90
N SER D 171 41.35 -19.34 22.48
CA SER D 171 40.17 -20.13 22.76
C SER D 171 39.36 -20.28 21.47
N THR D 172 38.15 -19.72 21.43
CA THR D 172 37.27 -19.90 20.29
C THR D 172 37.89 -19.32 19.01
N GLY D 173 37.95 -20.14 17.97
CA GLY D 173 38.65 -19.78 16.75
C GLY D 173 40.14 -20.06 16.80
N GLY D 174 40.63 -20.62 17.90
CA GLY D 174 42.07 -20.68 18.12
C GLY D 174 42.75 -21.80 17.38
N THR D 175 42.04 -22.90 17.11
CA THR D 175 42.69 -24.00 16.38
C THR D 175 43.11 -23.55 15.00
N GLU D 176 42.27 -22.74 14.33
CA GLU D 176 42.63 -22.21 13.03
C GLU D 176 43.64 -21.08 13.14
N ALA D 177 43.46 -20.20 14.13
CA ALA D 177 44.41 -19.10 14.31
C ALA D 177 45.81 -19.62 14.60
N ILE D 178 45.92 -20.62 15.49
CA ILE D 178 47.23 -21.19 15.80
C ILE D 178 47.83 -21.85 14.56
N ARG D 179 47.00 -22.54 13.78
CA ARG D 179 47.50 -23.18 12.56
C ARG D 179 48.08 -22.16 11.60
N HIS D 180 47.41 -21.01 11.44
CA HIS D 180 47.96 -19.95 10.59
C HIS D 180 49.26 -19.40 11.16
N VAL D 181 49.37 -19.34 12.49
CA VAL D 181 50.58 -18.82 13.13
C VAL D 181 51.74 -19.80 12.96
N LEU D 182 51.49 -21.10 13.08
CA LEU D 182 52.56 -22.09 13.12
C LEU D 182 53.05 -22.52 11.74
N GLN D 183 52.16 -22.60 10.76
CA GLN D 183 52.50 -23.23 9.48
C GLN D 183 53.69 -22.61 8.76
N PRO D 184 53.88 -21.29 8.70
CA PRO D 184 55.06 -20.72 8.04
C PRO D 184 56.32 -20.66 8.88
N LEU D 185 56.33 -21.16 10.10
CA LEU D 185 57.51 -21.03 10.95
C LEU D 185 58.64 -21.93 10.44
N PRO D 186 59.86 -21.43 10.36
CA PRO D 186 61.00 -22.26 9.96
C PRO D 186 61.46 -23.16 11.09
N PRO D 187 62.20 -24.23 10.78
CA PRO D 187 62.69 -25.13 11.85
C PRO D 187 63.64 -24.45 12.83
N THR D 188 64.18 -23.29 12.49
CA THR D 188 65.07 -22.55 13.38
C THR D 188 64.31 -21.63 14.32
N SER D 189 63.00 -21.79 14.44
CA SER D 189 62.23 -20.96 15.35
C SER D 189 62.58 -21.30 16.80
N PRO D 190 62.43 -20.35 17.71
CA PRO D 190 62.50 -20.67 19.13
C PRO D 190 61.32 -21.55 19.52
N ALA D 191 61.45 -22.20 20.68
CA ALA D 191 60.37 -23.02 21.21
C ALA D 191 59.11 -22.19 21.44
N LEU D 192 57.96 -22.84 21.31
CA LEU D 192 56.67 -22.20 21.56
C LEU D 192 55.90 -23.03 22.56
N LEU D 193 55.29 -22.36 23.54
CA LEU D 193 54.36 -22.97 24.47
C LEU D 193 52.98 -22.43 24.14
N ILE D 194 52.02 -23.32 23.92
CA ILE D 194 50.71 -22.92 23.40
C ILE D 194 49.65 -23.53 24.30
N THR D 195 48.78 -22.67 24.83
CA THR D 195 47.63 -23.12 25.61
C THR D 195 46.37 -22.78 24.84
N GLN D 196 45.68 -23.80 24.37
CA GLN D 196 44.42 -23.65 23.68
C GLN D 196 43.33 -24.30 24.53
N HIS D 197 42.30 -23.53 24.87
CA HIS D 197 41.16 -24.08 25.59
C HIS D 197 40.59 -25.26 24.83
N MET D 198 40.60 -26.43 25.46
CA MET D 198 40.24 -27.67 24.79
C MET D 198 40.08 -28.80 25.81
N PRO D 199 39.20 -29.77 25.57
CA PRO D 199 39.07 -30.90 26.51
C PRO D 199 40.22 -31.88 26.34
N PRO D 200 40.43 -32.77 27.31
CA PRO D 200 41.50 -33.76 27.16
C PRO D 200 41.24 -34.68 25.98
N GLY D 201 42.31 -35.23 25.43
CA GLY D 201 42.22 -36.06 24.23
C GLY D 201 42.19 -35.29 22.93
N PHE D 202 41.29 -34.30 22.82
CA PHE D 202 41.28 -33.42 21.66
C PHE D 202 42.63 -32.75 21.44
N THR D 203 43.34 -32.40 22.51
CA THR D 203 44.61 -31.69 22.39
C THR D 203 45.67 -32.54 21.70
N LYS D 204 45.67 -33.85 21.95
CA LYS D 204 46.62 -34.72 21.27
C LYS D 204 46.35 -34.78 19.76
N SER D 205 45.09 -34.95 19.37
CA SER D 205 44.77 -34.96 17.95
C SER D 205 45.07 -33.60 17.32
N PHE D 206 44.80 -32.52 18.05
CA PHE D 206 45.15 -31.18 17.61
C PHE D 206 46.65 -31.08 17.35
N ALA D 207 47.47 -31.52 18.31
CA ALA D 207 48.92 -31.46 18.13
C ALA D 207 49.38 -32.27 16.93
N GLU D 208 48.80 -33.46 16.73
CA GLU D 208 49.24 -34.32 15.63
C GLU D 208 48.86 -33.76 14.26
N ARG D 209 47.71 -33.10 14.14
CA ARG D 209 47.35 -32.48 12.87
C ARG D 209 48.25 -31.28 12.57
N LEU D 210 48.55 -30.46 13.59
CA LEU D 210 49.44 -29.32 13.38
C LEU D 210 50.82 -29.79 12.95
N ASN D 211 51.30 -30.89 13.55
CA ASN D 211 52.64 -31.39 13.23
C ASN D 211 52.75 -31.73 11.75
N LYS D 212 51.74 -32.42 11.19
CA LYS D 212 51.80 -32.80 9.78
C LYS D 212 51.74 -31.60 8.87
N LEU D 213 51.22 -30.46 9.35
CA LEU D 213 51.10 -29.26 8.53
C LEU D 213 52.26 -28.28 8.68
N CYS D 214 53.07 -28.44 9.72
CA CYS D 214 54.09 -27.44 10.03
C CYS D 214 55.49 -28.00 9.81
N GLN D 215 56.44 -27.10 9.52
CA GLN D 215 57.84 -27.50 9.47
C GLN D 215 58.38 -27.80 10.86
N ILE D 216 58.02 -26.98 11.85
CA ILE D 216 58.43 -27.26 13.22
C ILE D 216 57.73 -28.52 13.71
N THR D 217 58.29 -29.11 14.76
CA THR D 217 57.67 -30.25 15.43
C THR D 217 56.61 -29.73 16.40
N VAL D 218 55.38 -30.21 16.26
CA VAL D 218 54.29 -29.88 17.17
C VAL D 218 53.89 -31.16 17.90
N LYS D 219 53.79 -31.06 19.22
CA LYS D 219 53.44 -32.20 20.06
C LYS D 219 52.68 -31.71 21.27
N GLU D 220 51.95 -32.62 21.90
CA GLU D 220 51.32 -32.35 23.18
C GLU D 220 52.38 -32.35 24.26
N ALA D 221 52.35 -31.34 25.12
CA ALA D 221 53.37 -31.18 26.15
C ALA D 221 53.32 -32.34 27.14
N GLU D 222 54.50 -32.84 27.51
CA GLU D 222 54.63 -33.89 28.51
C GLU D 222 55.35 -33.36 29.73
N ASP D 223 54.82 -33.68 30.91
CA ASP D 223 55.36 -33.17 32.16
C ASP D 223 56.85 -33.51 32.30
N GLY D 224 57.66 -32.48 32.53
CA GLY D 224 59.07 -32.67 32.78
C GLY D 224 59.96 -32.85 31.57
N GLU D 225 59.43 -32.69 30.36
CA GLU D 225 60.27 -32.85 29.19
C GLU D 225 61.05 -31.57 28.90
N ARG D 226 62.24 -31.76 28.32
CA ARG D 226 63.11 -30.62 28.04
C ARG D 226 62.55 -29.83 26.86
N VAL D 227 62.52 -28.50 27.01
CA VAL D 227 62.02 -27.61 25.98
C VAL D 227 63.12 -27.38 24.94
N LEU D 228 62.79 -27.62 23.66
CA LEU D 228 63.74 -27.55 22.58
C LEU D 228 63.32 -26.49 21.56
N PRO D 229 64.28 -25.79 20.95
CA PRO D 229 63.95 -24.91 19.83
C PRO D 229 63.33 -25.70 18.68
N GLY D 230 62.58 -25.00 17.84
CA GLY D 230 61.90 -25.63 16.74
C GLY D 230 60.78 -26.56 17.12
N HIS D 231 60.29 -26.48 18.36
CA HIS D 231 59.18 -27.30 18.81
C HIS D 231 58.08 -26.41 19.36
N ALA D 232 56.84 -26.81 19.12
CA ALA D 232 55.68 -26.18 19.72
C ALA D 232 55.03 -27.19 20.65
N TYR D 233 54.79 -26.80 21.90
CA TYR D 233 54.22 -27.68 22.91
C TYR D 233 52.80 -27.25 23.20
N ILE D 234 51.84 -28.14 22.95
CA ILE D 234 50.42 -27.86 23.14
C ILE D 234 50.00 -28.35 24.53
N ALA D 235 49.33 -27.48 25.27
CA ALA D 235 48.84 -27.86 26.60
C ALA D 235 47.85 -29.01 26.49
N PRO D 236 47.94 -30.01 27.37
CA PRO D 236 46.92 -31.07 27.40
C PRO D 236 45.63 -30.57 28.04
N GLY D 237 44.53 -31.23 27.70
CA GLY D 237 43.20 -30.73 28.02
C GLY D 237 42.84 -30.75 29.50
N ALA D 238 43.55 -31.52 30.32
CA ALA D 238 43.19 -31.67 31.72
C ALA D 238 44.21 -31.08 32.68
N ARG D 239 45.25 -30.42 32.19
CA ARG D 239 46.33 -29.94 33.03
C ARG D 239 46.75 -28.55 32.58
N HIS D 240 47.22 -27.74 33.53
CA HIS D 240 47.83 -26.47 33.19
C HIS D 240 49.23 -26.68 32.63
N LEU D 241 49.53 -26.01 31.53
CA LEU D 241 50.88 -26.01 30.99
C LEU D 241 51.66 -24.84 31.60
N GLU D 242 52.86 -25.12 32.07
CA GLU D 242 53.74 -24.11 32.63
C GLU D 242 55.14 -24.28 32.08
N LEU D 243 55.84 -23.15 31.95
CA LEU D 243 57.29 -23.20 31.84
C LEU D 243 57.89 -23.37 33.23
N ALA D 244 58.90 -24.24 33.32
CA ALA D 244 59.65 -24.43 34.55
C ALA D 244 61.13 -24.53 34.18
N ARG D 245 61.99 -24.40 35.17
CA ARG D 245 63.43 -24.49 34.94
C ARG D 245 63.99 -25.52 35.93
N SER D 246 64.41 -26.69 35.47
CA SER D 246 65.16 -27.57 36.36
C SER D 246 66.61 -27.44 35.95
N GLY D 247 67.48 -27.10 36.91
CA GLY D 247 68.86 -26.83 36.63
C GLY D 247 68.98 -25.77 35.55
N ALA D 248 69.64 -26.16 34.47
CA ALA D 248 69.97 -25.21 33.44
C ALA D 248 68.92 -25.10 32.36
N ASN D 249 68.09 -26.11 32.15
CA ASN D 249 67.24 -26.14 30.96
C ASN D 249 65.81 -25.79 31.29
N TYR D 250 65.17 -25.04 30.39
CA TYR D 250 63.72 -24.94 30.39
C TYR D 250 63.08 -26.33 30.35
N GLN D 251 61.94 -26.49 31.03
CA GLN D 251 61.16 -27.72 31.03
C GLN D 251 59.67 -27.41 30.96
N VAL D 252 58.94 -28.37 30.44
CA VAL D 252 57.49 -28.41 30.58
C VAL D 252 57.13 -28.84 31.99
N ARG D 253 56.27 -28.09 32.64
CA ARG D 253 55.60 -28.54 33.86
C ARG D 253 54.09 -28.60 33.61
N LEU D 254 53.50 -29.75 33.90
CA LEU D 254 52.04 -29.92 33.90
C LEU D 254 51.53 -29.82 35.33
N ASN D 255 50.55 -28.95 35.55
CA ASN D 255 50.04 -28.67 36.89
C ASN D 255 48.60 -29.16 36.99
N ASP D 256 48.36 -30.11 37.91
CA ASP D 256 47.02 -30.65 38.10
C ASP D 256 46.23 -29.89 39.17
N GLY D 257 46.68 -28.69 39.53
CA GLY D 257 45.92 -27.83 40.41
C GLY D 257 44.59 -27.43 39.80
N PRO D 258 43.77 -26.73 40.57
CA PRO D 258 42.38 -26.47 40.14
C PRO D 258 42.33 -25.52 38.96
N PRO D 259 41.21 -25.48 38.23
CA PRO D 259 41.03 -24.45 37.21
C PRO D 259 41.00 -23.07 37.84
N VAL D 260 41.29 -22.07 37.04
CA VAL D 260 41.17 -20.66 37.45
C VAL D 260 40.20 -20.00 36.49
N ASN D 261 39.10 -19.47 37.04
CA ASN D 261 37.99 -18.96 36.24
C ASN D 261 37.53 -19.99 35.22
N ARG D 262 37.35 -21.22 35.70
CA ARG D 262 36.79 -22.33 34.95
C ARG D 262 37.67 -22.80 33.80
N HIS D 263 38.96 -22.49 33.81
N HIS D 263 38.95 -22.46 33.81
CA HIS D 263 39.81 -22.85 32.68
CA HIS D 263 39.88 -22.78 32.73
C HIS D 263 40.99 -23.69 33.12
C HIS D 263 40.96 -23.73 33.22
N ARG D 264 41.14 -24.85 32.50
CA ARG D 264 42.30 -25.70 32.67
C ARG D 264 42.48 -26.52 31.41
N PRO D 265 43.57 -26.31 30.64
CA PRO D 265 44.69 -25.39 30.91
C PRO D 265 44.30 -23.92 30.82
N SER D 266 44.90 -23.08 31.67
CA SER D 266 44.62 -21.66 31.70
C SER D 266 45.73 -20.90 30.97
N VAL D 267 45.35 -19.94 30.14
CA VAL D 267 46.34 -19.10 29.46
C VAL D 267 47.04 -18.19 30.47
N ASP D 268 46.34 -17.76 31.50
CA ASP D 268 46.96 -16.95 32.55
C ASP D 268 48.10 -17.72 33.22
N VAL D 269 47.88 -19.00 33.53
CA VAL D 269 48.91 -19.78 34.23
C VAL D 269 50.16 -19.91 33.36
N LEU D 270 49.97 -20.21 32.07
CA LEU D 270 51.10 -20.31 31.16
C LEU D 270 51.87 -18.98 31.07
N PHE D 271 51.16 -17.89 30.79
CA PHE D 271 51.80 -16.58 30.66
C PHE D 271 52.58 -16.21 31.92
N ARG D 272 52.02 -16.51 33.09
CA ARG D 272 52.69 -16.15 34.34
C ARG D 272 53.96 -16.98 34.54
N SER D 273 53.90 -18.28 34.28
CA SER D 273 55.11 -19.08 34.39
C SER D 273 56.17 -18.62 33.40
N VAL D 274 55.75 -18.17 32.22
CA VAL D 274 56.72 -17.72 31.23
C VAL D 274 57.33 -16.39 31.66
N ALA D 275 56.50 -15.47 32.18
CA ALA D 275 57.02 -14.23 32.72
C ALA D 275 58.03 -14.48 33.82
N GLN D 276 57.80 -15.52 34.61
CA GLN D 276 58.66 -15.82 35.75
C GLN D 276 60.01 -16.37 35.30
N TYR D 277 60.00 -17.32 34.37
CA TYR D 277 61.22 -18.05 34.05
C TYR D 277 61.91 -17.56 32.79
N ALA D 278 61.20 -16.93 31.88
CA ALA D 278 61.81 -16.38 30.67
C ALA D 278 61.87 -14.86 30.68
N GLY D 279 60.91 -14.19 31.31
CA GLY D 279 60.92 -12.75 31.46
C GLY D 279 61.13 -11.95 30.19
N ARG D 280 62.18 -11.13 30.16
N ARG D 280 62.20 -11.16 30.20
CA ARG D 280 62.42 -10.26 29.02
CA ARG D 280 62.57 -10.28 29.09
C ARG D 280 62.79 -11.03 27.75
C ARG D 280 62.80 -11.03 27.79
N ASN D 281 63.14 -12.31 27.85
CA ASN D 281 63.46 -13.10 26.67
C ASN D 281 62.22 -13.75 26.04
N ALA D 282 61.03 -13.44 26.52
CA ALA D 282 59.84 -14.06 25.98
C ALA D 282 59.08 -13.09 25.08
N VAL D 283 58.28 -13.67 24.18
CA VAL D 283 57.27 -12.96 23.43
C VAL D 283 55.93 -13.64 23.72
N GLY D 284 54.96 -12.87 24.18
CA GLY D 284 53.62 -13.38 24.45
C GLY D 284 52.66 -12.97 23.34
N VAL D 285 51.76 -13.89 22.99
CA VAL D 285 50.80 -13.71 21.92
C VAL D 285 49.44 -14.20 22.40
N ILE D 286 48.45 -13.30 22.40
CA ILE D 286 47.09 -13.64 22.80
C ILE D 286 46.22 -13.55 21.56
N LEU D 287 45.50 -14.63 21.28
CA LEU D 287 44.72 -14.77 20.05
C LEU D 287 43.23 -14.81 20.35
N THR D 288 42.44 -14.99 19.29
CA THR D 288 40.98 -15.02 19.36
C THR D 288 40.46 -15.94 20.45
N GLY D 289 39.41 -15.49 21.13
CA GLY D 289 38.74 -16.33 22.10
C GLY D 289 37.78 -15.58 23.00
N MET D 290 36.90 -16.34 23.64
CA MET D 290 35.93 -15.82 24.59
C MET D 290 36.58 -15.58 25.94
N GLY D 291 36.15 -14.52 26.61
CA GLY D 291 36.53 -14.32 27.99
C GLY D 291 37.76 -13.45 28.19
N ASN D 292 38.37 -13.61 29.36
CA ASN D 292 39.53 -12.82 29.75
C ASN D 292 40.70 -13.69 30.20
N ASP D 293 40.69 -14.97 29.87
CA ASP D 293 41.86 -15.81 30.16
C ASP D 293 43.06 -15.29 29.38
N GLY D 294 44.15 -15.02 30.11
CA GLY D 294 45.38 -14.52 29.52
C GLY D 294 45.61 -13.04 29.71
N ALA D 295 44.57 -12.29 30.08
CA ALA D 295 44.70 -10.84 30.19
C ALA D 295 45.64 -10.45 31.33
N ALA D 296 45.48 -11.09 32.48
CA ALA D 296 46.32 -10.78 33.63
C ALA D 296 47.70 -11.38 33.51
N GLY D 297 47.80 -12.57 32.90
CA GLY D 297 49.10 -13.14 32.62
C GLY D 297 49.90 -12.31 31.63
N MET D 298 49.23 -11.77 30.60
CA MET D 298 49.93 -10.93 29.65
C MET D 298 50.49 -9.68 30.31
N LEU D 299 49.77 -9.14 31.31
CA LEU D 299 50.28 -7.98 32.04
C LEU D 299 51.53 -8.35 32.85
N GLU D 300 51.52 -9.50 33.52
CA GLU D 300 52.73 -9.93 34.22
C GLU D 300 53.88 -10.14 33.24
N LEU D 301 53.59 -10.69 32.05
CA LEU D 301 54.62 -10.75 31.00
C LEU D 301 55.14 -9.36 30.68
N HIS D 302 54.23 -8.41 30.44
CA HIS D 302 54.64 -7.07 30.08
C HIS D 302 55.50 -6.43 31.16
N GLN D 303 55.14 -6.62 32.43
CA GLN D 303 55.91 -6.03 33.52
C GLN D 303 57.27 -6.69 33.69
N ALA D 304 57.44 -7.92 33.21
CA ALA D 304 58.74 -8.59 33.26
C ALA D 304 59.62 -8.22 32.07
N GLY D 305 59.18 -7.36 31.16
CA GLY D 305 59.98 -6.95 30.03
C GLY D 305 59.75 -7.73 28.75
N ALA D 306 58.77 -8.63 28.73
CA ALA D 306 58.47 -9.38 27.52
C ALA D 306 57.73 -8.50 26.52
N TYR D 307 57.92 -8.77 25.23
CA TYR D 307 57.12 -8.14 24.18
C TYR D 307 55.84 -8.94 24.01
N THR D 308 54.72 -8.23 23.88
CA THR D 308 53.40 -8.86 23.85
C THR D 308 52.62 -8.44 22.61
N LEU D 309 51.95 -9.41 21.99
CA LEU D 309 51.14 -9.17 20.81
C LEU D 309 49.70 -9.63 21.06
N ALA D 310 48.75 -8.90 20.50
CA ALA D 310 47.34 -9.25 20.56
C ALA D 310 46.76 -9.24 19.15
N GLN D 311 46.01 -10.28 18.82
CA GLN D 311 45.30 -10.34 17.54
C GLN D 311 44.25 -9.24 17.48
N ASN D 312 44.14 -8.59 16.32
CA ASN D 312 43.25 -7.45 16.22
C ASN D 312 41.79 -7.89 16.04
N GLU D 313 40.88 -6.93 16.14
CA GLU D 313 39.46 -7.22 16.09
C GLU D 313 39.03 -7.69 14.70
N ALA D 314 39.63 -7.13 13.65
CA ALA D 314 39.20 -7.46 12.30
C ALA D 314 39.40 -8.93 11.97
N SER D 315 40.44 -9.55 12.52
CA SER D 315 40.77 -10.93 12.16
C SER D 315 40.29 -11.97 13.17
N CYS D 316 39.81 -11.55 14.34
CA CYS D 316 39.39 -12.48 15.39
C CYS D 316 38.02 -13.07 15.09
N VAL D 317 37.88 -14.37 15.35
CA VAL D 317 36.54 -14.94 15.41
C VAL D 317 35.78 -14.35 16.60
N VAL D 318 36.44 -14.25 17.76
CA VAL D 318 35.89 -13.64 18.96
C VAL D 318 36.95 -12.71 19.52
N PHE D 319 36.69 -11.40 19.47
CA PHE D 319 37.59 -10.39 20.01
C PHE D 319 37.33 -10.18 21.50
N GLY D 320 37.54 -11.26 22.26
CA GLY D 320 37.30 -11.21 23.69
C GLY D 320 38.60 -11.25 24.46
N MET D 321 39.31 -12.36 24.34
CA MET D 321 40.58 -12.49 25.03
C MET D 321 41.59 -11.41 24.64
N PRO D 322 41.82 -11.12 23.35
CA PRO D 322 42.72 -9.99 23.05
C PRO D 322 42.20 -8.65 23.57
N ARG D 323 40.89 -8.42 23.51
CA ARG D 323 40.34 -7.16 24.01
C ARG D 323 40.67 -6.97 25.49
N GLU D 324 40.46 -8.01 26.31
CA GLU D 324 40.76 -7.92 27.73
C GLU D 324 42.24 -7.69 27.99
N ALA D 325 43.09 -8.38 27.24
CA ALA D 325 44.53 -8.14 27.38
C ALA D 325 44.87 -6.68 27.09
N ILE D 326 44.33 -6.13 25.99
CA ILE D 326 44.59 -4.73 25.66
C ILE D 326 44.06 -3.83 26.77
N ALA D 327 42.89 -4.17 27.32
CA ALA D 327 42.26 -3.34 28.34
C ALA D 327 43.12 -3.23 29.58
N MET D 328 43.79 -4.33 29.97
CA MET D 328 44.61 -4.32 31.17
C MET D 328 45.94 -3.61 30.98
N GLY D 329 46.27 -3.22 29.76
CA GLY D 329 47.44 -2.39 29.50
C GLY D 329 48.75 -3.11 29.29
N GLY D 330 48.73 -4.42 29.05
CA GLY D 330 49.96 -5.16 28.90
C GLY D 330 50.29 -5.60 27.49
N VAL D 331 49.71 -4.94 26.49
CA VAL D 331 49.89 -5.30 25.08
C VAL D 331 50.73 -4.22 24.40
N ASP D 332 51.87 -4.63 23.83
CA ASP D 332 52.74 -3.68 23.12
C ASP D 332 52.23 -3.37 21.73
N GLU D 333 51.51 -4.30 21.10
CA GLU D 333 51.24 -4.19 19.67
C GLU D 333 50.02 -5.02 19.33
N VAL D 334 49.06 -4.41 18.65
CA VAL D 334 47.89 -5.10 18.13
C VAL D 334 48.13 -5.39 16.66
N VAL D 335 48.01 -6.66 16.27
CA VAL D 335 48.41 -7.09 14.93
C VAL D 335 47.34 -7.97 14.32
N ASP D 336 47.24 -7.91 12.99
CA ASP D 336 46.37 -8.83 12.26
C ASP D 336 46.92 -10.25 12.32
N LEU D 337 46.01 -11.23 12.32
CA LEU D 337 46.39 -12.62 12.48
C LEU D 337 47.49 -13.03 11.50
N HIS D 338 47.41 -12.58 10.25
CA HIS D 338 48.35 -13.00 9.22
C HIS D 338 49.68 -12.27 9.28
N GLN D 339 49.84 -11.34 10.21
CA GLN D 339 51.13 -10.71 10.48
C GLN D 339 51.76 -11.21 11.78
N VAL D 340 51.07 -12.08 12.52
CA VAL D 340 51.54 -12.48 13.86
C VAL D 340 52.89 -13.19 13.77
N SER D 341 53.01 -14.16 12.86
CA SER D 341 54.24 -14.94 12.76
C SER D 341 55.44 -14.05 12.47
N GLN D 342 55.31 -13.14 11.51
CA GLN D 342 56.44 -12.28 11.17
C GLN D 342 56.76 -11.32 12.31
N ARG D 343 55.75 -10.77 12.98
CA ARG D 343 56.02 -9.80 14.04
C ARG D 343 56.68 -10.47 15.24
N MET D 344 56.25 -11.68 15.61
CA MET D 344 56.85 -12.34 16.78
C MET D 344 58.25 -12.87 16.47
N LEU D 345 58.49 -13.37 15.26
CA LEU D 345 59.84 -13.77 14.88
C LEU D 345 60.77 -12.56 14.80
N ALA D 346 60.28 -11.43 14.28
CA ALA D 346 61.11 -10.25 14.19
C ALA D 346 61.48 -9.73 15.58
N GLN D 347 60.54 -9.80 16.52
CA GLN D 347 60.80 -9.33 17.87
C GLN D 347 61.72 -10.30 18.62
N ILE D 348 61.59 -11.60 18.36
CA ILE D 348 62.48 -12.58 18.97
C ILE D 348 63.92 -12.35 18.52
N SER D 349 64.11 -12.12 17.22
CA SER D 349 65.45 -12.00 16.66
C SER D 349 66.10 -10.67 17.00
N ALA D 350 65.33 -9.67 17.43
CA ALA D 350 65.93 -8.40 17.84
C ALA D 350 66.92 -8.61 18.98
N GLY D 351 66.62 -9.53 19.88
CA GLY D 351 67.54 -9.89 20.95
C GLY D 351 67.16 -9.35 22.31
N MET E 7 -7.38 -2.51 -35.07
CA MET E 7 -6.64 -2.74 -33.83
C MET E 7 -5.68 -3.92 -33.93
N SER E 8 -5.21 -4.36 -32.76
CA SER E 8 -4.08 -5.26 -32.62
C SER E 8 -4.37 -6.64 -33.23
N LYS E 9 -3.30 -7.35 -33.53
CA LYS E 9 -3.30 -8.80 -33.60
C LYS E 9 -2.88 -9.32 -32.24
N ILE E 10 -3.22 -10.58 -31.95
CA ILE E 10 -2.74 -11.19 -30.72
C ILE E 10 -1.23 -11.37 -30.82
N ARG E 11 -0.49 -10.74 -29.91
N ARG E 11 -0.49 -10.75 -29.91
CA ARG E 11 0.96 -10.79 -29.94
CA ARG E 11 0.96 -10.79 -29.94
C ARG E 11 1.45 -12.07 -29.27
C ARG E 11 1.46 -12.07 -29.28
N VAL E 12 2.14 -12.91 -30.04
CA VAL E 12 2.60 -14.22 -29.59
C VAL E 12 4.11 -14.25 -29.50
N LEU E 13 4.62 -14.80 -28.40
CA LEU E 13 6.03 -15.12 -28.24
C LEU E 13 6.14 -16.64 -28.09
N CYS E 14 7.04 -17.24 -28.87
CA CYS E 14 7.22 -18.69 -28.90
C CYS E 14 8.59 -19.05 -28.34
N VAL E 15 8.60 -19.95 -27.35
CA VAL E 15 9.83 -20.45 -26.74
C VAL E 15 9.94 -21.92 -27.08
N ASP E 16 10.94 -22.27 -27.89
CA ASP E 16 11.16 -23.65 -28.29
C ASP E 16 12.64 -23.85 -28.61
N ASP E 17 13.20 -24.94 -28.08
CA ASP E 17 14.62 -25.23 -28.24
C ASP E 17 14.99 -25.54 -29.68
N SER E 18 14.03 -25.99 -30.49
CA SER E 18 14.33 -26.41 -31.86
C SER E 18 14.23 -25.23 -32.81
N ALA E 19 15.32 -24.99 -33.55
CA ALA E 19 15.32 -23.93 -34.55
C ALA E 19 14.22 -24.15 -35.60
N LEU E 20 14.00 -25.40 -36.00
CA LEU E 20 12.96 -25.70 -36.99
C LEU E 20 11.58 -25.41 -36.44
N MET E 21 11.34 -25.75 -35.16
CA MET E 21 10.04 -25.50 -34.55
C MET E 21 9.78 -24.01 -34.37
N ARG E 22 10.82 -23.23 -34.03
CA ARG E 22 10.64 -21.79 -33.89
C ARG E 22 10.15 -21.18 -35.19
N GLN E 23 10.63 -21.67 -36.32
CA GLN E 23 10.18 -21.16 -37.61
C GLN E 23 8.82 -21.74 -38.01
N ILE E 24 8.55 -23.01 -37.68
CA ILE E 24 7.24 -23.60 -37.95
C ILE E 24 6.16 -22.85 -37.17
N MET E 25 6.41 -22.58 -35.89
CA MET E 25 5.48 -21.78 -35.11
C MET E 25 5.30 -20.40 -35.72
N THR E 26 6.37 -19.81 -36.25
CA THR E 26 6.29 -18.49 -36.86
C THR E 26 5.35 -18.50 -38.06
N GLU E 27 5.54 -19.47 -38.97
CA GLU E 27 4.71 -19.52 -40.16
C GLU E 27 3.27 -19.91 -39.83
N ILE E 28 3.08 -20.81 -38.87
CA ILE E 28 1.72 -21.23 -38.50
C ILE E 28 0.93 -20.04 -37.95
N ILE E 29 1.50 -19.34 -36.95
CA ILE E 29 0.76 -18.28 -36.26
C ILE E 29 0.61 -17.07 -37.16
N ASN E 30 1.65 -16.75 -37.95
CA ASN E 30 1.54 -15.61 -38.86
C ASN E 30 0.53 -15.86 -39.97
N SER E 31 0.30 -17.13 -40.34
CA SER E 31 -0.65 -17.43 -41.40
C SER E 31 -2.09 -17.19 -40.99
N HIS E 32 -2.35 -17.06 -39.69
CA HIS E 32 -3.72 -16.70 -39.29
C HIS E 32 -3.85 -15.18 -39.20
N PRO E 33 -5.01 -14.63 -39.60
CA PRO E 33 -5.13 -13.18 -39.77
C PRO E 33 -5.43 -12.42 -38.48
N ASP E 34 -5.46 -13.08 -37.33
CA ASP E 34 -5.76 -12.39 -36.08
C ASP E 34 -4.65 -12.57 -35.04
N MET E 35 -3.47 -12.98 -35.47
CA MET E 35 -2.37 -13.23 -34.54
C MET E 35 -1.05 -13.07 -35.26
N GLU E 36 0.00 -12.82 -34.47
CA GLU E 36 1.33 -12.58 -35.00
C GLU E 36 2.37 -13.05 -33.99
N VAL E 37 3.51 -13.51 -34.49
CA VAL E 37 4.64 -13.86 -33.63
C VAL E 37 5.52 -12.63 -33.51
N VAL E 38 5.61 -12.07 -32.32
CA VAL E 38 6.44 -10.88 -32.11
C VAL E 38 7.89 -11.23 -31.78
N ALA E 39 8.16 -12.45 -31.33
CA ALA E 39 9.51 -12.86 -30.98
C ALA E 39 9.53 -14.36 -30.77
N THR E 40 10.71 -14.94 -30.90
CA THR E 40 10.97 -16.32 -30.52
C THR E 40 12.21 -16.36 -29.63
N ALA E 41 12.34 -17.43 -28.87
CA ALA E 41 13.44 -17.57 -27.94
C ALA E 41 13.75 -19.04 -27.73
N PRO E 42 15.01 -19.47 -27.86
CA PRO E 42 15.33 -20.88 -27.67
C PRO E 42 15.33 -21.34 -26.22
N ASP E 43 15.41 -20.43 -25.25
CA ASP E 43 15.49 -20.83 -23.86
C ASP E 43 14.87 -19.75 -22.99
N PRO E 44 14.59 -20.06 -21.72
CA PRO E 44 13.97 -19.05 -20.83
C PRO E 44 14.78 -17.78 -20.67
N LEU E 45 16.12 -17.89 -20.69
CA LEU E 45 16.95 -16.71 -20.42
C LEU E 45 16.71 -15.61 -21.44
N VAL E 46 16.74 -15.95 -22.73
CA VAL E 46 16.48 -14.93 -23.75
C VAL E 46 15.00 -14.58 -23.80
N ALA E 47 14.13 -15.51 -23.40
CA ALA E 47 12.70 -15.21 -23.37
C ALA E 47 12.40 -14.04 -22.46
N ARG E 48 13.05 -13.97 -21.30
CA ARG E 48 12.85 -12.86 -20.36
C ARG E 48 13.18 -11.54 -21.02
N ASP E 49 14.38 -11.43 -21.60
CA ASP E 49 14.73 -10.33 -22.50
C ASP E 49 13.53 -9.87 -23.32
N LEU E 50 13.00 -10.78 -24.17
CA LEU E 50 12.00 -10.47 -25.18
C LEU E 50 10.59 -10.36 -24.63
N ILE E 51 10.33 -10.85 -23.42
CA ILE E 51 9.02 -10.65 -22.81
C ILE E 51 8.80 -9.18 -22.50
N LYS E 52 9.79 -8.51 -21.93
CA LYS E 52 9.59 -7.12 -21.52
C LYS E 52 9.72 -6.13 -22.68
N LYS E 53 10.28 -6.55 -23.82
CA LYS E 53 10.49 -5.60 -24.91
C LYS E 53 9.38 -5.63 -25.94
N PHE E 54 8.88 -6.81 -26.31
CA PHE E 54 7.75 -6.87 -27.23
C PHE E 54 6.42 -7.15 -26.54
N ASN E 55 6.41 -7.18 -25.18
CA ASN E 55 5.32 -7.53 -24.27
C ASN E 55 4.19 -8.38 -24.89
N PRO E 56 4.44 -9.65 -25.13
CA PRO E 56 3.44 -10.50 -25.78
C PRO E 56 2.20 -10.72 -24.92
N GLN E 57 1.09 -11.00 -25.60
CA GLN E 57 -0.17 -11.32 -24.93
C GLN E 57 -0.26 -12.79 -24.53
N VAL E 58 0.29 -13.69 -25.33
CA VAL E 58 0.22 -15.13 -25.09
C VAL E 58 1.58 -15.75 -25.34
N LEU E 59 1.94 -16.71 -24.48
CA LEU E 59 3.23 -17.38 -24.53
C LEU E 59 3.04 -18.85 -24.93
N THR E 60 3.82 -19.31 -25.89
N THR E 60 3.82 -19.28 -25.91
CA THR E 60 3.89 -20.74 -26.19
CA THR E 60 3.97 -20.69 -26.24
C THR E 60 5.23 -21.26 -25.69
C THR E 60 5.26 -21.19 -25.59
N LEU E 61 5.19 -22.33 -24.90
CA LEU E 61 6.33 -22.83 -24.15
C LEU E 61 6.47 -24.33 -24.35
N ASP E 62 7.47 -24.72 -25.13
CA ASP E 62 7.95 -26.10 -25.14
C ASP E 62 9.08 -26.23 -24.11
N VAL E 63 9.04 -27.28 -23.30
CA VAL E 63 10.16 -27.55 -22.41
C VAL E 63 10.75 -28.92 -22.74
N GLU E 64 11.55 -28.94 -23.79
CA GLU E 64 12.42 -30.05 -24.13
C GLU E 64 13.86 -29.57 -24.08
N MET E 65 14.16 -28.73 -23.09
CA MET E 65 15.29 -27.81 -22.99
C MET E 65 16.41 -28.37 -22.14
N PRO E 66 17.66 -28.28 -22.61
CA PRO E 66 18.87 -28.56 -21.84
C PRO E 66 19.02 -27.59 -20.67
N ASP E 69 14.72 -26.87 -16.31
CA ASP E 69 14.28 -25.75 -15.50
C ASP E 69 13.27 -24.87 -16.24
N GLY E 70 12.58 -25.48 -17.21
CA GLY E 70 11.48 -24.78 -17.85
C GLY E 70 10.31 -24.54 -16.91
N LEU E 71 10.13 -25.43 -15.92
CA LEU E 71 9.11 -25.22 -14.91
C LEU E 71 9.53 -24.15 -13.91
N ASP E 72 10.83 -24.05 -13.61
CA ASP E 72 11.30 -22.92 -12.82
C ASP E 72 11.06 -21.62 -13.56
N PHE E 73 11.20 -21.63 -14.89
CA PHE E 73 10.87 -20.47 -15.70
C PHE E 73 9.38 -20.15 -15.60
N LEU E 74 8.54 -21.17 -15.73
CA LEU E 74 7.10 -20.95 -15.63
C LEU E 74 6.69 -20.51 -14.23
N GLU E 75 7.39 -20.99 -13.20
CA GLU E 75 6.98 -20.70 -11.83
C GLU E 75 7.12 -19.22 -11.50
N LYS E 76 8.28 -18.63 -11.79
CA LYS E 76 8.50 -17.22 -11.44
C LYS E 76 7.76 -16.29 -12.39
N LEU E 77 7.58 -16.72 -13.64
CA LEU E 77 6.77 -15.94 -14.56
C LEU E 77 5.35 -15.76 -14.01
N MET E 78 4.64 -16.87 -13.76
CA MET E 78 3.29 -16.78 -13.17
C MET E 78 3.27 -16.04 -11.83
N ARG E 79 4.40 -16.00 -11.12
N ARG E 79 4.38 -16.02 -11.10
CA ARG E 79 4.49 -15.29 -9.85
CA ARG E 79 4.45 -15.27 -9.84
C ARG E 79 4.80 -13.81 -10.06
C ARG E 79 4.80 -13.80 -10.06
N LEU E 80 5.77 -13.51 -10.92
CA LEU E 80 6.21 -12.14 -11.14
C LEU E 80 5.43 -11.44 -12.26
N ARG E 81 5.14 -12.15 -13.35
CA ARG E 81 4.50 -11.57 -14.52
C ARG E 81 3.51 -12.58 -15.08
N PRO E 82 2.39 -12.80 -14.41
CA PRO E 82 1.44 -13.80 -14.88
C PRO E 82 0.84 -13.41 -16.22
N MET E 83 0.80 -14.37 -17.13
CA MET E 83 0.28 -14.17 -18.48
C MET E 83 -0.20 -15.50 -19.01
N PRO E 84 -1.04 -15.50 -20.05
CA PRO E 84 -1.51 -16.77 -20.61
C PRO E 84 -0.36 -17.55 -21.24
N VAL E 85 -0.23 -18.81 -20.82
CA VAL E 85 0.82 -19.69 -21.31
C VAL E 85 0.15 -20.99 -21.76
N VAL E 86 0.38 -21.37 -23.02
CA VAL E 86 -0.08 -22.64 -23.56
C VAL E 86 1.16 -23.48 -23.85
N MET E 87 1.24 -24.65 -23.22
CA MET E 87 2.39 -25.52 -23.35
C MET E 87 2.38 -26.24 -24.69
N VAL E 88 3.57 -26.55 -25.19
CA VAL E 88 3.75 -27.41 -26.36
C VAL E 88 4.41 -28.68 -25.87
N SER E 89 3.71 -29.80 -25.99
CA SER E 89 4.12 -31.05 -25.40
C SER E 89 4.19 -32.15 -26.46
N SER E 90 5.14 -33.04 -26.28
CA SER E 90 5.12 -34.30 -27.00
C SER E 90 4.05 -35.21 -26.41
N LEU E 91 3.64 -36.19 -27.20
CA LEU E 91 2.80 -37.26 -26.69
C LEU E 91 3.70 -38.35 -26.11
N THR E 92 4.31 -38.00 -24.99
CA THR E 92 5.17 -38.89 -24.22
C THR E 92 4.55 -39.13 -22.84
N GLY E 93 5.23 -39.93 -22.05
CA GLY E 93 4.93 -40.01 -20.63
C GLY E 93 5.69 -38.92 -19.90
N LYS E 94 6.89 -38.60 -20.40
N LYS E 94 6.90 -38.63 -20.40
CA LYS E 94 7.68 -37.55 -19.78
CA LYS E 94 7.70 -37.56 -19.82
C LYS E 94 7.07 -36.18 -20.04
C LYS E 94 7.04 -36.20 -20.04
N GLY E 95 6.53 -35.96 -21.25
CA GLY E 95 5.79 -34.74 -21.49
C GLY E 95 4.45 -34.73 -20.79
N SER E 96 3.88 -35.92 -20.55
CA SER E 96 2.66 -36.02 -19.77
C SER E 96 2.85 -35.42 -18.37
N GLU E 97 3.90 -35.88 -17.67
CA GLU E 97 4.12 -35.42 -16.30
C GLU E 97 4.47 -33.94 -16.26
N ILE E 98 5.35 -33.49 -17.17
CA ILE E 98 5.77 -32.09 -17.14
C ILE E 98 4.62 -31.17 -17.51
N THR E 99 3.76 -31.60 -18.45
CA THR E 99 2.61 -30.78 -18.82
C THR E 99 1.65 -30.62 -17.65
N LEU E 100 1.34 -31.71 -16.95
CA LEU E 100 0.42 -31.62 -15.83
C LEU E 100 1.01 -30.76 -14.70
N ARG E 101 2.31 -30.84 -14.46
CA ARG E 101 2.94 -29.97 -13.48
C ARG E 101 2.96 -28.53 -13.97
N ALA E 102 3.17 -28.32 -15.27
CA ALA E 102 2.99 -26.98 -15.83
C ALA E 102 1.55 -26.51 -15.67
N LEU E 103 0.57 -27.42 -15.70
CA LEU E 103 -0.82 -27.05 -15.45
C LEU E 103 -1.04 -26.63 -14.00
N GLU E 104 -0.34 -27.26 -13.06
CA GLU E 104 -0.42 -26.82 -11.68
C GLU E 104 0.19 -25.43 -11.48
N LEU E 105 1.22 -25.08 -12.25
CA LEU E 105 2.01 -23.88 -12.00
C LEU E 105 1.39 -22.61 -12.58
N GLY E 106 0.24 -22.68 -13.26
CA GLY E 106 -0.44 -21.50 -13.79
C GLY E 106 -0.70 -21.55 -15.29
N ALA E 107 -0.06 -22.46 -16.02
CA ALA E 107 -0.34 -22.61 -17.44
C ALA E 107 -1.76 -23.10 -17.65
N ILE E 108 -2.46 -22.51 -18.62
CA ILE E 108 -3.90 -22.73 -18.74
C ILE E 108 -4.28 -23.83 -19.73
N ASP E 109 -3.43 -24.14 -20.71
CA ASP E 109 -3.75 -25.20 -21.67
C ASP E 109 -2.45 -25.69 -22.31
N PHE E 110 -2.59 -26.70 -23.16
CA PHE E 110 -1.45 -27.28 -23.85
C PHE E 110 -1.90 -27.84 -25.19
N VAL E 111 -0.92 -28.08 -26.06
CA VAL E 111 -1.15 -28.68 -27.37
C VAL E 111 -0.13 -29.80 -27.56
N THR E 112 -0.57 -30.87 -28.21
CA THR E 112 0.29 -31.99 -28.56
C THR E 112 0.79 -31.82 -29.99
N LYS E 113 2.09 -32.00 -30.20
CA LYS E 113 2.62 -32.01 -31.56
C LYS E 113 2.33 -33.35 -32.21
N PRO E 114 1.56 -33.40 -33.29
CA PRO E 114 1.53 -34.59 -34.14
C PRO E 114 2.82 -34.63 -34.95
N GLN E 115 2.93 -35.63 -35.82
CA GLN E 115 4.07 -35.68 -36.73
C GLN E 115 3.75 -34.78 -37.92
N LEU E 116 4.44 -33.64 -37.97
CA LEU E 116 4.14 -32.60 -38.95
C LEU E 116 4.83 -32.83 -40.30
N GLY E 117 5.64 -33.89 -40.42
CA GLY E 117 6.07 -34.34 -41.73
C GLY E 117 4.91 -34.78 -42.61
N ILE E 118 3.80 -35.19 -42.00
CA ILE E 118 2.54 -35.42 -42.70
C ILE E 118 1.83 -34.09 -42.84
N ARG E 119 1.28 -33.84 -44.04
N ARG E 119 1.28 -33.84 -44.04
CA ARG E 119 0.69 -32.53 -44.32
CA ARG E 119 0.69 -32.55 -44.34
C ARG E 119 -0.55 -32.28 -43.46
C ARG E 119 -0.54 -32.29 -43.47
N GLU E 120 -1.46 -33.26 -43.39
CA GLU E 120 -2.66 -33.06 -42.58
C GLU E 120 -2.36 -33.02 -41.09
N GLY E 121 -1.24 -33.60 -40.65
CA GLY E 121 -0.81 -33.36 -39.28
C GLY E 121 -0.40 -31.92 -39.05
N MET E 122 0.22 -31.30 -40.06
CA MET E 122 0.59 -29.89 -39.96
C MET E 122 -0.64 -28.99 -39.99
N LEU E 123 -1.64 -29.36 -40.80
CA LEU E 123 -2.85 -28.56 -40.91
C LEU E 123 -3.66 -28.61 -39.61
N ALA E 124 -3.76 -29.80 -39.00
CA ALA E 124 -4.53 -29.94 -37.76
C ALA E 124 -3.82 -29.26 -36.59
N TYR E 125 -2.49 -29.39 -36.53
CA TYR E 125 -1.72 -28.71 -35.49
C TYR E 125 -1.88 -27.20 -35.59
N SER E 126 -1.80 -26.65 -36.82
CA SER E 126 -1.90 -25.21 -37.00
C SER E 126 -3.24 -24.67 -36.54
N GLU E 127 -4.33 -25.34 -36.93
CA GLU E 127 -5.65 -24.89 -36.50
C GLU E 127 -5.84 -25.06 -34.99
N LEU E 128 -5.21 -26.08 -34.40
CA LEU E 128 -5.33 -26.26 -32.95
C LEU E 128 -4.48 -25.23 -32.21
N ILE E 129 -3.30 -24.88 -32.73
CA ILE E 129 -2.54 -23.77 -32.17
C ILE E 129 -3.39 -22.52 -32.17
N ALA E 130 -4.02 -22.22 -33.32
CA ALA E 130 -4.73 -20.96 -33.49
C ALA E 130 -5.90 -20.84 -32.51
N GLU E 131 -6.62 -21.93 -32.24
CA GLU E 131 -7.76 -21.81 -31.33
C GLU E 131 -7.28 -21.68 -29.89
N LYS E 132 -6.19 -22.36 -29.52
CA LYS E 132 -5.67 -22.22 -28.16
C LYS E 132 -5.13 -20.82 -27.91
N ILE E 133 -4.48 -20.23 -28.92
N ILE E 133 -4.50 -20.19 -28.91
CA ILE E 133 -3.98 -18.86 -28.79
CA ILE E 133 -3.99 -18.85 -28.70
C ILE E 133 -5.15 -17.89 -28.68
C ILE E 133 -5.10 -17.80 -28.81
N ARG E 134 -6.22 -18.13 -29.45
CA ARG E 134 -7.40 -17.27 -29.35
C ARG E 134 -8.07 -17.38 -27.99
N MET E 135 -8.19 -18.61 -27.48
CA MET E 135 -8.74 -18.81 -26.13
C MET E 135 -7.85 -18.17 -25.08
N ALA E 136 -6.54 -18.38 -25.19
CA ALA E 136 -5.61 -17.88 -24.17
C ALA E 136 -5.64 -16.37 -24.06
N ALA E 137 -5.86 -15.66 -25.17
CA ALA E 137 -5.91 -14.20 -25.15
C ALA E 137 -7.10 -13.66 -24.37
N LYS E 138 -8.14 -14.47 -24.18
N LYS E 138 -8.14 -14.48 -24.19
CA LYS E 138 -9.33 -14.04 -23.45
CA LYS E 138 -9.35 -14.07 -23.47
C LYS E 138 -9.52 -14.78 -22.14
C LYS E 138 -9.59 -14.89 -22.21
N ALA E 139 -8.63 -15.70 -21.80
CA ALA E 139 -8.81 -16.53 -20.62
C ALA E 139 -8.53 -15.73 -19.34
N ARG E 140 -9.19 -16.14 -18.26
CA ARG E 140 -8.97 -15.55 -16.95
C ARG E 140 -7.90 -16.34 -16.22
N LEU E 141 -6.87 -15.64 -15.75
CA LEU E 141 -5.84 -16.24 -14.92
C LEU E 141 -6.36 -16.52 -13.51
N PRO E 142 -7.21 -15.65 -12.92
CA PRO E 142 -7.76 -16.08 -11.62
C PRO E 142 -8.90 -17.08 -11.77
N MET E 157 -19.10 -37.48 6.74
CA MET E 157 -20.26 -37.90 5.97
C MET E 157 -20.39 -39.42 5.94
N PRO E 158 -21.58 -39.93 6.28
CA PRO E 158 -21.80 -41.37 6.25
C PRO E 158 -21.90 -41.89 4.82
N LEU E 159 -21.78 -43.21 4.69
CA LEU E 159 -21.90 -43.86 3.40
C LEU E 159 -23.31 -43.67 2.85
N LEU E 160 -23.39 -43.21 1.61
CA LEU E 160 -24.67 -43.05 0.94
C LEU E 160 -25.08 -44.34 0.25
N SER E 161 -26.25 -44.33 -0.37
CA SER E 161 -26.67 -45.46 -1.18
C SER E 161 -25.76 -45.61 -2.37
N SER E 162 -25.46 -46.86 -2.74
CA SER E 162 -24.64 -47.13 -3.91
C SER E 162 -25.25 -46.59 -5.19
N GLU E 163 -26.53 -46.20 -5.17
N GLU E 163 -26.54 -46.22 -5.17
CA GLU E 163 -27.21 -45.66 -6.32
CA GLU E 163 -27.20 -45.66 -6.34
C GLU E 163 -26.86 -44.20 -6.58
C GLU E 163 -26.76 -44.22 -6.62
N LYS E 164 -26.24 -43.52 -5.61
CA LYS E 164 -25.85 -42.13 -5.78
C LYS E 164 -24.56 -42.02 -6.59
N LEU E 165 -24.51 -41.06 -7.50
CA LEU E 165 -23.35 -40.88 -8.37
C LEU E 165 -23.25 -39.42 -8.79
N ILE E 166 -22.01 -38.96 -8.96
CA ILE E 166 -21.72 -37.59 -9.39
C ILE E 166 -21.00 -37.64 -10.72
N ALA E 167 -21.46 -36.84 -11.67
CA ALA E 167 -20.80 -36.71 -12.98
C ALA E 167 -20.21 -35.32 -13.13
N ILE E 168 -18.97 -35.26 -13.63
CA ILE E 168 -18.24 -34.01 -13.80
C ILE E 168 -17.67 -33.95 -15.20
N GLY E 169 -17.71 -32.76 -15.80
CA GLY E 169 -17.11 -32.54 -17.10
C GLY E 169 -16.38 -31.21 -17.12
N ALA E 170 -15.27 -31.17 -17.85
CA ALA E 170 -14.46 -29.97 -17.88
C ALA E 170 -13.51 -30.04 -19.06
N SER E 171 -12.89 -28.89 -19.36
CA SER E 171 -11.81 -28.86 -20.34
C SER E 171 -10.74 -27.87 -19.92
N THR E 172 -10.61 -26.77 -20.66
CA THR E 172 -9.54 -25.80 -20.41
C THR E 172 -9.63 -25.27 -18.99
N GLY E 173 -8.55 -25.47 -18.23
CA GLY E 173 -8.54 -25.19 -16.81
C GLY E 173 -9.12 -26.28 -15.95
N GLY E 174 -9.52 -27.42 -16.53
CA GLY E 174 -10.22 -28.44 -15.77
C GLY E 174 -9.34 -29.28 -14.87
N THR E 175 -8.06 -29.44 -15.22
CA THR E 175 -7.18 -30.26 -14.39
C THR E 175 -6.98 -29.66 -13.01
N GLU E 176 -6.99 -28.33 -12.92
CA GLU E 176 -6.93 -27.69 -11.60
C GLU E 176 -8.29 -27.70 -10.92
N ALA E 177 -9.36 -27.37 -11.66
CA ALA E 177 -10.68 -27.32 -11.07
C ALA E 177 -11.10 -28.67 -10.51
N ILE E 178 -10.86 -29.75 -11.27
CA ILE E 178 -11.20 -31.10 -10.79
C ILE E 178 -10.42 -31.42 -9.52
N ARG E 179 -9.14 -31.01 -9.45
CA ARG E 179 -8.35 -31.29 -8.26
C ARG E 179 -8.88 -30.55 -7.06
N HIS E 180 -9.39 -29.34 -7.26
CA HIS E 180 -9.99 -28.59 -6.15
C HIS E 180 -11.30 -29.21 -5.70
N VAL E 181 -12.01 -29.89 -6.60
CA VAL E 181 -13.27 -30.52 -6.24
C VAL E 181 -13.04 -31.86 -5.55
N LEU E 182 -12.02 -32.62 -6.00
CA LEU E 182 -11.83 -33.98 -5.50
C LEU E 182 -11.05 -34.00 -4.19
N GLN E 183 -10.09 -33.10 -4.01
CA GLN E 183 -9.20 -33.17 -2.86
C GLN E 183 -9.92 -33.19 -1.51
N PRO E 184 -10.94 -32.37 -1.25
CA PRO E 184 -11.59 -32.39 0.06
C PRO E 184 -12.65 -33.48 0.23
N LEU E 185 -12.80 -34.38 -0.73
CA LEU E 185 -13.82 -35.41 -0.62
C LEU E 185 -13.41 -36.47 0.39
N PRO E 186 -14.32 -36.88 1.27
CA PRO E 186 -14.01 -37.95 2.23
C PRO E 186 -14.03 -39.31 1.55
N PRO E 187 -13.52 -40.36 2.21
CA PRO E 187 -13.53 -41.69 1.58
C PRO E 187 -14.91 -42.26 1.34
N THR E 188 -15.93 -41.81 2.08
CA THR E 188 -17.28 -42.30 1.91
C THR E 188 -18.04 -41.57 0.81
N SER E 189 -17.35 -40.74 0.02
CA SER E 189 -18.00 -40.01 -1.05
C SER E 189 -18.65 -40.99 -2.04
N PRO E 190 -19.77 -40.59 -2.65
CA PRO E 190 -20.32 -41.39 -3.75
C PRO E 190 -19.38 -41.40 -4.95
N ALA E 191 -19.58 -42.40 -5.80
CA ALA E 191 -18.72 -42.54 -6.97
C ALA E 191 -18.83 -41.32 -7.89
N LEU E 192 -17.71 -41.01 -8.54
CA LEU E 192 -17.65 -39.90 -9.49
C LEU E 192 -17.17 -40.40 -10.84
N LEU E 193 -17.89 -40.02 -11.89
CA LEU E 193 -17.46 -40.21 -13.27
C LEU E 193 -17.08 -38.85 -13.83
N ILE E 194 -15.85 -38.74 -14.32
CA ILE E 194 -15.26 -37.46 -14.68
C ILE E 194 -14.71 -37.55 -16.10
N THR E 195 -15.25 -36.72 -17.00
CA THR E 195 -14.78 -36.62 -18.37
C THR E 195 -14.07 -35.27 -18.52
N GLN E 196 -12.77 -35.34 -18.82
CA GLN E 196 -11.95 -34.16 -19.05
C GLN E 196 -11.35 -34.24 -20.45
N HIS E 197 -11.57 -33.20 -21.24
CA HIS E 197 -10.97 -33.14 -22.57
C HIS E 197 -9.45 -33.28 -22.44
N MET E 198 -8.91 -34.36 -23.01
CA MET E 198 -7.49 -34.67 -22.87
C MET E 198 -7.08 -35.76 -23.86
N PRO E 199 -5.86 -35.68 -24.40
CA PRO E 199 -5.37 -36.74 -25.30
C PRO E 199 -5.18 -38.04 -24.55
N PRO E 200 -5.14 -39.18 -25.26
CA PRO E 200 -4.87 -40.46 -24.58
C PRO E 200 -3.51 -40.46 -23.89
N GLY E 201 -3.37 -41.30 -22.88
CA GLY E 201 -2.12 -41.31 -22.12
C GLY E 201 -2.01 -40.21 -21.08
N PHE E 202 -2.26 -38.96 -21.47
CA PHE E 202 -2.23 -37.86 -20.51
C PHE E 202 -3.21 -38.11 -19.36
N THR E 203 -4.36 -38.70 -19.67
CA THR E 203 -5.40 -38.85 -18.66
C THR E 203 -5.03 -39.92 -17.63
N LYS E 204 -4.23 -40.91 -18.03
CA LYS E 204 -3.65 -41.83 -17.05
C LYS E 204 -2.72 -41.09 -16.09
N SER E 205 -1.81 -40.28 -16.63
CA SER E 205 -0.95 -39.43 -15.79
C SER E 205 -1.79 -38.51 -14.92
N PHE E 206 -2.85 -37.93 -15.50
CA PHE E 206 -3.77 -37.08 -14.76
C PHE E 206 -4.43 -37.83 -13.61
N ALA E 207 -4.85 -39.07 -13.86
CA ALA E 207 -5.53 -39.85 -12.82
C ALA E 207 -4.57 -40.24 -11.70
N GLU E 208 -3.32 -40.57 -12.03
N GLU E 208 -3.33 -40.61 -12.04
CA GLU E 208 -2.37 -40.97 -10.99
CA GLU E 208 -2.34 -40.96 -11.04
C GLU E 208 -1.91 -39.80 -10.14
C GLU E 208 -2.02 -39.78 -10.13
N ARG E 209 -1.83 -38.61 -10.72
CA ARG E 209 -1.46 -37.43 -9.93
C ARG E 209 -2.57 -37.04 -8.96
N LEU E 210 -3.82 -37.10 -9.40
CA LEU E 210 -4.94 -36.80 -8.50
C LEU E 210 -5.03 -37.85 -7.39
N ASN E 211 -4.76 -39.11 -7.72
CA ASN E 211 -4.84 -40.17 -6.73
C ASN E 211 -3.87 -39.93 -5.58
N LYS E 212 -2.70 -39.36 -5.86
N LYS E 212 -2.70 -39.37 -5.87
CA LYS E 212 -1.73 -39.10 -4.81
CA LYS E 212 -1.72 -39.06 -4.84
C LYS E 212 -2.14 -37.92 -3.92
C LYS E 212 -2.22 -37.98 -3.89
N LEU E 213 -3.02 -37.04 -4.39
CA LEU E 213 -3.43 -35.87 -3.63
C LEU E 213 -4.79 -36.02 -2.97
N CYS E 214 -5.54 -37.09 -3.27
CA CYS E 214 -6.91 -37.25 -2.81
C CYS E 214 -7.04 -38.44 -1.86
N GLN E 215 -7.95 -38.30 -0.90
CA GLN E 215 -8.33 -39.45 -0.07
C GLN E 215 -9.03 -40.51 -0.88
N ILE E 216 -9.96 -40.11 -1.75
CA ILE E 216 -10.65 -41.07 -2.59
C ILE E 216 -9.68 -41.70 -3.58
N THR E 217 -10.04 -42.88 -4.07
CA THR E 217 -9.29 -43.52 -5.14
C THR E 217 -9.67 -42.89 -6.47
N VAL E 218 -8.67 -42.44 -7.22
CA VAL E 218 -8.87 -41.88 -8.55
C VAL E 218 -8.07 -42.71 -9.55
N LYS E 219 -8.72 -43.12 -10.64
CA LYS E 219 -8.11 -43.99 -11.64
C LYS E 219 -8.68 -43.65 -13.00
N GLU E 220 -8.01 -44.13 -14.04
CA GLU E 220 -8.62 -44.10 -15.36
C GLU E 220 -9.71 -45.16 -15.43
N ALA E 221 -10.83 -44.81 -16.06
CA ALA E 221 -11.95 -45.72 -16.19
C ALA E 221 -11.61 -46.88 -17.11
N GLU E 222 -11.92 -48.10 -16.67
CA GLU E 222 -11.67 -49.32 -17.42
C GLU E 222 -13.00 -49.98 -17.77
N ASP E 223 -13.16 -50.36 -19.04
CA ASP E 223 -14.42 -50.85 -19.56
C ASP E 223 -14.92 -52.06 -18.76
N GLY E 224 -16.15 -51.97 -18.25
CA GLY E 224 -16.79 -53.08 -17.58
C GLY E 224 -16.65 -53.13 -16.08
N GLU E 225 -15.76 -52.33 -15.49
CA GLU E 225 -15.53 -52.44 -14.05
C GLU E 225 -16.72 -51.88 -13.26
N ARG E 226 -16.89 -52.38 -12.05
N ARG E 226 -16.90 -52.41 -12.06
CA ARG E 226 -17.95 -51.91 -11.18
CA ARG E 226 -17.92 -51.90 -11.16
C ARG E 226 -17.67 -50.47 -10.74
C ARG E 226 -17.67 -50.43 -10.84
N VAL E 227 -18.74 -49.70 -10.57
CA VAL E 227 -18.66 -48.31 -10.15
C VAL E 227 -18.85 -48.30 -8.64
N LEU E 228 -17.76 -47.99 -7.90
CA LEU E 228 -17.70 -48.12 -6.45
C LEU E 228 -17.72 -46.76 -5.76
N PRO E 229 -18.33 -46.67 -4.58
CA PRO E 229 -18.21 -45.45 -3.77
C PRO E 229 -16.76 -45.20 -3.40
N GLY E 230 -16.47 -43.93 -3.11
CA GLY E 230 -15.11 -43.52 -2.80
C GLY E 230 -14.16 -43.56 -3.98
N HIS E 231 -14.66 -43.67 -5.22
CA HIS E 231 -13.83 -43.78 -6.41
C HIS E 231 -14.20 -42.72 -7.43
N ALA E 232 -13.18 -42.13 -8.05
CA ALA E 232 -13.36 -41.22 -9.17
C ALA E 232 -12.78 -41.87 -10.43
N TYR E 233 -13.60 -41.97 -11.47
CA TYR E 233 -13.22 -42.65 -12.70
C TYR E 233 -13.02 -41.61 -13.80
N ILE E 234 -11.80 -41.51 -14.29
CA ILE E 234 -11.44 -40.50 -15.29
C ILE E 234 -11.58 -41.12 -16.67
N ALA E 235 -12.17 -40.37 -17.59
CA ALA E 235 -12.36 -40.89 -18.93
C ALA E 235 -11.02 -41.05 -19.62
N PRO E 236 -10.80 -42.15 -20.33
CA PRO E 236 -9.59 -42.27 -21.15
C PRO E 236 -9.63 -41.30 -22.32
N GLY E 237 -8.44 -40.88 -22.75
CA GLY E 237 -8.31 -39.82 -23.75
C GLY E 237 -8.88 -40.14 -25.11
N ALA E 238 -8.98 -41.42 -25.46
CA ALA E 238 -9.40 -41.80 -26.81
C ALA E 238 -10.78 -42.44 -26.85
N ARG E 239 -11.48 -42.52 -25.72
CA ARG E 239 -12.73 -43.27 -25.64
C ARG E 239 -13.76 -42.47 -24.85
N HIS E 240 -15.02 -42.59 -25.27
CA HIS E 240 -16.12 -42.01 -24.52
C HIS E 240 -16.32 -42.79 -23.22
N LEU E 241 -16.53 -42.06 -22.12
CA LEU E 241 -16.88 -42.67 -20.85
C LEU E 241 -18.40 -42.62 -20.66
N GLU E 242 -18.99 -43.76 -20.34
CA GLU E 242 -20.43 -43.85 -20.16
C GLU E 242 -20.78 -44.64 -18.90
N LEU E 243 -21.88 -44.23 -18.26
CA LEU E 243 -22.51 -45.05 -17.25
C LEU E 243 -23.31 -46.17 -17.92
N ALA E 244 -23.25 -47.35 -17.32
CA ALA E 244 -24.03 -48.49 -17.78
C ALA E 244 -24.53 -49.27 -16.58
N ARG E 245 -25.50 -50.15 -16.82
CA ARG E 245 -26.10 -50.92 -15.74
C ARG E 245 -26.46 -52.30 -16.26
N SER E 246 -25.75 -53.33 -15.79
CA SER E 246 -26.15 -54.71 -15.97
C SER E 246 -26.75 -55.19 -14.66
N GLY E 247 -28.05 -55.49 -14.68
CA GLY E 247 -28.73 -55.87 -13.46
C GLY E 247 -28.88 -54.68 -12.54
N ALA E 248 -28.45 -54.86 -11.29
CA ALA E 248 -28.64 -53.85 -10.27
C ALA E 248 -27.45 -52.93 -10.10
N ASN E 249 -26.30 -53.28 -10.65
CA ASN E 249 -25.04 -52.60 -10.33
C ASN E 249 -24.56 -51.74 -11.48
N TYR E 250 -24.03 -50.57 -11.14
CA TYR E 250 -23.43 -49.68 -12.13
C TYR E 250 -22.14 -50.27 -12.68
N GLN E 251 -21.85 -49.93 -13.94
CA GLN E 251 -20.61 -50.34 -14.58
C GLN E 251 -20.01 -49.17 -15.35
N VAL E 252 -18.72 -49.27 -15.60
CA VAL E 252 -18.04 -48.38 -16.54
C VAL E 252 -18.24 -48.95 -17.94
N ARG E 253 -18.63 -48.09 -18.89
N ARG E 253 -18.65 -48.10 -18.87
CA ARG E 253 -18.70 -48.46 -20.29
CA ARG E 253 -18.71 -48.43 -20.29
C ARG E 253 -17.86 -47.49 -21.10
C ARG E 253 -17.80 -47.47 -21.04
N LEU E 254 -16.92 -48.02 -21.86
CA LEU E 254 -16.06 -47.23 -22.73
C LEU E 254 -16.52 -47.40 -24.16
N ASN E 255 -16.78 -46.28 -24.83
CA ASN E 255 -17.35 -46.26 -26.17
C ASN E 255 -16.29 -45.80 -27.16
N ASP E 256 -15.99 -46.64 -28.15
CA ASP E 256 -15.04 -46.32 -29.20
C ASP E 256 -15.71 -45.71 -30.42
N GLY E 257 -16.96 -45.26 -30.28
CA GLY E 257 -17.66 -44.62 -31.35
C GLY E 257 -17.02 -43.29 -31.75
N PRO E 258 -17.58 -42.65 -32.77
CA PRO E 258 -16.98 -41.42 -33.29
C PRO E 258 -17.10 -40.29 -32.29
N PRO E 259 -16.24 -39.27 -32.41
CA PRO E 259 -16.41 -38.08 -31.58
C PRO E 259 -17.67 -37.32 -31.99
N VAL E 260 -18.31 -36.71 -31.00
CA VAL E 260 -19.40 -35.78 -31.21
C VAL E 260 -18.88 -34.38 -30.97
N ASN E 261 -19.21 -33.47 -31.90
N ASN E 261 -19.36 -33.42 -31.79
CA ASN E 261 -18.63 -32.12 -31.97
CA ASN E 261 -18.80 -32.09 -31.98
C ASN E 261 -17.11 -32.16 -31.73
C ASN E 261 -17.31 -32.05 -31.67
N ARG E 262 -16.45 -33.10 -32.40
N ARG E 262 -16.56 -32.95 -32.31
CA ARG E 262 -15.00 -33.26 -32.36
CA ARG E 262 -15.09 -32.99 -32.26
C ARG E 262 -14.47 -33.53 -30.94
C ARG E 262 -14.56 -33.31 -30.85
N HIS E 263 -15.30 -34.11 -30.08
CA HIS E 263 -14.93 -34.38 -28.69
C HIS E 263 -14.98 -35.88 -28.39
N ARG E 264 -13.87 -36.40 -27.86
CA ARG E 264 -13.75 -37.79 -27.42
C ARG E 264 -12.61 -37.85 -26.41
N PRO E 265 -12.90 -38.02 -25.12
CA PRO E 265 -14.22 -38.21 -24.52
C PRO E 265 -15.19 -37.02 -24.57
N SER E 266 -16.48 -37.32 -24.61
CA SER E 266 -17.55 -36.32 -24.68
C SER E 266 -18.26 -36.17 -23.35
N VAL E 267 -18.30 -34.93 -22.84
CA VAL E 267 -19.06 -34.66 -21.63
C VAL E 267 -20.55 -34.91 -21.86
N ASP E 268 -21.06 -34.62 -23.06
CA ASP E 268 -22.47 -34.84 -23.38
C ASP E 268 -22.84 -36.30 -23.22
N VAL E 269 -22.03 -37.21 -23.78
CA VAL E 269 -22.36 -38.62 -23.76
C VAL E 269 -22.31 -39.17 -22.33
N LEU E 270 -21.35 -38.69 -21.53
CA LEU E 270 -21.32 -39.07 -20.12
C LEU E 270 -22.56 -38.57 -19.39
N PHE E 271 -22.91 -37.31 -19.61
CA PHE E 271 -24.08 -36.72 -18.95
C PHE E 271 -25.36 -37.43 -19.36
N ARG E 272 -25.49 -37.79 -20.65
CA ARG E 272 -26.69 -38.50 -21.11
C ARG E 272 -26.79 -39.88 -20.48
N SER E 273 -25.68 -40.62 -20.45
CA SER E 273 -25.70 -41.98 -19.90
C SER E 273 -26.01 -41.98 -18.40
N VAL E 274 -25.49 -40.99 -17.65
CA VAL E 274 -25.82 -40.92 -16.24
C VAL E 274 -27.28 -40.52 -16.06
N ALA E 275 -27.77 -39.57 -16.87
CA ALA E 275 -29.19 -39.23 -16.87
C ALA E 275 -30.05 -40.45 -17.11
N GLN E 276 -29.60 -41.37 -17.97
CA GLN E 276 -30.38 -42.55 -18.32
C GLN E 276 -30.33 -43.63 -17.24
N TYR E 277 -29.17 -43.83 -16.61
CA TYR E 277 -28.99 -44.96 -15.70
C TYR E 277 -28.98 -44.59 -14.23
N ALA E 278 -28.61 -43.37 -13.88
CA ALA E 278 -28.73 -42.91 -12.49
C ALA E 278 -29.95 -42.04 -12.26
N GLY E 279 -30.22 -41.10 -13.17
CA GLY E 279 -31.44 -40.30 -13.09
C GLY E 279 -31.44 -39.37 -11.89
N ARG E 280 -32.50 -39.48 -11.08
N ARG E 280 -32.50 -39.47 -11.08
CA ARG E 280 -32.67 -38.60 -9.93
CA ARG E 280 -32.67 -38.59 -9.93
C ARG E 280 -31.63 -38.85 -8.85
C ARG E 280 -31.71 -38.92 -8.78
N ASN E 281 -30.94 -39.99 -8.88
CA ASN E 281 -29.91 -40.30 -7.90
C ASN E 281 -28.55 -39.71 -8.25
N ALA E 282 -28.50 -38.79 -9.20
CA ALA E 282 -27.25 -38.27 -9.73
C ALA E 282 -27.14 -36.78 -9.48
N VAL E 283 -25.91 -36.29 -9.43
CA VAL E 283 -25.61 -34.86 -9.47
C VAL E 283 -24.66 -34.61 -10.62
N GLY E 284 -25.00 -33.65 -11.48
CA GLY E 284 -24.14 -33.27 -12.59
C GLY E 284 -23.42 -31.96 -12.29
N VAL E 285 -22.15 -31.91 -12.68
CA VAL E 285 -21.31 -30.73 -12.49
C VAL E 285 -20.60 -30.43 -13.80
N ILE E 286 -20.76 -29.21 -14.31
CA ILE E 286 -20.05 -28.74 -15.48
C ILE E 286 -19.09 -27.64 -15.05
N LEU E 287 -17.84 -27.75 -15.44
CA LEU E 287 -16.77 -26.86 -14.98
C LEU E 287 -16.19 -26.08 -16.17
N THR E 288 -15.14 -25.31 -15.87
CA THR E 288 -14.50 -24.43 -16.84
C THR E 288 -14.10 -25.17 -18.11
N GLY E 289 -14.24 -24.49 -19.25
CA GLY E 289 -13.81 -25.02 -20.53
C GLY E 289 -14.39 -24.24 -21.70
N MET E 290 -13.73 -24.39 -22.85
CA MET E 290 -14.23 -23.79 -24.08
C MET E 290 -15.30 -24.67 -24.72
N GLY E 291 -16.21 -24.03 -25.43
CA GLY E 291 -17.18 -24.75 -26.23
C GLY E 291 -18.48 -25.02 -25.49
N ASN E 292 -19.25 -25.93 -26.07
CA ASN E 292 -20.58 -26.25 -25.55
C ASN E 292 -20.75 -27.73 -25.21
N ASP E 293 -19.65 -28.49 -25.15
CA ASP E 293 -19.74 -29.89 -24.78
C ASP E 293 -20.20 -30.02 -23.34
N GLY E 294 -21.29 -30.77 -23.14
CA GLY E 294 -21.89 -30.95 -21.85
C GLY E 294 -23.22 -30.24 -21.68
N ALA E 295 -23.50 -29.22 -22.50
CA ALA E 295 -24.70 -28.42 -22.31
C ALA E 295 -25.95 -29.22 -22.59
N ALA E 296 -26.00 -29.90 -23.74
CA ALA E 296 -27.19 -30.68 -24.07
C ALA E 296 -27.32 -31.89 -23.16
N GLY E 297 -26.18 -32.49 -22.78
CA GLY E 297 -26.21 -33.58 -21.82
C GLY E 297 -26.72 -33.17 -20.45
N MET E 298 -26.27 -32.01 -19.96
CA MET E 298 -26.76 -31.53 -18.66
C MET E 298 -28.27 -31.27 -18.70
N LEU E 299 -28.81 -30.90 -19.85
CA LEU E 299 -30.26 -30.72 -19.96
C LEU E 299 -31.00 -32.05 -19.89
N GLU E 300 -30.44 -33.11 -20.50
CA GLU E 300 -31.04 -34.43 -20.32
C GLU E 300 -30.88 -34.90 -18.89
N LEU E 301 -29.78 -34.55 -18.23
CA LEU E 301 -29.68 -34.78 -16.79
C LEU E 301 -30.76 -34.01 -16.03
N HIS E 302 -30.98 -32.74 -16.40
CA HIS E 302 -31.99 -31.93 -15.73
C HIS E 302 -33.39 -32.49 -15.92
N GLN E 303 -33.70 -32.95 -17.14
CA GLN E 303 -35.02 -33.51 -17.40
C GLN E 303 -35.21 -34.88 -16.76
N ALA E 304 -34.14 -35.51 -16.29
CA ALA E 304 -34.22 -36.81 -15.63
C ALA E 304 -34.31 -36.69 -14.11
N GLY E 305 -34.20 -35.47 -13.56
CA GLY E 305 -34.41 -35.25 -12.15
C GLY E 305 -33.14 -35.11 -11.32
N ALA E 306 -31.97 -35.23 -11.93
CA ALA E 306 -30.71 -35.00 -11.23
C ALA E 306 -30.50 -33.52 -10.97
N TYR E 307 -29.85 -33.22 -9.85
CA TYR E 307 -29.47 -31.85 -9.52
C TYR E 307 -28.20 -31.49 -10.30
N THR E 308 -28.17 -30.28 -10.87
CA THR E 308 -27.10 -29.85 -11.75
C THR E 308 -26.46 -28.56 -11.28
N LEU E 309 -25.12 -28.52 -11.32
CA LEU E 309 -24.33 -27.38 -10.87
C LEU E 309 -23.38 -26.94 -11.99
N ALA E 310 -23.16 -25.64 -12.08
CA ALA E 310 -22.24 -25.06 -13.05
C ALA E 310 -21.28 -24.11 -12.36
N GLN E 311 -20.01 -24.18 -12.77
CA GLN E 311 -19.00 -23.30 -12.20
C GLN E 311 -19.24 -21.87 -12.66
N ASN E 312 -19.06 -20.92 -11.73
CA ASN E 312 -19.41 -19.53 -12.03
C ASN E 312 -18.30 -18.85 -12.84
N GLU E 313 -18.65 -17.69 -13.40
CA GLU E 313 -17.74 -16.99 -14.29
C GLU E 313 -16.49 -16.49 -13.56
N ALA E 314 -16.65 -16.05 -12.31
CA ALA E 314 -15.53 -15.45 -11.59
C ALA E 314 -14.39 -16.44 -11.38
N SER E 315 -14.69 -17.72 -11.15
CA SER E 315 -13.68 -18.73 -10.89
C SER E 315 -13.25 -19.52 -12.12
N CYS E 316 -13.91 -19.34 -13.26
CA CYS E 316 -13.56 -20.08 -14.47
C CYS E 316 -12.36 -19.47 -15.18
N VAL E 317 -11.48 -20.34 -15.68
CA VAL E 317 -10.47 -19.88 -16.62
C VAL E 317 -11.13 -19.55 -17.96
N VAL E 318 -12.07 -20.38 -18.39
CA VAL E 318 -12.90 -20.14 -19.57
C VAL E 318 -14.34 -20.40 -19.17
N PHE E 319 -15.19 -19.38 -19.30
CA PHE E 319 -16.61 -19.50 -18.97
C PHE E 319 -17.43 -19.81 -20.24
N GLY E 320 -17.08 -20.93 -20.86
CA GLY E 320 -17.74 -21.35 -22.08
C GLY E 320 -18.71 -22.49 -21.84
N MET E 321 -18.17 -23.65 -21.43
CA MET E 321 -19.03 -24.80 -21.14
C MET E 321 -20.05 -24.52 -20.05
N PRO E 322 -19.70 -23.93 -18.90
CA PRO E 322 -20.76 -23.58 -17.93
C PRO E 322 -21.79 -22.62 -18.51
N ARG E 323 -21.35 -21.60 -19.25
CA ARG E 323 -22.27 -20.64 -19.84
C ARG E 323 -23.27 -21.34 -20.77
N GLU E 324 -22.77 -22.22 -21.64
CA GLU E 324 -23.65 -22.93 -22.57
C GLU E 324 -24.62 -23.83 -21.83
N ALA E 325 -24.17 -24.49 -20.75
CA ALA E 325 -25.07 -25.31 -19.95
C ALA E 325 -26.15 -24.45 -19.28
N ILE E 326 -25.80 -23.25 -18.85
CA ILE E 326 -26.79 -22.35 -18.25
C ILE E 326 -27.76 -21.87 -19.30
N ALA E 327 -27.26 -21.53 -20.50
CA ALA E 327 -28.10 -21.01 -21.56
C ALA E 327 -29.18 -22.00 -21.98
N MET E 328 -28.83 -23.28 -22.05
CA MET E 328 -29.81 -24.29 -22.48
C MET E 328 -30.84 -24.61 -21.41
N GLY E 329 -30.71 -24.07 -20.21
CA GLY E 329 -31.74 -24.19 -19.20
C GLY E 329 -31.70 -25.45 -18.36
N GLY E 330 -30.57 -26.15 -18.31
CA GLY E 330 -30.46 -27.36 -17.52
C GLY E 330 -29.68 -27.24 -16.24
N VAL E 331 -29.41 -26.02 -15.77
CA VAL E 331 -28.57 -25.78 -14.60
C VAL E 331 -29.44 -25.34 -13.44
N ASP E 332 -29.38 -26.08 -12.33
CA ASP E 332 -30.13 -25.71 -11.13
C ASP E 332 -29.48 -24.54 -10.39
N GLU E 333 -28.15 -24.52 -10.33
CA GLU E 333 -27.46 -23.62 -9.41
C GLU E 333 -26.05 -23.36 -9.92
N VAL E 334 -25.66 -22.08 -9.95
CA VAL E 334 -24.32 -21.66 -10.34
C VAL E 334 -23.53 -21.36 -9.07
N VAL E 335 -22.28 -21.84 -9.01
CA VAL E 335 -21.55 -21.89 -7.75
C VAL E 335 -20.07 -21.68 -8.04
N ASP E 336 -19.40 -20.96 -7.13
CA ASP E 336 -17.96 -20.78 -7.22
C ASP E 336 -17.25 -22.12 -7.05
N LEU E 337 -16.11 -22.25 -7.74
CA LEU E 337 -15.41 -23.53 -7.81
C LEU E 337 -15.13 -24.11 -6.43
N HIS E 338 -14.77 -23.26 -5.47
CA HIS E 338 -14.38 -23.73 -4.15
C HIS E 338 -15.57 -24.08 -3.25
N GLN E 339 -16.79 -23.85 -3.71
CA GLN E 339 -17.97 -24.33 -3.01
C GLN E 339 -18.62 -25.53 -3.70
N VAL E 340 -18.04 -26.04 -4.79
CA VAL E 340 -18.69 -27.08 -5.58
C VAL E 340 -18.81 -28.38 -4.77
N SER E 341 -17.70 -28.82 -4.16
CA SER E 341 -17.69 -30.07 -3.39
C SER E 341 -18.67 -30.05 -2.25
N GLN E 342 -18.72 -28.94 -1.51
CA GLN E 342 -19.68 -28.84 -0.42
C GLN E 342 -21.12 -28.89 -0.92
N ARG E 343 -21.41 -28.18 -2.02
CA ARG E 343 -22.80 -28.12 -2.49
C ARG E 343 -23.23 -29.43 -3.12
N MET E 344 -22.34 -30.11 -3.84
CA MET E 344 -22.73 -31.37 -4.46
C MET E 344 -22.90 -32.48 -3.42
N LEU E 345 -22.05 -32.47 -2.38
CA LEU E 345 -22.18 -33.48 -1.33
C LEU E 345 -23.42 -33.23 -0.48
N ALA E 346 -23.70 -31.96 -0.15
CA ALA E 346 -24.88 -31.63 0.62
C ALA E 346 -26.16 -32.00 -0.13
N GLN E 347 -26.16 -31.81 -1.46
CA GLN E 347 -27.36 -32.07 -2.24
C GLN E 347 -27.61 -33.57 -2.39
N ILE E 348 -26.57 -34.34 -2.71
CA ILE E 348 -26.75 -35.77 -2.90
C ILE E 348 -26.98 -36.48 -1.57
N SER E 349 -26.58 -35.88 -0.44
CA SER E 349 -26.83 -36.50 0.85
C SER E 349 -28.27 -36.31 1.31
N ALA E 350 -28.89 -35.17 0.99
CA ALA E 350 -30.26 -34.90 1.41
C ALA E 350 -31.27 -35.58 0.50
#